data_6N6Q
#
_entry.id   6N6Q
#
_cell.length_a   119.899
_cell.length_b   174.090
_cell.length_c   203.469
_cell.angle_alpha   90.000
_cell.angle_beta   90.000
_cell.angle_gamma   90.000
#
_symmetry.space_group_name_H-M   'I 2 2 2'
#
loop_
_entity.id
_entity.type
_entity.pdbx_description
1 polymer 'Cytochrome P450 (CYP102L1)'
2 non-polymer 'PROTOPORPHYRIN IX CONTAINING FE'
3 non-polymer 'CACODYLATE ION'
4 water water
#
_entity_poly.entity_id   1
_entity_poly.type   'polypeptide(L)'
_entity_poly.pdbx_seq_one_letter_code
;MTDTGTGVHTPQPLPHPRGRLPVLRDLLSVDFATPVQGLTREGRRHDGIFEQCIGDFRVVVVDGPELIEEINNPQLWEKN
VGPTLHKLRSVAGDGMFTAYNSEENWRKAHEILTPAFTKEAMSTYHQRIAATVRELIDAWNTRAQNNSWIDIPAETNRLT
IEIISRAGFDYQFNNLADHSENPFITAVLRELQYANRRTDSIPFYEQFLGGRRRRLHAADKKFIRAEVDKIIDVRRINPR
VGQSPDMLDIMLTAADPVTGDKLDNNNIGNQILTFLVAGSETSANAIAFALHFLATTPDVAAQARAEVDAMWPGRTFPDF
QFDQIAKLRYLRLVIDEALRLWPVAPGYFRQAKQDTTIGEGRYAFKKNDWVFVNLHAAHTHRSWGPDAAEFKPERMSTEN
RRKLGPHIYKPFGVGERACIGRQFAQHEMVIALAAILHQFELEPRPGYELKVSETLTLKPSDLQLRLRNRV
;
_entity_poly.pdbx_strand_id   A,B,C,D
#
# COMPACT_ATOMS: atom_id res chain seq x y z
N ASP A 26 -3.55 24.48 3.15
CA ASP A 26 -3.65 25.07 4.48
C ASP A 26 -2.51 24.60 5.36
N LEU A 27 -1.72 25.56 5.84
CA LEU A 27 -0.59 25.29 6.73
C LEU A 27 -0.93 25.78 8.14
N LEU A 28 -0.52 24.99 9.13
CA LEU A 28 -0.85 25.26 10.53
C LEU A 28 0.41 25.16 11.37
N SER A 29 0.57 26.09 12.30
CA SER A 29 1.62 26.04 13.30
C SER A 29 1.00 25.59 14.63
N VAL A 30 1.39 24.40 15.08
CA VAL A 30 0.87 23.81 16.32
C VAL A 30 2.00 23.69 17.31
N ASP A 31 1.72 24.03 18.56
CA ASP A 31 2.67 23.87 19.67
C ASP A 31 2.33 22.59 20.41
N PHE A 32 3.24 21.62 20.37
CA PHE A 32 3.05 20.33 21.03
C PHE A 32 3.75 20.27 22.39
N ALA A 33 3.95 21.41 23.04
CA ALA A 33 4.43 21.41 24.41
C ALA A 33 3.50 20.61 25.31
N THR A 34 2.19 20.86 25.18
CA THR A 34 1.18 19.96 25.71
C THR A 34 0.80 19.00 24.58
N PRO A 35 1.20 17.73 24.64
CA PRO A 35 1.05 16.86 23.46
C PRO A 35 -0.39 16.61 23.04
N VAL A 36 -1.25 16.16 23.97
CA VAL A 36 -2.61 15.78 23.60
C VAL A 36 -3.41 17.01 23.19
N GLN A 37 -3.24 18.12 23.89
CA GLN A 37 -3.92 19.35 23.50
C GLN A 37 -3.42 19.85 22.14
N GLY A 38 -2.16 19.57 21.79
CA GLY A 38 -1.65 19.94 20.48
C GLY A 38 -2.17 19.03 19.39
N LEU A 39 -2.31 17.74 19.69
CA LEU A 39 -2.86 16.81 18.71
C LEU A 39 -4.33 17.11 18.42
N THR A 40 -5.08 17.57 19.42
CA THR A 40 -6.48 17.92 19.20
C THR A 40 -6.62 19.10 18.25
N ARG A 41 -5.81 20.14 18.46
CA ARG A 41 -5.82 21.27 17.52
C ARG A 41 -5.35 20.83 16.14
N GLU A 42 -4.34 19.95 16.10
CA GLU A 42 -3.87 19.41 14.83
C GLU A 42 -4.94 18.56 14.15
N GLY A 43 -5.77 17.86 14.92
CA GLY A 43 -6.76 16.97 14.35
C GLY A 43 -7.89 17.68 13.62
N ARG A 44 -8.12 18.96 13.90
CA ARG A 44 -9.22 19.67 13.28
C ARG A 44 -8.94 20.05 11.83
N ARG A 45 -7.71 19.93 11.36
CA ARG A 45 -7.38 20.13 9.96
C ARG A 45 -7.34 18.82 9.19
N HIS A 46 -7.68 17.71 9.84
CA HIS A 46 -7.76 16.40 9.22
C HIS A 46 -9.17 15.84 9.37
N ASP A 47 -9.39 14.64 8.85
CA ASP A 47 -10.71 14.02 8.80
C ASP A 47 -10.82 12.82 9.72
N GLY A 48 -10.20 12.89 10.90
CA GLY A 48 -10.35 11.86 11.91
C GLY A 48 -9.15 10.95 12.11
N ILE A 49 -8.11 11.08 11.28
CA ILE A 49 -6.92 10.25 11.44
C ILE A 49 -5.79 10.91 10.66
N PHE A 50 -4.57 10.78 11.18
CA PHE A 50 -3.41 11.47 10.64
C PHE A 50 -2.16 10.96 11.35
N GLU A 51 -1.01 11.51 10.96
CA GLU A 51 0.28 11.23 11.61
C GLU A 51 0.82 12.50 12.23
N GLN A 52 1.67 12.33 13.24
CA GLN A 52 2.29 13.47 13.89
C GLN A 52 3.50 13.00 14.71
N CYS A 53 4.59 13.75 14.62
CA CYS A 53 5.76 13.55 15.46
C CYS A 53 5.63 14.47 16.67
N ILE A 54 5.47 13.87 17.86
CA ILE A 54 5.32 14.64 19.09
C ILE A 54 6.62 14.70 19.89
N GLY A 55 7.28 13.56 20.06
CA GLY A 55 8.54 13.53 20.76
C GLY A 55 9.52 12.55 20.17
N ASP A 56 9.59 11.35 20.75
CA ASP A 56 10.49 10.31 20.30
C ASP A 56 9.86 9.38 19.29
N PHE A 57 8.66 9.69 18.79
CA PHE A 57 7.98 8.79 17.88
C PHE A 57 6.94 9.55 17.08
N ARG A 58 6.61 8.99 15.92
CA ARG A 58 5.45 9.41 15.15
C ARG A 58 4.30 8.44 15.44
N VAL A 59 3.11 8.99 15.66
CA VAL A 59 1.96 8.20 16.05
C VAL A 59 0.81 8.48 15.11
N VAL A 60 0.08 7.42 14.75
CA VAL A 60 -1.18 7.56 14.03
C VAL A 60 -2.26 7.92 15.05
N VAL A 61 -2.74 9.16 14.99
CA VAL A 61 -3.74 9.67 15.92
C VAL A 61 -5.12 9.49 15.30
N VAL A 62 -6.03 8.90 16.06
CA VAL A 62 -7.42 8.72 15.64
C VAL A 62 -8.30 9.53 16.58
N ASP A 63 -9.07 10.46 16.02
CA ASP A 63 -9.96 11.30 16.81
C ASP A 63 -11.35 11.42 16.19
N GLY A 64 -11.69 10.59 15.21
CA GLY A 64 -12.98 10.63 14.59
C GLY A 64 -13.94 9.60 15.15
N PRO A 65 -15.22 9.96 15.28
CA PRO A 65 -16.16 9.05 15.95
C PRO A 65 -16.31 7.69 15.26
N GLU A 66 -16.53 7.67 13.95
CA GLU A 66 -16.71 6.39 13.26
C GLU A 66 -15.40 5.60 13.23
N LEU A 67 -14.26 6.29 13.09
CA LEU A 67 -12.99 5.59 13.04
C LEU A 67 -12.62 4.99 14.40
N ILE A 68 -12.87 5.74 15.49
CA ILE A 68 -12.48 5.28 16.81
C ILE A 68 -13.25 4.02 17.20
N GLU A 69 -14.56 3.99 16.94
CA GLU A 69 -15.34 2.82 17.31
C GLU A 69 -14.94 1.58 16.52
N GLU A 70 -14.37 1.75 15.32
CA GLU A 70 -13.76 0.63 14.64
C GLU A 70 -12.48 0.19 15.35
N ILE A 71 -11.70 1.15 15.85
CA ILE A 71 -10.49 0.83 16.60
C ILE A 71 -10.84 0.13 17.90
N ASN A 72 -11.97 0.48 18.51
CA ASN A 72 -12.41 -0.15 19.76
C ASN A 72 -13.09 -1.49 19.55
N ASN A 73 -12.97 -2.10 18.37
CA ASN A 73 -13.58 -3.40 18.13
C ASN A 73 -12.73 -4.50 18.76
N PRO A 74 -13.29 -5.30 19.67
CA PRO A 74 -12.46 -6.29 20.38
C PRO A 74 -12.01 -7.45 19.52
N GLN A 75 -12.68 -7.76 18.41
CA GLN A 75 -12.28 -8.89 17.59
C GLN A 75 -11.06 -8.56 16.74
N LEU A 76 -10.93 -7.32 16.26
CA LEU A 76 -9.84 -6.93 15.38
C LEU A 76 -8.70 -6.21 16.08
N TRP A 77 -8.98 -5.42 17.10
CA TRP A 77 -7.97 -4.64 17.79
C TRP A 77 -7.91 -5.02 19.26
N GLU A 78 -6.80 -4.63 19.90
CA GLU A 78 -6.58 -4.93 21.31
C GLU A 78 -5.66 -3.85 21.88
N LYS A 79 -5.41 -3.94 23.18
CA LYS A 79 -4.61 -2.93 23.86
C LYS A 79 -3.16 -2.97 23.39
N ASN A 80 -2.60 -1.79 23.13
CA ASN A 80 -1.18 -1.63 22.84
C ASN A 80 -0.50 -0.95 24.01
N VAL A 81 0.55 -1.57 24.54
CA VAL A 81 1.38 -0.92 25.55
C VAL A 81 2.11 0.22 24.87
N GLY A 82 1.59 1.44 25.02
CA GLY A 82 2.13 2.59 24.36
C GLY A 82 3.51 2.94 24.87
N PRO A 83 4.12 3.96 24.24
CA PRO A 83 5.49 4.35 24.64
C PRO A 83 5.63 4.67 26.12
N THR A 84 4.80 5.58 26.64
CA THR A 84 4.90 5.94 28.05
C THR A 84 4.60 4.76 28.96
N LEU A 85 3.61 3.94 28.59
CA LEU A 85 3.34 2.73 29.37
C LEU A 85 4.56 1.82 29.39
N HIS A 86 5.26 1.71 28.26
CA HIS A 86 6.48 0.91 28.23
C HIS A 86 7.54 1.49 29.16
N LYS A 87 7.59 2.83 29.27
CA LYS A 87 8.57 3.45 30.14
C LYS A 87 8.19 3.29 31.61
N LEU A 88 6.90 3.14 31.90
CA LEU A 88 6.45 2.92 33.27
C LEU A 88 6.72 1.49 33.76
N ARG A 89 7.14 0.59 32.88
CA ARG A 89 7.51 -0.76 33.31
C ARG A 89 8.73 -0.75 34.23
N SER A 90 9.55 0.30 34.16
CA SER A 90 10.67 0.43 35.10
C SER A 90 10.19 0.63 36.52
N VAL A 91 8.94 1.06 36.72
CA VAL A 91 8.37 1.27 38.03
C VAL A 91 7.36 0.16 38.39
N ALA A 92 6.36 -0.03 37.54
CA ALA A 92 5.27 -0.96 37.82
C ALA A 92 5.49 -2.36 37.24
N GLY A 93 6.57 -2.57 36.49
CA GLY A 93 6.90 -3.89 35.98
C GLY A 93 5.78 -4.49 35.16
N ASP A 94 5.47 -5.75 35.44
CA ASP A 94 4.38 -6.45 34.74
C ASP A 94 3.07 -6.37 35.51
N GLY A 95 2.78 -5.22 36.13
CA GLY A 95 1.49 -4.99 36.73
C GLY A 95 0.40 -4.90 35.69
N MET A 96 -0.85 -4.95 36.16
CA MET A 96 -2.00 -4.99 35.26
C MET A 96 -2.00 -3.83 34.28
N PHE A 97 -1.42 -2.69 34.65
CA PHE A 97 -1.51 -1.51 33.81
C PHE A 97 -0.43 -1.50 32.73
N THR A 98 0.77 -2.01 33.05
CA THR A 98 1.89 -1.93 32.14
C THR A 98 2.29 -3.29 31.55
N ALA A 99 1.58 -4.36 31.87
CA ALA A 99 1.92 -5.67 31.34
C ALA A 99 1.48 -5.81 29.89
N TYR A 100 2.25 -6.58 29.13
CA TYR A 100 1.84 -6.90 27.77
C TYR A 100 0.68 -7.89 27.79
N ASN A 101 -0.04 -7.97 26.67
CA ASN A 101 -1.17 -8.89 26.58
C ASN A 101 -0.71 -10.34 26.68
N SER A 102 0.48 -10.65 26.15
CA SER A 102 0.96 -12.03 26.14
C SER A 102 1.51 -12.49 27.49
N GLU A 103 1.92 -11.55 28.35
CA GLU A 103 2.48 -11.94 29.64
C GLU A 103 1.44 -12.64 30.49
N GLU A 104 1.82 -13.83 31.00
CA GLU A 104 0.90 -14.63 31.80
C GLU A 104 0.44 -13.91 33.06
N ASN A 105 1.20 -12.93 33.53
CA ASN A 105 0.82 -12.20 34.74
C ASN A 105 -0.30 -11.20 34.53
N TRP A 106 -0.61 -10.83 33.28
CA TRP A 106 -1.77 -9.97 33.11
C TRP A 106 -3.07 -10.76 33.25
N ARG A 107 -3.16 -11.93 32.62
CA ARG A 107 -4.39 -12.70 32.67
C ARG A 107 -4.63 -13.26 34.07
N LYS A 108 -3.57 -13.75 34.72
CA LYS A 108 -3.70 -14.24 36.09
C LYS A 108 -4.23 -13.16 37.01
N ALA A 109 -3.53 -12.01 37.06
CA ALA A 109 -3.96 -10.93 37.93
C ALA A 109 -5.36 -10.44 37.58
N HIS A 110 -5.69 -10.39 36.28
CA HIS A 110 -6.99 -9.87 35.87
C HIS A 110 -8.12 -10.77 36.35
N GLU A 111 -7.94 -12.09 36.26
CA GLU A 111 -8.98 -13.01 36.74
C GLU A 111 -8.94 -13.20 38.25
N ILE A 112 -7.93 -12.68 38.93
CA ILE A 112 -7.83 -12.78 40.38
C ILE A 112 -8.38 -11.53 41.07
N LEU A 113 -8.12 -10.36 40.49
CA LEU A 113 -8.48 -9.09 41.12
C LEU A 113 -9.83 -8.55 40.66
N THR A 114 -10.44 -9.15 39.64
CA THR A 114 -11.77 -8.69 39.23
C THR A 114 -12.81 -8.75 40.34
N PRO A 115 -12.91 -9.81 41.16
CA PRO A 115 -13.90 -9.79 42.25
C PRO A 115 -13.62 -8.72 43.30
N ALA A 116 -12.40 -8.19 43.35
CA ALA A 116 -12.05 -7.15 44.32
C ALA A 116 -12.41 -5.75 43.85
N PHE A 117 -13.00 -5.62 42.65
CA PHE A 117 -13.32 -4.32 42.09
C PHE A 117 -14.77 -4.21 41.62
N THR A 118 -15.61 -5.17 41.97
CA THR A 118 -17.01 -5.13 41.58
C THR A 118 -17.79 -4.19 42.51
N LYS A 119 -19.08 -4.01 42.17
CA LYS A 119 -19.96 -3.19 43.02
C LYS A 119 -20.10 -3.81 44.39
N GLU A 120 -20.20 -5.14 44.45
CA GLU A 120 -20.24 -5.84 45.73
C GLU A 120 -19.00 -5.55 46.56
N ALA A 121 -17.82 -5.60 45.92
CA ALA A 121 -16.58 -5.34 46.64
C ALA A 121 -16.48 -3.89 47.11
N MET A 122 -17.16 -2.97 46.42
CA MET A 122 -17.11 -1.57 46.81
C MET A 122 -17.76 -1.34 48.17
N SER A 123 -18.84 -2.07 48.46
CA SER A 123 -19.50 -1.91 49.75
C SER A 123 -18.59 -2.30 50.90
N THR A 124 -17.68 -3.25 50.67
CA THR A 124 -16.70 -3.60 51.69
C THR A 124 -15.76 -2.44 51.99
N TYR A 125 -15.46 -1.61 50.99
CA TYR A 125 -14.54 -0.51 51.17
C TYR A 125 -15.21 0.79 51.61
N HIS A 126 -16.54 0.87 51.48
CA HIS A 126 -17.24 2.15 51.62
C HIS A 126 -16.93 2.84 52.94
N GLN A 127 -16.97 2.08 54.04
CA GLN A 127 -16.71 2.66 55.35
C GLN A 127 -15.33 3.29 55.42
N ARG A 128 -14.31 2.58 54.93
CA ARG A 128 -12.95 3.10 54.98
C ARG A 128 -12.77 4.30 54.05
N ILE A 129 -13.40 4.25 52.88
CA ILE A 129 -13.36 5.39 51.96
C ILE A 129 -13.97 6.62 52.62
N ALA A 130 -15.18 6.48 53.16
CA ALA A 130 -15.87 7.61 53.76
C ALA A 130 -15.12 8.14 54.98
N ALA A 131 -14.51 7.24 55.76
CA ALA A 131 -13.71 7.68 56.89
C ALA A 131 -12.50 8.49 56.46
N THR A 132 -11.91 8.16 55.30
CA THR A 132 -10.76 8.89 54.83
C THR A 132 -11.15 10.28 54.32
N VAL A 133 -12.32 10.38 53.70
CA VAL A 133 -12.84 11.69 53.30
C VAL A 133 -13.09 12.56 54.53
N ARG A 134 -13.62 11.95 55.60
CA ARG A 134 -13.83 12.68 56.84
C ARG A 134 -12.52 13.30 57.34
N GLU A 135 -11.42 12.56 57.21
CA GLU A 135 -10.13 13.08 57.66
C GLU A 135 -9.70 14.29 56.86
N LEU A 136 -10.02 14.34 55.57
CA LEU A 136 -9.67 15.50 54.76
C LEU A 136 -10.55 16.69 55.10
N ILE A 137 -11.86 16.47 55.23
CA ILE A 137 -12.78 17.55 55.57
C ILE A 137 -12.39 18.17 56.90
N ASP A 138 -11.99 17.35 57.86
CA ASP A 138 -11.55 17.88 59.16
C ASP A 138 -10.32 18.76 59.00
N ALA A 139 -9.37 18.35 58.17
CA ALA A 139 -8.20 19.18 57.92
C ALA A 139 -8.57 20.46 57.19
N TRP A 140 -9.51 20.37 56.23
CA TRP A 140 -9.93 21.56 55.50
C TRP A 140 -10.77 22.50 56.35
N ASN A 141 -11.30 22.04 57.48
CA ASN A 141 -11.97 22.94 58.41
C ASN A 141 -11.00 24.00 58.94
N THR A 142 -9.81 23.56 59.36
CA THR A 142 -8.82 24.49 59.90
C THR A 142 -8.37 25.47 58.83
N ARG A 143 -8.23 25.01 57.58
CA ARG A 143 -7.82 25.91 56.51
C ARG A 143 -8.92 26.90 56.14
N ALA A 144 -10.18 26.47 56.22
CA ALA A 144 -11.29 27.41 56.01
C ALA A 144 -11.35 28.43 57.13
N GLN A 145 -11.05 28.01 58.36
CA GLN A 145 -11.04 28.92 59.49
C GLN A 145 -9.96 29.99 59.36
N ASN A 146 -8.81 29.62 58.78
CA ASN A 146 -7.69 30.52 58.63
C ASN A 146 -7.70 31.26 57.30
N ASN A 147 -8.76 31.12 56.50
CA ASN A 147 -8.92 31.86 55.25
C ASN A 147 -7.73 31.64 54.32
N SER A 148 -7.41 30.37 54.08
CA SER A 148 -6.22 29.98 53.36
C SER A 148 -6.56 29.50 51.95
N TRP A 149 -5.68 29.80 51.01
CA TRP A 149 -5.82 29.29 49.66
C TRP A 149 -5.21 27.89 49.57
N ILE A 150 -5.99 26.96 49.03
CA ILE A 150 -5.65 25.54 49.02
C ILE A 150 -5.24 25.15 47.61
N ASP A 151 -4.05 24.57 47.48
CA ASP A 151 -3.64 23.96 46.21
C ASP A 151 -4.44 22.67 46.02
N ILE A 152 -5.41 22.70 45.12
CA ILE A 152 -6.43 21.66 45.00
C ILE A 152 -5.86 20.35 44.44
N PRO A 153 -5.09 20.35 43.33
CA PRO A 153 -4.59 19.07 42.82
C PRO A 153 -3.72 18.32 43.81
N ALA A 154 -2.85 19.02 44.55
CA ALA A 154 -1.97 18.34 45.48
C ALA A 154 -2.76 17.75 46.65
N GLU A 155 -3.71 18.51 47.20
CA GLU A 155 -4.51 18.01 48.31
C GLU A 155 -5.35 16.81 47.89
N THR A 156 -6.01 16.89 46.73
CA THR A 156 -6.80 15.77 46.25
C THR A 156 -5.92 14.56 45.94
N ASN A 157 -4.64 14.77 45.63
CA ASN A 157 -3.76 13.65 45.34
C ASN A 157 -3.30 12.94 46.62
N ARG A 158 -3.13 13.69 47.72
CA ARG A 158 -2.88 13.05 49.00
C ARG A 158 -4.09 12.24 49.45
N LEU A 159 -5.29 12.71 49.10
CA LEU A 159 -6.51 12.01 49.53
C LEU A 159 -6.67 10.68 48.83
N THR A 160 -6.65 10.70 47.49
CA THR A 160 -6.91 9.47 46.73
C THR A 160 -5.83 8.42 46.99
N ILE A 161 -4.61 8.85 47.34
CA ILE A 161 -3.58 7.90 47.76
C ILE A 161 -4.05 7.15 49.01
N GLU A 162 -4.51 7.90 50.01
CA GLU A 162 -4.98 7.26 51.24
C GLU A 162 -6.24 6.44 51.00
N ILE A 163 -7.10 6.87 50.08
CA ILE A 163 -8.31 6.12 49.79
C ILE A 163 -7.97 4.73 49.26
N ILE A 164 -7.05 4.66 48.29
CA ILE A 164 -6.71 3.38 47.68
C ILE A 164 -5.93 2.52 48.68
N SER A 165 -4.95 3.11 49.36
CA SER A 165 -4.10 2.32 50.25
C SER A 165 -4.87 1.80 51.45
N ARG A 166 -5.69 2.64 52.08
CA ARG A 166 -6.41 2.21 53.27
C ARG A 166 -7.56 1.28 52.93
N ALA A 167 -8.32 1.60 51.87
CA ALA A 167 -9.45 0.74 51.51
C ALA A 167 -8.99 -0.53 50.80
N GLY A 168 -7.90 -0.45 50.03
CA GLY A 168 -7.43 -1.59 49.28
C GLY A 168 -6.49 -2.50 50.04
N PHE A 169 -5.51 -1.91 50.74
CA PHE A 169 -4.49 -2.68 51.44
C PHE A 169 -4.52 -2.49 52.95
N ASP A 170 -5.41 -1.64 53.46
CA ASP A 170 -5.47 -1.32 54.89
C ASP A 170 -4.12 -0.80 55.39
N TYR A 171 -3.47 0.01 54.57
CA TYR A 171 -2.20 0.63 54.90
C TYR A 171 -2.33 2.14 54.77
N GLN A 172 -1.70 2.86 55.69
CA GLN A 172 -1.74 4.32 55.71
C GLN A 172 -0.33 4.86 55.45
N PHE A 173 -0.24 5.79 54.50
CA PHE A 173 1.03 6.43 54.18
C PHE A 173 1.17 7.82 54.80
N ASN A 174 0.12 8.63 54.74
CA ASN A 174 0.14 9.97 55.29
C ASN A 174 -1.11 10.23 56.10
N ASN A 175 -1.00 11.15 57.05
CA ASN A 175 -2.14 11.70 57.78
C ASN A 175 -2.52 13.00 57.08
N LEU A 176 -3.77 13.08 56.62
CA LEU A 176 -4.20 14.21 55.79
C LEU A 176 -4.16 15.52 56.56
N ALA A 177 -4.36 15.47 57.88
CA ALA A 177 -4.23 16.69 58.68
C ALA A 177 -2.78 17.15 58.74
N ASP A 178 -1.83 16.24 58.60
CA ASP A 178 -0.41 16.56 58.63
C ASP A 178 0.09 16.83 57.21
N HIS A 179 1.23 17.54 57.12
CA HIS A 179 1.81 17.90 55.85
C HIS A 179 3.21 17.34 55.64
N SER A 180 3.65 16.41 56.48
CA SER A 180 4.87 15.67 56.20
C SER A 180 4.58 14.58 55.19
N GLU A 181 5.47 14.41 54.23
CA GLU A 181 5.30 13.43 53.17
C GLU A 181 6.04 12.14 53.51
N ASN A 182 5.38 11.01 53.27
CA ASN A 182 6.00 9.72 53.53
C ASN A 182 7.21 9.55 52.62
N PRO A 183 8.28 8.91 53.10
CA PRO A 183 9.43 8.68 52.21
C PRO A 183 9.11 7.76 51.04
N PHE A 184 8.23 6.78 51.25
CA PHE A 184 7.88 5.86 50.17
C PHE A 184 7.24 6.58 48.99
N ILE A 185 6.25 7.42 49.27
CA ILE A 185 5.56 8.10 48.18
C ILE A 185 6.50 9.09 47.48
N THR A 186 7.46 9.65 48.21
CA THR A 186 8.44 10.53 47.56
C THR A 186 9.33 9.74 46.61
N ALA A 187 9.75 8.53 46.99
CA ALA A 187 10.60 7.74 46.13
C ALA A 187 9.86 7.29 44.88
N VAL A 188 8.56 7.00 44.99
CA VAL A 188 7.80 6.59 43.82
C VAL A 188 7.70 7.73 42.81
N LEU A 189 7.58 8.97 43.29
CA LEU A 189 7.50 10.10 42.38
C LEU A 189 8.83 10.34 41.68
N ARG A 190 9.94 10.28 42.42
CA ARG A 190 11.25 10.37 41.78
C ARG A 190 11.46 9.22 40.81
N GLU A 191 10.89 8.05 41.09
CA GLU A 191 11.03 6.91 40.20
C GLU A 191 10.18 7.07 38.95
N LEU A 192 9.05 7.78 39.06
CA LEU A 192 8.24 8.05 37.88
C LEU A 192 8.92 9.05 36.96
N GLN A 193 9.56 10.08 37.54
CA GLN A 193 10.30 11.04 36.73
C GLN A 193 11.47 10.38 36.01
N TYR A 194 12.19 9.52 36.72
CA TYR A 194 13.32 8.82 36.13
C TYR A 194 12.91 7.86 35.02
N ALA A 195 11.65 7.41 35.04
CA ALA A 195 11.19 6.47 34.02
C ALA A 195 10.83 7.18 32.72
N ASN A 196 10.21 8.35 32.82
CA ASN A 196 9.78 9.07 31.62
C ASN A 196 10.93 9.70 30.86
N ARG A 197 12.12 9.78 31.48
CA ARG A 197 13.30 10.35 30.85
C ARG A 197 13.46 9.87 29.42
N ARG A 198 13.55 10.81 28.49
CA ARG A 198 13.65 10.44 27.08
C ARG A 198 15.07 10.00 26.76
N THR A 199 15.20 9.19 25.70
CA THR A 199 16.47 8.58 25.32
C THR A 199 17.58 9.62 25.13
N ASP A 200 17.21 10.85 24.76
CA ASP A 200 18.22 11.89 24.63
C ASP A 200 18.67 12.39 26.00
N SER A 201 17.72 12.55 26.93
CA SER A 201 18.08 12.90 28.30
C SER A 201 18.66 11.75 29.09
N ILE A 202 18.60 10.54 28.56
CA ILE A 202 19.23 9.37 29.19
C ILE A 202 20.69 9.33 28.76
N PRO A 203 21.64 9.52 29.68
CA PRO A 203 23.06 9.45 29.30
C PRO A 203 23.40 8.07 28.75
N PHE A 204 24.28 8.07 27.74
CA PHE A 204 24.64 6.82 27.06
C PHE A 204 25.29 5.81 27.99
N TYR A 205 25.84 6.24 29.11
CA TYR A 205 26.58 5.37 30.01
C TYR A 205 26.16 5.58 31.45
N GLU A 206 24.85 5.72 31.67
CA GLU A 206 24.34 5.83 33.04
C GLU A 206 24.47 4.51 33.78
N GLN A 207 24.50 3.39 33.05
CA GLN A 207 24.61 2.07 33.65
C GLN A 207 25.98 1.82 34.26
N PHE A 208 26.96 2.66 33.98
CA PHE A 208 28.35 2.36 34.26
C PHE A 208 29.04 3.40 35.13
N LEU A 209 28.78 4.69 34.89
CA LEU A 209 29.48 5.73 35.65
C LEU A 209 29.08 5.74 37.11
N GLY A 210 27.85 5.32 37.41
CA GLY A 210 27.36 5.38 38.78
C GLY A 210 27.22 6.82 39.25
N GLY A 211 26.58 7.65 38.44
CA GLY A 211 26.32 9.02 38.83
C GLY A 211 25.34 9.10 39.98
N ARG A 212 25.15 10.33 40.48
CA ARG A 212 24.24 10.53 41.60
C ARG A 212 22.82 10.15 41.25
N ARG A 213 22.41 10.38 39.99
CA ARG A 213 21.03 10.11 39.61
C ARG A 213 20.77 8.62 39.47
N ARG A 214 21.65 7.90 38.76
CA ARG A 214 21.50 6.45 38.64
C ARG A 214 21.63 5.78 40.01
N ARG A 215 22.50 6.30 40.87
CA ARG A 215 22.63 5.72 42.21
C ARG A 215 21.40 6.00 43.06
N LEU A 216 20.83 7.21 42.93
CA LEU A 216 19.60 7.52 43.65
C LEU A 216 18.44 6.65 43.17
N HIS A 217 18.42 6.33 41.87
CA HIS A 217 17.39 5.45 41.33
C HIS A 217 17.55 4.02 41.86
N ALA A 218 18.78 3.52 41.91
CA ALA A 218 19.02 2.20 42.48
C ALA A 218 18.58 2.14 43.93
N ALA A 219 18.87 3.19 44.70
CA ALA A 219 18.44 3.23 46.09
C ALA A 219 16.93 3.35 46.20
N ASP A 220 16.31 4.20 45.37
CA ASP A 220 14.86 4.35 45.41
C ASP A 220 14.15 3.06 45.01
N LYS A 221 14.68 2.35 44.01
CA LYS A 221 14.06 1.11 43.56
C LYS A 221 14.06 0.06 44.67
N LYS A 222 15.21 -0.12 45.34
CA LYS A 222 15.28 -1.06 46.45
C LYS A 222 14.39 -0.64 47.60
N PHE A 223 14.36 0.67 47.90
CA PHE A 223 13.54 1.16 49.00
C PHE A 223 12.06 0.95 48.72
N ILE A 224 11.63 1.13 47.47
CA ILE A 224 10.23 0.92 47.11
C ILE A 224 9.88 -0.56 47.20
N ARG A 225 10.75 -1.41 46.65
CA ARG A 225 10.50 -2.86 46.69
C ARG A 225 10.51 -3.37 48.13
N ALA A 226 11.38 -2.82 48.98
CA ALA A 226 11.45 -3.28 50.36
C ALA A 226 10.22 -2.88 51.15
N GLU A 227 9.64 -1.71 50.86
CA GLU A 227 8.47 -1.27 51.60
C GLU A 227 7.23 -2.08 51.22
N VAL A 228 7.06 -2.39 49.93
CA VAL A 228 5.91 -3.18 49.52
C VAL A 228 6.06 -4.62 49.97
N ASP A 229 7.29 -5.13 50.04
CA ASP A 229 7.50 -6.46 50.60
C ASP A 229 7.13 -6.51 52.07
N LYS A 230 7.44 -5.44 52.81
CA LYS A 230 7.07 -5.40 54.22
C LYS A 230 5.55 -5.37 54.39
N ILE A 231 4.84 -4.66 53.51
CA ILE A 231 3.39 -4.67 53.55
C ILE A 231 2.85 -6.07 53.27
N ILE A 232 3.52 -6.80 52.37
CA ILE A 232 3.10 -8.16 52.07
C ILE A 232 3.40 -9.10 53.23
N ASP A 233 4.59 -8.98 53.82
CA ASP A 233 4.99 -9.91 54.88
C ASP A 233 4.15 -9.71 56.13
N VAL A 234 3.89 -8.46 56.51
CA VAL A 234 3.11 -8.20 57.72
C VAL A 234 1.71 -8.79 57.60
N ARG A 235 1.09 -8.64 56.43
CA ARG A 235 -0.25 -9.20 56.23
C ARG A 235 -0.23 -10.71 56.24
N ARG A 236 0.83 -11.32 55.70
CA ARG A 236 0.94 -12.77 55.70
C ARG A 236 0.91 -13.33 57.12
N ILE A 237 1.45 -12.59 58.09
CA ILE A 237 1.40 -13.01 59.48
C ILE A 237 0.01 -12.81 60.07
N ASN A 238 -0.80 -11.93 59.49
CA ASN A 238 -2.11 -11.61 60.02
C ASN A 238 -3.15 -12.57 59.45
N PRO A 239 -3.81 -13.39 60.28
CA PRO A 239 -4.88 -14.25 59.77
C PRO A 239 -6.19 -13.54 59.48
N ARG A 240 -6.34 -12.27 59.88
CA ARG A 240 -7.49 -11.44 59.52
C ARG A 240 -8.82 -12.10 59.89
N VAL A 241 -8.89 -12.59 61.14
CA VAL A 241 -10.08 -13.29 61.60
C VAL A 241 -11.27 -12.33 61.60
N GLY A 242 -12.41 -12.82 61.10
CA GLY A 242 -13.65 -12.07 61.16
C GLY A 242 -13.73 -10.87 60.24
N GLN A 243 -12.85 -10.77 59.24
CA GLN A 243 -12.83 -9.62 58.35
C GLN A 243 -12.93 -10.08 56.91
N SER A 244 -13.63 -9.30 56.09
CA SER A 244 -13.74 -9.60 54.68
C SER A 244 -12.43 -9.29 53.97
N PRO A 245 -11.99 -10.14 53.04
CA PRO A 245 -10.70 -9.91 52.38
C PRO A 245 -10.72 -8.64 51.54
N ASP A 246 -9.61 -7.91 51.57
CA ASP A 246 -9.43 -6.72 50.75
C ASP A 246 -8.60 -7.09 49.51
N MET A 247 -8.03 -6.08 48.85
CA MET A 247 -7.27 -6.34 47.63
C MET A 247 -6.01 -7.13 47.92
N LEU A 248 -5.29 -6.78 49.00
CA LEU A 248 -4.08 -7.50 49.35
C LEU A 248 -4.39 -8.92 49.79
N ASP A 249 -5.50 -9.12 50.51
CA ASP A 249 -5.86 -10.45 50.96
C ASP A 249 -6.14 -11.38 49.78
N ILE A 250 -6.88 -10.89 48.79
CA ILE A 250 -7.20 -11.73 47.63
C ILE A 250 -5.96 -12.07 46.84
N MET A 251 -5.00 -11.14 46.75
CA MET A 251 -3.75 -11.45 46.05
C MET A 251 -2.93 -12.49 46.78
N LEU A 252 -3.08 -12.58 48.10
CA LEU A 252 -2.40 -13.59 48.89
C LEU A 252 -3.21 -14.87 49.07
N THR A 253 -4.45 -14.89 48.60
CA THR A 253 -5.35 -16.03 48.83
C THR A 253 -5.80 -16.69 47.54
N ALA A 254 -6.33 -15.91 46.58
CA ALA A 254 -6.97 -16.48 45.40
C ALA A 254 -5.93 -16.89 44.36
N ALA A 255 -6.05 -18.13 43.89
CA ALA A 255 -5.23 -18.63 42.78
C ALA A 255 -5.99 -18.50 41.48
N ASP A 256 -5.25 -18.38 40.39
CA ASP A 256 -5.87 -18.24 39.07
C ASP A 256 -6.60 -19.53 38.70
N PRO A 257 -7.88 -19.46 38.33
CA PRO A 257 -8.64 -20.70 38.07
C PRO A 257 -8.06 -21.55 36.95
N VAL A 258 -7.45 -20.94 35.93
CA VAL A 258 -6.93 -21.72 34.81
C VAL A 258 -5.64 -22.42 35.22
N THR A 259 -4.63 -21.66 35.65
CA THR A 259 -3.32 -22.22 35.94
C THR A 259 -3.18 -22.76 37.36
N GLY A 260 -4.09 -22.39 38.26
CA GLY A 260 -4.03 -22.88 39.63
C GLY A 260 -3.01 -22.23 40.52
N ASP A 261 -2.24 -21.27 40.01
CA ASP A 261 -1.22 -20.60 40.80
C ASP A 261 -1.66 -19.21 41.23
N LYS A 262 -1.09 -18.75 42.33
CA LYS A 262 -1.32 -17.40 42.83
C LYS A 262 -0.28 -16.45 42.25
N LEU A 263 -0.52 -15.15 42.44
CA LEU A 263 0.45 -14.15 42.03
C LEU A 263 1.69 -14.24 42.92
N ASP A 264 2.86 -14.31 42.30
CA ASP A 264 4.10 -14.37 43.06
C ASP A 264 4.34 -13.05 43.79
N ASN A 265 5.33 -13.07 44.69
CA ASN A 265 5.57 -11.92 45.55
C ASN A 265 5.95 -10.67 44.75
N ASN A 266 6.80 -10.83 43.74
CA ASN A 266 7.23 -9.68 42.96
C ASN A 266 6.06 -9.05 42.21
N ASN A 267 5.13 -9.87 41.72
CA ASN A 267 4.00 -9.32 40.97
C ASN A 267 3.00 -8.65 41.90
N ILE A 268 2.81 -9.20 43.11
CA ILE A 268 1.93 -8.57 44.08
C ILE A 268 2.43 -7.16 44.40
N GLY A 269 3.74 -7.02 44.62
CA GLY A 269 4.32 -5.71 44.81
C GLY A 269 4.11 -4.79 43.63
N ASN A 270 4.04 -5.36 42.42
CA ASN A 270 3.77 -4.54 41.24
C ASN A 270 2.32 -4.07 41.21
N GLN A 271 1.38 -4.92 41.63
CA GLN A 271 -0.02 -4.50 41.63
C GLN A 271 -0.26 -3.39 42.63
N ILE A 272 0.38 -3.48 43.82
CA ILE A 272 0.26 -2.41 44.80
C ILE A 272 0.77 -1.10 44.22
N LEU A 273 1.95 -1.14 43.59
CA LEU A 273 2.47 0.06 42.93
C LEU A 273 1.54 0.51 41.81
N THR A 274 0.94 -0.44 41.10
CA THR A 274 0.04 -0.10 40.00
C THR A 274 -1.19 0.65 40.51
N PHE A 275 -1.89 0.06 41.49
CA PHE A 275 -3.09 0.70 42.03
C PHE A 275 -2.76 2.06 42.64
N LEU A 276 -1.55 2.21 43.17
CA LEU A 276 -1.17 3.49 43.77
C LEU A 276 -1.01 4.57 42.72
N VAL A 277 -0.30 4.28 41.63
CA VAL A 277 -0.01 5.32 40.64
C VAL A 277 -1.11 5.43 39.59
N ALA A 278 -1.70 4.30 39.18
CA ALA A 278 -2.73 4.35 38.14
C ALA A 278 -4.08 4.81 38.68
N GLY A 279 -4.31 4.69 39.99
CA GLY A 279 -5.60 5.04 40.55
C GLY A 279 -5.65 6.39 41.23
N SER A 280 -4.51 6.82 41.79
CA SER A 280 -4.49 8.04 42.58
C SER A 280 -4.55 9.28 41.70
N GLU A 281 -3.65 9.40 40.73
CA GLU A 281 -3.53 10.65 39.99
C GLU A 281 -4.74 10.90 39.09
N THR A 282 -5.28 9.83 38.49
CA THR A 282 -6.47 9.99 37.65
C THR A 282 -7.65 10.50 38.45
N SER A 283 -7.94 9.86 39.59
CA SER A 283 -9.10 10.25 40.39
C SER A 283 -8.90 11.63 41.01
N ALA A 284 -7.67 11.95 41.42
CA ALA A 284 -7.42 13.23 42.08
C ALA A 284 -7.60 14.40 41.12
N ASN A 285 -7.11 14.26 39.88
CA ASN A 285 -7.22 15.35 38.92
C ASN A 285 -8.66 15.50 38.42
N ALA A 286 -9.40 14.39 38.33
CA ALA A 286 -10.81 14.48 37.97
C ALA A 286 -11.59 15.24 39.03
N ILE A 287 -11.32 14.98 40.31
CA ILE A 287 -11.95 15.73 41.38
C ILE A 287 -11.56 17.20 41.31
N ALA A 288 -10.28 17.47 41.03
CA ALA A 288 -9.82 18.86 40.93
C ALA A 288 -10.51 19.59 39.79
N PHE A 289 -10.75 18.90 38.67
CA PHE A 289 -11.49 19.51 37.57
C PHE A 289 -12.94 19.79 37.98
N ALA A 290 -13.58 18.82 38.65
CA ALA A 290 -14.96 19.01 39.06
C ALA A 290 -15.08 20.11 40.12
N LEU A 291 -14.08 20.26 40.99
CA LEU A 291 -14.10 21.36 41.94
C LEU A 291 -13.98 22.71 41.24
N HIS A 292 -13.16 22.77 40.18
CA HIS A 292 -13.04 24.02 39.43
C HIS A 292 -14.35 24.40 38.77
N PHE A 293 -14.99 23.45 38.08
CA PHE A 293 -16.22 23.76 37.37
C PHE A 293 -17.38 24.01 38.33
N LEU A 294 -17.34 23.42 39.53
CA LEU A 294 -18.35 23.74 40.53
C LEU A 294 -18.10 25.12 41.14
N ALA A 295 -16.84 25.52 41.28
CA ALA A 295 -16.52 26.85 41.82
C ALA A 295 -16.66 27.95 40.78
N THR A 296 -16.93 27.62 39.53
CA THR A 296 -16.99 28.60 38.44
C THR A 296 -18.39 28.79 37.88
N THR A 297 -19.14 27.71 37.65
CA THR A 297 -20.50 27.81 37.14
C THR A 297 -21.47 27.74 38.31
N PRO A 298 -22.15 28.84 38.66
CA PRO A 298 -22.93 28.84 39.91
C PRO A 298 -24.19 28.01 39.85
N ASP A 299 -24.83 27.90 38.68
CA ASP A 299 -26.09 27.14 38.61
C ASP A 299 -25.84 25.66 38.83
N VAL A 300 -24.73 25.14 38.32
CA VAL A 300 -24.38 23.74 38.55
C VAL A 300 -24.09 23.50 40.03
N ALA A 301 -23.31 24.40 40.64
CA ALA A 301 -23.00 24.26 42.06
C ALA A 301 -24.27 24.30 42.90
N ALA A 302 -25.24 25.12 42.51
CA ALA A 302 -26.49 25.20 43.26
C ALA A 302 -27.29 23.91 43.14
N GLN A 303 -27.40 23.36 41.93
CA GLN A 303 -28.17 22.15 41.72
C GLN A 303 -27.51 20.95 42.40
N ALA A 304 -26.17 20.90 42.40
CA ALA A 304 -25.48 19.81 43.07
C ALA A 304 -25.55 19.96 44.58
N ARG A 305 -25.36 21.19 45.09
CA ARG A 305 -25.45 21.41 46.53
C ARG A 305 -26.87 21.14 47.04
N ALA A 306 -27.88 21.33 46.19
CA ALA A 306 -29.25 21.01 46.60
C ALA A 306 -29.49 19.51 46.65
N GLU A 307 -28.82 18.75 45.77
CA GLU A 307 -29.00 17.30 45.76
C GLU A 307 -28.34 16.66 46.98
N VAL A 308 -27.19 17.19 47.40
CA VAL A 308 -26.52 16.64 48.59
C VAL A 308 -27.13 17.16 49.88
N ASP A 309 -27.81 18.32 49.84
CA ASP A 309 -28.52 18.79 51.02
C ASP A 309 -29.77 17.95 51.27
N ALA A 310 -30.47 17.57 50.20
CA ALA A 310 -31.67 16.77 50.34
C ALA A 310 -31.36 15.35 50.81
N MET A 311 -30.19 14.84 50.45
CA MET A 311 -29.83 13.48 50.86
C MET A 311 -29.44 13.43 52.34
N TRP A 312 -28.63 14.39 52.79
CA TRP A 312 -28.19 14.46 54.19
C TRP A 312 -28.52 15.84 54.73
N PRO A 313 -29.70 16.01 55.32
CA PRO A 313 -30.07 17.31 55.89
C PRO A 313 -29.16 17.70 57.05
N GLY A 314 -29.17 18.99 57.36
CA GLY A 314 -28.30 19.53 58.38
C GLY A 314 -26.88 19.71 57.89
N ARG A 315 -26.09 20.43 58.68
CA ARG A 315 -24.70 20.70 58.35
C ARG A 315 -23.73 19.80 59.09
N THR A 316 -24.22 18.77 59.78
CA THR A 316 -23.34 17.74 60.30
C THR A 316 -22.81 16.90 59.15
N PHE A 317 -21.59 16.38 59.31
CA PHE A 317 -20.97 15.57 58.28
C PHE A 317 -21.91 14.45 57.85
N PRO A 318 -22.08 14.22 56.54
CA PRO A 318 -23.10 13.25 56.09
C PRO A 318 -22.79 11.84 56.59
N ASP A 319 -23.85 11.16 57.03
CA ASP A 319 -23.79 9.74 57.41
C ASP A 319 -23.88 8.92 56.13
N PHE A 320 -22.74 8.82 55.44
CA PHE A 320 -22.69 8.15 54.14
C PHE A 320 -22.98 6.67 54.30
N GLN A 321 -24.05 6.20 53.65
CA GLN A 321 -24.31 4.78 53.49
C GLN A 321 -24.13 4.41 52.02
N PHE A 322 -23.75 3.16 51.78
CA PHE A 322 -23.27 2.76 50.45
C PHE A 322 -24.30 3.03 49.37
N ASP A 323 -25.58 2.75 49.64
CA ASP A 323 -26.61 2.89 48.62
C ASP A 323 -26.89 4.34 48.23
N GLN A 324 -26.58 5.30 49.11
CA GLN A 324 -26.92 6.69 48.81
C GLN A 324 -26.03 7.28 47.73
N ILE A 325 -24.84 6.73 47.52
CA ILE A 325 -23.87 7.34 46.61
C ILE A 325 -24.39 7.33 45.18
N ALA A 326 -24.84 6.17 44.70
CA ALA A 326 -25.33 6.07 43.34
C ALA A 326 -26.65 6.81 43.13
N LYS A 327 -27.35 7.18 44.20
CA LYS A 327 -28.60 7.91 44.07
C LYS A 327 -28.40 9.39 43.78
N LEU A 328 -27.16 9.90 43.87
CA LEU A 328 -26.86 11.28 43.55
C LEU A 328 -26.70 11.38 42.03
N ARG A 329 -27.82 11.56 41.33
CA ARG A 329 -27.81 11.55 39.87
C ARG A 329 -27.05 12.76 39.32
N TYR A 330 -27.37 13.96 39.80
CA TYR A 330 -26.78 15.16 39.22
C TYR A 330 -25.29 15.25 39.49
N LEU A 331 -24.86 14.87 40.70
CA LEU A 331 -23.43 14.87 40.99
C LEU A 331 -22.68 13.88 40.11
N ARG A 332 -23.31 12.76 39.76
CA ARG A 332 -22.71 11.85 38.79
C ARG A 332 -22.60 12.49 37.42
N LEU A 333 -23.59 13.31 37.05
CA LEU A 333 -23.53 14.00 35.77
C LEU A 333 -22.45 15.08 35.77
N VAL A 334 -22.11 15.61 36.93
CA VAL A 334 -21.04 16.60 37.01
C VAL A 334 -19.69 15.94 36.74
N ILE A 335 -19.46 14.77 37.35
CA ILE A 335 -18.20 14.07 37.15
C ILE A 335 -18.09 13.58 35.72
N ASP A 336 -19.21 13.13 35.14
CA ASP A 336 -19.19 12.65 33.76
C ASP A 336 -18.80 13.77 32.80
N GLU A 337 -19.40 14.96 32.98
CA GLU A 337 -19.07 16.09 32.12
C GLU A 337 -17.63 16.54 32.33
N ALA A 338 -17.11 16.42 33.56
CA ALA A 338 -15.70 16.73 33.80
C ALA A 338 -14.80 15.75 33.08
N LEU A 339 -15.13 14.46 33.13
CA LEU A 339 -14.35 13.44 32.43
C LEU A 339 -14.51 13.53 30.93
N ARG A 340 -15.56 14.21 30.44
CA ARG A 340 -15.68 14.44 29.00
C ARG A 340 -14.83 15.63 28.58
N LEU A 341 -15.08 16.80 29.17
CA LEU A 341 -14.38 18.00 28.76
C LEU A 341 -12.88 17.90 28.99
N TRP A 342 -12.47 17.18 30.03
CA TRP A 342 -11.05 16.98 30.33
C TRP A 342 -10.85 15.58 30.86
N PRO A 343 -10.68 14.59 29.98
CA PRO A 343 -10.41 13.23 30.45
C PRO A 343 -9.01 13.12 30.99
N VAL A 344 -8.89 12.87 32.30
CA VAL A 344 -7.57 12.82 32.93
C VAL A 344 -6.70 11.75 32.29
N ALA A 345 -7.31 10.65 31.83
CA ALA A 345 -6.62 9.73 30.95
C ALA A 345 -6.95 10.14 29.52
N PRO A 346 -6.13 11.00 28.89
CA PRO A 346 -6.55 11.64 27.64
C PRO A 346 -6.64 10.70 26.46
N GLY A 347 -6.14 9.47 26.56
CA GLY A 347 -6.22 8.56 25.44
C GLY A 347 -5.58 7.24 25.78
N TYR A 348 -5.67 6.31 24.83
CA TYR A 348 -5.11 4.99 24.98
C TYR A 348 -4.59 4.51 23.63
N PHE A 349 -3.70 3.53 23.67
CA PHE A 349 -3.06 2.99 22.48
C PHE A 349 -3.65 1.62 22.15
N ARG A 350 -4.00 1.42 20.89
CA ARG A 350 -4.53 0.16 20.41
C ARG A 350 -3.62 -0.42 19.34
N GLN A 351 -3.72 -1.72 19.14
CA GLN A 351 -2.92 -2.41 18.14
C GLN A 351 -3.79 -3.42 17.41
N ALA A 352 -3.42 -3.72 16.17
CA ALA A 352 -4.22 -4.59 15.31
C ALA A 352 -3.88 -6.05 15.56
N LYS A 353 -4.90 -6.85 15.85
CA LYS A 353 -4.68 -8.28 16.06
C LYS A 353 -4.41 -9.00 14.75
N GLN A 354 -4.92 -8.47 13.65
CA GLN A 354 -4.71 -9.03 12.32
C GLN A 354 -4.49 -7.89 11.34
N ASP A 355 -4.18 -8.24 10.10
CA ASP A 355 -4.16 -7.26 9.02
C ASP A 355 -5.60 -6.83 8.74
N THR A 356 -5.92 -5.57 9.03
CA THR A 356 -7.28 -5.07 8.86
C THR A 356 -7.23 -3.69 8.23
N THR A 357 -8.43 -3.13 8.02
CA THR A 357 -8.60 -1.76 7.54
C THR A 357 -9.75 -1.13 8.33
N ILE A 358 -9.62 0.15 8.64
CA ILE A 358 -10.72 0.88 9.28
C ILE A 358 -11.37 1.79 8.24
N GLY A 359 -12.38 2.54 8.65
CA GLY A 359 -13.06 3.45 7.75
C GLY A 359 -13.87 2.74 6.68
N GLU A 360 -13.50 2.93 5.42
CA GLU A 360 -14.24 2.40 4.27
C GLU A 360 -13.31 1.63 3.34
N GLY A 361 -12.38 0.88 3.92
CA GLY A 361 -11.36 0.22 3.15
C GLY A 361 -10.06 0.99 3.02
N ARG A 362 -10.10 2.31 3.23
CA ARG A 362 -8.88 3.09 3.33
C ARG A 362 -8.20 2.80 4.66
N TYR A 363 -6.96 3.26 4.80
CA TYR A 363 -6.17 3.08 6.02
C TYR A 363 -6.02 1.59 6.35
N ALA A 364 -5.03 0.95 5.74
CA ALA A 364 -4.73 -0.44 6.04
C ALA A 364 -3.73 -0.52 7.19
N PHE A 365 -3.84 -1.59 7.97
CA PHE A 365 -2.97 -1.79 9.12
C PHE A 365 -2.54 -3.25 9.18
N LYS A 366 -1.22 -3.46 9.16
CA LYS A 366 -0.67 -4.79 9.40
C LYS A 366 -0.81 -5.14 10.88
N LYS A 367 -0.87 -6.43 11.17
CA LYS A 367 -0.92 -6.90 12.54
C LYS A 367 0.23 -6.30 13.35
N ASN A 368 -0.09 -5.92 14.59
CA ASN A 368 0.80 -5.28 15.56
C ASN A 368 1.11 -3.82 15.23
N ASP A 369 0.45 -3.24 14.22
CA ASP A 369 0.52 -1.80 14.05
C ASP A 369 -0.35 -1.12 15.10
N TRP A 370 0.15 -0.01 15.64
CA TRP A 370 -0.51 0.64 16.77
C TRP A 370 -0.90 2.07 16.43
N VAL A 371 -2.02 2.50 17.01
CA VAL A 371 -2.54 3.85 16.85
C VAL A 371 -2.88 4.40 18.24
N PHE A 372 -3.17 5.70 18.29
CA PHE A 372 -3.54 6.39 19.51
C PHE A 372 -4.95 6.94 19.35
N VAL A 373 -5.83 6.56 20.27
CA VAL A 373 -7.18 7.11 20.32
C VAL A 373 -7.13 8.36 21.19
N ASN A 374 -7.38 9.52 20.57
CA ASN A 374 -7.34 10.80 21.27
C ASN A 374 -8.72 11.04 21.88
N LEU A 375 -8.88 10.70 23.16
CA LEU A 375 -10.17 10.88 23.83
C LEU A 375 -10.48 12.35 24.02
N HIS A 376 -9.48 13.17 24.33
CA HIS A 376 -9.72 14.59 24.56
C HIS A 376 -10.30 15.24 23.31
N ALA A 377 -9.80 14.85 22.13
CA ALA A 377 -10.36 15.39 20.89
C ALA A 377 -11.72 14.76 20.60
N ALA A 378 -11.88 13.48 20.89
CA ALA A 378 -13.15 12.80 20.61
C ALA A 378 -14.25 13.26 21.56
N HIS A 379 -13.90 13.52 22.82
CA HIS A 379 -14.91 13.96 23.79
C HIS A 379 -15.36 15.39 23.51
N THR A 380 -14.49 16.23 22.96
CA THR A 380 -14.83 17.59 22.59
C THR A 380 -15.12 17.73 21.10
N HIS A 381 -15.29 16.61 20.39
CA HIS A 381 -15.50 16.64 18.96
C HIS A 381 -16.83 17.32 18.62
N ARG A 382 -16.93 17.77 17.36
CA ARG A 382 -18.12 18.49 16.91
C ARG A 382 -19.38 17.65 16.99
N SER A 383 -19.25 16.31 17.01
CA SER A 383 -20.41 15.44 17.12
C SER A 383 -21.13 15.55 18.45
N TRP A 384 -20.52 16.17 19.46
CA TRP A 384 -21.17 16.43 20.72
C TRP A 384 -22.06 17.67 20.69
N GLY A 385 -22.30 18.23 19.50
CA GLY A 385 -23.11 19.41 19.37
C GLY A 385 -22.28 20.67 19.27
N PRO A 386 -22.91 21.80 18.93
CA PRO A 386 -22.17 23.05 18.79
C PRO A 386 -21.65 23.62 20.10
N ASP A 387 -22.11 23.12 21.25
CA ASP A 387 -21.69 23.59 22.56
C ASP A 387 -20.78 22.58 23.25
N ALA A 388 -19.89 21.94 22.48
CA ALA A 388 -19.05 20.88 23.03
C ALA A 388 -17.98 21.44 23.98
N ALA A 389 -17.67 22.72 23.89
CA ALA A 389 -16.65 23.32 24.74
C ALA A 389 -17.21 23.86 26.05
N GLU A 390 -18.51 23.75 26.27
CA GLU A 390 -19.15 24.25 27.48
C GLU A 390 -19.32 23.13 28.50
N PHE A 391 -19.23 23.50 29.78
CA PHE A 391 -19.47 22.56 30.87
C PHE A 391 -20.97 22.55 31.16
N LYS A 392 -21.65 21.50 30.72
CA LYS A 392 -23.10 21.36 30.89
C LYS A 392 -23.38 19.94 31.35
N PRO A 393 -23.57 19.72 32.66
CA PRO A 393 -23.79 18.35 33.16
C PRO A 393 -25.01 17.67 32.60
N GLU A 394 -26.09 18.43 32.32
CA GLU A 394 -27.31 17.82 31.80
C GLU A 394 -27.09 17.17 30.45
N ARG A 395 -26.00 17.51 29.75
CA ARG A 395 -25.69 16.88 28.48
C ARG A 395 -25.46 15.38 28.62
N MET A 396 -24.89 14.95 29.73
CA MET A 396 -24.47 13.56 29.90
C MET A 396 -25.61 12.63 30.33
N SER A 397 -26.86 13.08 30.25
CA SER A 397 -27.98 12.20 30.56
C SER A 397 -28.19 11.20 29.42
N THR A 398 -28.86 10.09 29.76
CA THR A 398 -29.09 9.05 28.77
C THR A 398 -29.96 9.53 27.62
N GLU A 399 -30.93 10.41 27.90
CA GLU A 399 -31.78 10.92 26.83
C GLU A 399 -31.06 11.94 25.97
N ASN A 400 -30.29 12.84 26.58
CA ASN A 400 -29.61 13.87 25.81
C ASN A 400 -28.51 13.29 24.92
N ARG A 401 -27.91 12.17 25.33
CA ARG A 401 -26.87 11.54 24.52
C ARG A 401 -27.44 10.67 23.42
N ARG A 402 -28.66 10.15 23.61
CA ARG A 402 -29.31 9.38 22.56
C ARG A 402 -29.68 10.24 21.37
N LYS A 403 -29.72 11.57 21.54
CA LYS A 403 -30.06 12.52 20.49
C LYS A 403 -28.84 12.95 19.68
N LEU A 404 -27.71 12.28 19.83
CA LEU A 404 -26.46 12.70 19.21
C LEU A 404 -26.08 11.87 17.99
N GLY A 405 -26.09 10.55 18.12
CA GLY A 405 -25.62 9.69 17.06
C GLY A 405 -24.19 9.26 17.30
N PRO A 406 -23.38 9.22 16.22
CA PRO A 406 -21.99 8.78 16.37
C PRO A 406 -21.16 9.71 17.23
N HIS A 407 -20.81 9.26 18.44
CA HIS A 407 -19.98 10.03 19.34
C HIS A 407 -19.25 9.07 20.28
N ILE A 408 -18.07 9.49 20.73
CA ILE A 408 -17.21 8.67 21.57
C ILE A 408 -17.21 9.24 22.98
N TYR A 409 -17.38 8.36 23.97
CA TYR A 409 -17.22 8.75 25.39
C TYR A 409 -16.71 7.51 26.12
N LYS A 410 -15.39 7.35 26.16
CA LYS A 410 -14.75 6.20 26.80
C LYS A 410 -13.63 6.68 27.72
N PRO A 411 -13.98 7.40 28.80
CA PRO A 411 -12.91 7.88 29.71
C PRO A 411 -12.21 6.76 30.46
N PHE A 412 -12.77 5.55 30.48
CA PHE A 412 -12.16 4.41 31.16
C PHE A 412 -11.65 3.35 30.19
N GLY A 413 -11.41 3.72 28.93
CA GLY A 413 -10.92 2.76 27.96
C GLY A 413 -12.03 1.86 27.45
N VAL A 414 -11.61 0.77 26.80
CA VAL A 414 -12.52 -0.19 26.19
C VAL A 414 -11.93 -1.58 26.30
N GLY A 415 -12.78 -2.59 26.14
CA GLY A 415 -12.31 -3.96 26.04
C GLY A 415 -11.99 -4.59 27.39
N GLU A 416 -11.42 -5.79 27.31
CA GLU A 416 -11.04 -6.53 28.51
C GLU A 416 -9.97 -5.79 29.32
N ARG A 417 -9.18 -4.93 28.68
CA ARG A 417 -8.19 -4.12 29.38
C ARG A 417 -8.67 -2.69 29.58
N ALA A 418 -9.98 -2.49 29.72
CA ALA A 418 -10.49 -1.22 30.22
C ALA A 418 -10.20 -1.12 31.71
N CYS A 419 -10.58 0.02 32.31
CA CYS A 419 -10.19 0.32 33.68
C CYS A 419 -10.86 -0.64 34.66
N ILE A 420 -10.06 -1.45 35.36
CA ILE A 420 -10.60 -2.34 36.37
C ILE A 420 -11.14 -1.56 37.57
N GLY A 421 -10.71 -0.31 37.76
CA GLY A 421 -11.13 0.46 38.92
C GLY A 421 -12.16 1.53 38.61
N ARG A 422 -12.97 1.31 37.58
CA ARG A 422 -13.98 2.30 37.21
C ARG A 422 -15.02 2.46 38.32
N GLN A 423 -15.56 1.35 38.81
CA GLN A 423 -16.55 1.42 39.88
C GLN A 423 -15.92 1.95 41.17
N PHE A 424 -14.64 1.69 41.39
CA PHE A 424 -13.95 2.25 42.55
C PHE A 424 -13.79 3.76 42.40
N ALA A 425 -13.38 4.21 41.22
CA ALA A 425 -13.16 5.64 41.00
C ALA A 425 -14.47 6.41 41.09
N GLN A 426 -15.52 5.90 40.44
CA GLN A 426 -16.80 6.61 40.47
C GLN A 426 -17.38 6.67 41.87
N HIS A 427 -17.11 5.66 42.70
CA HIS A 427 -17.61 5.69 44.07
C HIS A 427 -16.87 6.73 44.89
N GLU A 428 -15.54 6.75 44.81
CA GLU A 428 -14.76 7.68 45.63
C GLU A 428 -14.90 9.12 45.15
N MET A 429 -15.12 9.33 43.85
CA MET A 429 -15.24 10.69 43.33
C MET A 429 -16.54 11.35 43.79
N VAL A 430 -17.60 10.58 43.94
CA VAL A 430 -18.88 11.14 44.37
C VAL A 430 -18.85 11.46 45.86
N ILE A 431 -18.37 10.52 46.68
CA ILE A 431 -18.30 10.75 48.12
C ILE A 431 -17.43 11.96 48.42
N ALA A 432 -16.32 12.10 47.70
CA ALA A 432 -15.43 13.23 47.93
C ALA A 432 -16.09 14.55 47.59
N LEU A 433 -16.76 14.60 46.43
CA LEU A 433 -17.42 15.84 46.02
C LEU A 433 -18.64 16.13 46.88
N ALA A 434 -19.40 15.10 47.23
CA ALA A 434 -20.60 15.30 48.05
C ALA A 434 -20.23 15.87 49.41
N ALA A 435 -19.15 15.38 50.01
CA ALA A 435 -18.74 15.89 51.32
C ALA A 435 -18.26 17.33 51.23
N ILE A 436 -17.53 17.67 50.17
CA ILE A 436 -17.01 19.03 50.03
C ILE A 436 -18.15 20.03 49.82
N LEU A 437 -19.08 19.70 48.91
CA LEU A 437 -20.21 20.58 48.66
C LEU A 437 -21.13 20.70 49.87
N HIS A 438 -21.23 19.65 50.68
CA HIS A 438 -22.08 19.67 51.85
C HIS A 438 -21.48 20.50 52.98
N GLN A 439 -20.15 20.49 53.12
CA GLN A 439 -19.47 21.13 54.24
C GLN A 439 -18.94 22.51 53.92
N PHE A 440 -18.50 22.75 52.67
CA PHE A 440 -17.85 24.00 52.32
C PHE A 440 -18.53 24.63 51.12
N GLU A 441 -18.27 25.92 50.94
CA GLU A 441 -18.56 26.62 49.70
C GLU A 441 -17.25 27.02 49.04
N LEU A 442 -17.24 27.04 47.72
CA LEU A 442 -16.02 27.14 46.94
C LEU A 442 -15.85 28.56 46.43
N GLU A 443 -14.71 29.18 46.75
CA GLU A 443 -14.37 30.50 46.25
C GLU A 443 -13.21 30.38 45.26
N PRO A 444 -13.42 30.64 43.98
CA PRO A 444 -12.31 30.58 43.01
C PRO A 444 -11.42 31.81 43.14
N ARG A 445 -10.26 31.72 42.49
CA ARG A 445 -9.30 32.82 42.49
C ARG A 445 -9.65 33.80 41.37
N PRO A 446 -9.89 35.07 41.68
CA PRO A 446 -10.26 36.02 40.63
C PRO A 446 -9.13 36.20 39.62
N GLY A 447 -9.51 36.30 38.35
CA GLY A 447 -8.57 36.44 37.27
C GLY A 447 -7.97 35.14 36.77
N TYR A 448 -8.03 34.07 37.55
CA TYR A 448 -7.50 32.79 37.11
C TYR A 448 -8.30 32.23 35.95
N GLU A 449 -7.61 31.57 35.03
CA GLU A 449 -8.24 30.86 33.92
C GLU A 449 -7.64 29.47 33.79
N LEU A 450 -8.45 28.55 33.28
CA LEU A 450 -8.11 27.12 33.32
C LEU A 450 -6.97 26.81 32.37
N LYS A 451 -5.83 26.40 32.93
CA LYS A 451 -4.71 25.89 32.18
C LYS A 451 -4.46 24.45 32.59
N VAL A 452 -4.25 23.58 31.61
CA VAL A 452 -4.13 22.14 31.84
C VAL A 452 -2.73 21.70 31.47
N SER A 453 -1.96 21.24 32.45
CA SER A 453 -0.67 20.64 32.19
C SER A 453 -0.85 19.14 31.92
N GLU A 454 0.18 18.54 31.31
CA GLU A 454 0.13 17.15 30.91
C GLU A 454 1.31 16.42 31.53
N THR A 455 1.03 15.53 32.47
CA THR A 455 2.02 14.62 33.05
C THR A 455 1.67 13.21 32.56
N LEU A 456 1.55 12.22 33.45
CA LEU A 456 0.91 10.97 33.06
C LEU A 456 -0.58 11.16 32.81
N THR A 457 -1.16 12.20 33.39
CA THR A 457 -2.57 12.52 33.24
C THR A 457 -2.74 14.01 32.99
N LEU A 458 -3.96 14.40 32.64
CA LEU A 458 -4.31 15.82 32.53
C LEU A 458 -4.60 16.36 33.92
N LYS A 459 -4.04 17.55 34.22
CA LYS A 459 -4.15 18.13 35.54
C LYS A 459 -4.36 19.63 35.43
N PRO A 460 -5.24 20.20 36.26
CA PRO A 460 -5.35 21.68 36.32
C PRO A 460 -4.14 22.26 37.01
N SER A 461 -3.46 23.18 36.33
CA SER A 461 -2.26 23.82 36.83
C SER A 461 -2.59 25.13 37.53
N ASP A 462 -1.95 25.36 38.68
CA ASP A 462 -2.13 26.59 39.47
C ASP A 462 -3.58 26.75 39.94
N LEU A 463 -4.25 25.63 40.20
CA LEU A 463 -5.64 25.65 40.65
C LEU A 463 -5.67 25.84 42.17
N GLN A 464 -6.21 26.97 42.61
CA GLN A 464 -6.32 27.28 44.03
C GLN A 464 -7.75 27.68 44.35
N LEU A 465 -8.32 27.06 45.38
CA LEU A 465 -9.64 27.41 45.87
C LEU A 465 -9.56 27.80 47.34
N ARG A 466 -10.62 28.47 47.80
CA ARG A 466 -10.75 28.82 49.21
C ARG A 466 -12.14 28.42 49.67
N LEU A 467 -12.22 28.01 50.94
CA LEU A 467 -13.44 27.43 51.48
C LEU A 467 -13.87 28.20 52.73
N ARG A 468 -15.19 28.30 52.90
CA ARG A 468 -15.80 28.70 54.15
C ARG A 468 -16.77 27.60 54.59
N ASN A 469 -16.79 27.32 55.88
CA ASN A 469 -17.75 26.35 56.40
C ASN A 469 -19.17 26.89 56.21
N ARG A 470 -20.05 26.04 55.69
CA ARG A 470 -21.37 26.50 55.27
C ARG A 470 -22.26 26.92 56.45
N VAL A 471 -21.91 26.50 57.67
CA VAL A 471 -22.66 26.88 58.87
C VAL A 471 -24.13 26.50 58.76
N THR B 10 10.67 -5.01 -18.48
CA THR B 10 11.67 -4.17 -19.13
C THR B 10 12.41 -4.95 -20.21
N PRO B 11 11.76 -5.14 -21.37
CA PRO B 11 12.39 -5.91 -22.44
C PRO B 11 13.57 -5.18 -23.07
N GLN B 12 14.31 -5.93 -23.87
CA GLN B 12 15.43 -5.42 -24.64
C GLN B 12 14.93 -4.66 -25.86
N PRO B 13 15.76 -3.78 -26.44
CA PRO B 13 15.33 -3.06 -27.64
C PRO B 13 15.05 -3.99 -28.80
N LEU B 14 13.97 -3.69 -29.51
CA LEU B 14 13.48 -4.47 -30.64
C LEU B 14 13.45 -3.62 -31.89
N PRO B 15 13.52 -4.23 -33.07
CA PRO B 15 13.33 -3.48 -34.31
C PRO B 15 11.86 -3.15 -34.54
N HIS B 16 11.65 -2.12 -35.35
CA HIS B 16 10.29 -1.66 -35.64
C HIS B 16 9.67 -2.50 -36.75
N PRO B 17 8.38 -2.81 -36.64
CA PRO B 17 7.65 -3.38 -37.78
C PRO B 17 7.51 -2.34 -38.88
N ARG B 18 7.09 -2.81 -40.06
CA ARG B 18 7.20 -1.96 -41.23
C ARG B 18 6.09 -2.16 -42.26
N GLY B 19 5.94 -3.38 -42.74
CA GLY B 19 5.17 -3.63 -43.94
C GLY B 19 6.04 -4.26 -45.02
N ARG B 20 5.55 -4.24 -46.25
CA ARG B 20 6.21 -4.92 -47.36
C ARG B 20 7.24 -3.98 -47.98
N LEU B 21 8.48 -4.45 -48.07
CA LEU B 21 9.62 -3.61 -48.38
C LEU B 21 10.32 -4.10 -49.63
N PRO B 22 10.39 -3.29 -50.69
CA PRO B 22 11.26 -3.65 -51.82
C PRO B 22 12.64 -3.04 -51.67
N VAL B 23 13.36 -2.86 -52.79
CA VAL B 23 14.63 -2.15 -52.76
C VAL B 23 14.42 -0.69 -52.39
N LEU B 24 13.39 -0.06 -52.94
CA LEU B 24 12.98 1.28 -52.53
C LEU B 24 12.42 1.31 -51.11
N ARG B 25 12.23 0.12 -50.52
CA ARG B 25 11.64 -0.17 -49.20
C ARG B 25 10.46 0.72 -48.80
N ASP B 26 9.28 0.12 -48.69
CA ASP B 26 8.05 0.75 -48.19
C ASP B 26 7.57 1.91 -49.04
N LEU B 27 8.11 2.08 -50.25
CA LEU B 27 7.65 3.16 -51.11
C LEU B 27 6.26 2.87 -51.67
N LEU B 28 5.91 1.60 -51.83
CA LEU B 28 4.61 1.24 -52.39
C LEU B 28 3.49 1.26 -51.36
N SER B 29 3.81 1.23 -50.07
CA SER B 29 2.78 1.29 -49.04
C SER B 29 2.21 2.69 -48.84
N VAL B 30 2.78 3.70 -49.48
CA VAL B 30 2.34 5.08 -49.29
C VAL B 30 1.11 5.34 -50.14
N ASP B 31 0.02 5.73 -49.49
CA ASP B 31 -1.19 6.18 -50.18
C ASP B 31 -0.97 7.64 -50.55
N PHE B 32 -0.46 7.87 -51.77
CA PHE B 32 -0.08 9.22 -52.17
C PHE B 32 -1.29 10.15 -52.28
N ALA B 33 -2.50 9.60 -52.40
CA ALA B 33 -3.70 10.44 -52.39
C ALA B 33 -4.05 10.86 -50.96
N THR B 34 -4.01 9.91 -50.02
CA THR B 34 -4.35 10.15 -48.62
C THR B 34 -3.29 9.52 -47.74
N PRO B 35 -2.15 10.20 -47.54
CA PRO B 35 -1.05 9.57 -46.79
C PRO B 35 -1.39 9.22 -45.35
N VAL B 36 -1.99 10.15 -44.59
CA VAL B 36 -2.27 9.88 -43.19
C VAL B 36 -3.34 8.81 -43.05
N GLN B 37 -4.37 8.85 -43.89
CA GLN B 37 -5.41 7.82 -43.83
C GLN B 37 -4.87 6.45 -44.21
N GLY B 38 -3.87 6.41 -45.08
CA GLY B 38 -3.20 5.14 -45.35
C GLY B 38 -2.38 4.67 -44.15
N LEU B 39 -1.72 5.61 -43.48
CA LEU B 39 -0.94 5.25 -42.30
C LEU B 39 -1.81 4.72 -41.18
N THR B 40 -3.05 5.20 -41.07
CA THR B 40 -3.96 4.68 -40.06
C THR B 40 -4.31 3.23 -40.33
N ARG B 41 -4.65 2.92 -41.58
CA ARG B 41 -4.96 1.53 -41.94
C ARG B 41 -3.75 0.62 -41.76
N GLU B 42 -2.54 1.15 -41.99
CA GLU B 42 -1.34 0.35 -41.77
C GLU B 42 -1.08 0.15 -40.28
N GLY B 43 -1.35 1.17 -39.46
CA GLY B 43 -1.10 1.07 -38.04
C GLY B 43 -1.96 0.04 -37.34
N ARG B 44 -3.11 -0.32 -37.92
CA ARG B 44 -3.96 -1.34 -37.32
C ARG B 44 -3.36 -2.74 -37.46
N ARG B 45 -2.27 -2.89 -38.19
CA ARG B 45 -1.56 -4.15 -38.33
C ARG B 45 -0.40 -4.27 -37.35
N HIS B 46 -0.29 -3.35 -36.39
CA HIS B 46 0.86 -3.32 -35.48
C HIS B 46 0.33 -3.02 -34.08
N ASP B 47 1.27 -2.77 -33.15
CA ASP B 47 0.96 -2.61 -31.74
C ASP B 47 1.16 -1.17 -31.26
N GLY B 48 0.98 -0.20 -32.15
CA GLY B 48 1.07 1.20 -31.78
C GLY B 48 2.27 1.93 -32.33
N ILE B 49 3.19 1.25 -33.01
CA ILE B 49 4.36 1.90 -33.58
C ILE B 49 4.86 1.04 -34.75
N PHE B 50 5.28 1.70 -35.81
CA PHE B 50 5.90 1.02 -36.95
C PHE B 50 6.72 2.05 -37.72
N GLU B 51 7.59 1.54 -38.58
CA GLU B 51 8.42 2.38 -39.42
C GLU B 51 7.98 2.26 -40.87
N GLN B 52 8.25 3.32 -41.64
CA GLN B 52 7.91 3.32 -43.07
C GLN B 52 8.98 4.15 -43.77
N CYS B 53 9.99 3.47 -44.30
CA CYS B 53 11.06 4.15 -45.00
C CYS B 53 10.59 4.56 -46.39
N ILE B 54 11.05 5.71 -46.86
CA ILE B 54 10.76 6.16 -48.21
C ILE B 54 12.08 6.24 -48.95
N GLY B 55 12.56 5.10 -49.44
CA GLY B 55 13.92 5.03 -49.93
C GLY B 55 14.87 5.05 -48.75
N ASP B 56 15.74 6.06 -48.70
CA ASP B 56 16.58 6.29 -47.54
C ASP B 56 15.94 7.23 -46.53
N PHE B 57 14.65 7.52 -46.69
CA PHE B 57 13.94 8.46 -45.83
C PHE B 57 13.06 7.68 -44.86
N ARG B 58 13.52 7.57 -43.62
CA ARG B 58 12.84 6.78 -42.59
C ARG B 58 11.80 7.62 -41.87
N VAL B 59 10.62 7.04 -41.66
CA VAL B 59 9.53 7.71 -40.96
C VAL B 59 9.02 6.76 -39.89
N VAL B 60 9.06 7.20 -38.63
CA VAL B 60 8.54 6.44 -37.50
C VAL B 60 7.14 6.95 -37.19
N VAL B 61 6.14 6.09 -37.36
CA VAL B 61 4.75 6.43 -37.10
C VAL B 61 4.34 5.84 -35.76
N VAL B 62 3.70 6.66 -34.93
CA VAL B 62 3.27 6.26 -33.60
C VAL B 62 1.79 6.57 -33.47
N ASP B 63 0.99 5.55 -33.11
CA ASP B 63 -0.44 5.76 -32.92
C ASP B 63 -1.01 5.06 -31.70
N GLY B 64 -0.19 4.37 -30.90
CA GLY B 64 -0.66 3.73 -29.71
C GLY B 64 -0.87 4.71 -28.56
N PRO B 65 -1.94 4.53 -27.79
CA PRO B 65 -2.24 5.48 -26.71
C PRO B 65 -1.12 5.60 -25.68
N GLU B 66 -0.64 4.47 -25.16
CA GLU B 66 0.42 4.52 -24.17
C GLU B 66 1.72 5.06 -24.76
N LEU B 67 2.01 4.73 -26.02
CA LEU B 67 3.24 5.20 -26.64
C LEU B 67 3.19 6.70 -26.89
N ILE B 68 2.04 7.22 -27.31
CA ILE B 68 1.94 8.66 -27.59
C ILE B 68 2.05 9.46 -26.31
N GLU B 69 1.44 8.98 -25.22
CA GLU B 69 1.56 9.66 -23.93
C GLU B 69 3.02 9.76 -23.49
N GLU B 70 3.79 8.71 -23.73
CA GLU B 70 5.21 8.74 -23.41
C GLU B 70 5.96 9.71 -24.32
N ILE B 71 5.51 9.84 -25.57
CA ILE B 71 6.14 10.77 -26.51
C ILE B 71 5.71 12.20 -26.22
N ASN B 72 4.51 12.41 -25.67
CA ASN B 72 4.02 13.74 -25.35
C ASN B 72 4.58 14.30 -24.04
N ASN B 73 5.60 13.67 -23.46
CA ASN B 73 6.17 14.16 -22.20
C ASN B 73 7.18 15.26 -22.48
N PRO B 74 7.03 16.45 -21.90
CA PRO B 74 7.90 17.58 -22.29
C PRO B 74 9.33 17.44 -21.84
N GLN B 75 9.64 16.59 -20.87
CA GLN B 75 10.98 16.51 -20.30
C GLN B 75 11.89 15.55 -21.06
N LEU B 76 11.38 14.85 -22.06
CA LEU B 76 12.21 14.00 -22.91
C LEU B 76 11.97 14.19 -24.40
N TRP B 77 10.84 14.76 -24.80
CA TRP B 77 10.55 15.02 -26.21
C TRP B 77 10.12 16.47 -26.36
N GLU B 78 10.08 16.92 -27.62
CA GLU B 78 9.73 18.30 -27.92
C GLU B 78 9.26 18.36 -29.38
N LYS B 79 8.75 19.53 -29.76
CA LYS B 79 8.29 19.72 -31.13
C LYS B 79 9.44 19.56 -32.11
N ASN B 80 9.17 18.82 -33.18
CA ASN B 80 10.11 18.65 -34.29
C ASN B 80 9.55 19.32 -35.53
N VAL B 81 10.38 20.14 -36.19
CA VAL B 81 10.02 20.71 -37.47
C VAL B 81 10.10 19.61 -38.51
N GLY B 82 8.97 18.96 -38.79
CA GLY B 82 8.94 17.84 -39.69
C GLY B 82 9.21 18.25 -41.13
N PRO B 83 9.28 17.26 -42.01
CA PRO B 83 9.58 17.55 -43.42
C PRO B 83 8.56 18.46 -44.08
N THR B 84 7.27 18.30 -43.73
CA THR B 84 6.26 19.21 -44.25
C THR B 84 6.42 20.61 -43.66
N LEU B 85 6.78 20.70 -42.38
CA LEU B 85 6.99 22.01 -41.77
C LEU B 85 8.28 22.66 -42.26
N HIS B 86 9.31 21.85 -42.55
CA HIS B 86 10.55 22.40 -43.08
C HIS B 86 10.36 22.95 -44.49
N LYS B 87 9.66 22.20 -45.35
CA LYS B 87 9.32 22.73 -46.66
C LYS B 87 8.43 23.96 -46.55
N LEU B 88 7.58 24.02 -45.52
CA LEU B 88 6.71 25.15 -45.30
C LEU B 88 7.46 26.39 -44.80
N ARG B 89 8.73 26.25 -44.43
CA ARG B 89 9.53 27.41 -44.04
C ARG B 89 9.81 28.33 -45.21
N SER B 90 9.77 27.81 -46.45
CA SER B 90 9.99 28.65 -47.62
C SER B 90 8.84 29.61 -47.88
N VAL B 91 7.75 29.51 -47.13
CA VAL B 91 6.66 30.47 -47.23
C VAL B 91 6.44 31.26 -45.94
N ALA B 92 6.87 30.76 -44.78
CA ALA B 92 6.65 31.45 -43.51
C ALA B 92 7.94 31.69 -42.74
N GLY B 93 9.09 31.26 -43.24
CA GLY B 93 10.35 31.56 -42.59
C GLY B 93 10.42 31.03 -41.18
N ASP B 94 10.96 31.84 -40.27
CA ASP B 94 11.02 31.51 -38.85
C ASP B 94 9.75 31.94 -38.12
N GLY B 95 8.60 31.82 -38.76
CA GLY B 95 7.33 32.09 -38.10
C GLY B 95 7.08 31.11 -36.96
N MET B 96 6.09 31.46 -36.14
CA MET B 96 5.84 30.72 -34.91
C MET B 96 5.52 29.25 -35.19
N PHE B 97 4.92 28.95 -36.35
CA PHE B 97 4.52 27.58 -36.64
C PHE B 97 5.68 26.75 -37.19
N THR B 98 6.61 27.37 -37.91
CA THR B 98 7.67 26.64 -38.60
C THR B 98 9.07 27.02 -38.10
N ALA B 99 9.18 27.83 -37.06
CA ALA B 99 10.49 28.14 -36.51
C ALA B 99 11.06 26.94 -35.76
N TYR B 100 12.38 26.87 -35.70
CA TYR B 100 13.05 25.85 -34.91
C TYR B 100 12.99 26.20 -33.43
N ASN B 101 13.26 25.20 -32.59
CA ASN B 101 13.25 25.43 -31.15
C ASN B 101 14.39 26.36 -30.74
N SER B 102 15.56 26.21 -31.37
CA SER B 102 16.72 27.01 -30.99
C SER B 102 16.71 28.41 -31.58
N GLU B 103 15.91 28.65 -32.63
CA GLU B 103 15.89 29.96 -33.25
C GLU B 103 15.29 30.99 -32.31
N GLU B 104 16.00 32.12 -32.16
CA GLU B 104 15.61 33.12 -31.18
C GLU B 104 14.23 33.72 -31.46
N ASN B 105 13.83 33.74 -32.73
CA ASN B 105 12.58 34.40 -33.09
C ASN B 105 11.34 33.67 -32.59
N TRP B 106 11.46 32.39 -32.26
CA TRP B 106 10.29 31.69 -31.71
C TRP B 106 9.99 32.17 -30.30
N ARG B 107 11.00 32.18 -29.43
CA ARG B 107 10.79 32.56 -28.03
C ARG B 107 10.29 33.99 -27.93
N LYS B 108 10.88 34.91 -28.70
CA LYS B 108 10.40 36.28 -28.73
C LYS B 108 8.93 36.36 -29.12
N ALA B 109 8.59 35.79 -30.28
CA ALA B 109 7.22 35.85 -30.76
C ALA B 109 6.26 35.09 -29.85
N HIS B 110 6.72 33.97 -29.27
CA HIS B 110 5.85 33.19 -28.39
C HIS B 110 5.43 34.01 -27.18
N GLU B 111 6.40 34.61 -26.48
CA GLU B 111 6.08 35.39 -25.29
C GLU B 111 5.41 36.71 -25.65
N ILE B 112 5.66 37.24 -26.85
CA ILE B 112 5.03 38.49 -27.26
C ILE B 112 3.55 38.30 -27.54
N LEU B 113 3.20 37.22 -28.25
CA LEU B 113 1.85 37.03 -28.74
C LEU B 113 1.00 36.14 -27.85
N THR B 114 1.57 35.49 -26.84
CA THR B 114 0.76 34.71 -25.92
C THR B 114 -0.32 35.54 -25.21
N PRO B 115 -0.06 36.78 -24.76
CA PRO B 115 -1.16 37.57 -24.18
C PRO B 115 -2.27 37.91 -25.17
N ALA B 116 -2.05 37.72 -26.47
CA ALA B 116 -3.09 37.98 -27.45
C ALA B 116 -4.08 36.83 -27.58
N PHE B 117 -3.71 35.64 -27.15
CA PHE B 117 -4.58 34.47 -27.17
C PHE B 117 -4.69 33.95 -25.73
N THR B 118 -5.61 34.52 -24.95
CA THR B 118 -5.77 34.14 -23.55
C THR B 118 -7.22 33.90 -23.15
N LYS B 119 -8.16 33.91 -24.11
CA LYS B 119 -9.59 33.85 -23.85
C LYS B 119 -10.07 35.12 -23.16
N GLU B 120 -9.42 35.51 -22.06
CA GLU B 120 -9.80 36.74 -21.38
C GLU B 120 -9.48 37.98 -22.23
N ALA B 121 -8.37 37.94 -22.96
CA ALA B 121 -8.04 38.98 -23.93
C ALA B 121 -8.47 38.61 -25.34
N MET B 122 -9.17 37.49 -25.52
CA MET B 122 -9.69 37.11 -26.81
C MET B 122 -10.90 37.94 -27.22
N SER B 123 -11.59 38.54 -26.25
CA SER B 123 -12.82 39.28 -26.51
C SER B 123 -12.61 40.48 -27.41
N THR B 124 -11.36 40.89 -27.66
CA THR B 124 -11.12 41.99 -28.58
C THR B 124 -11.48 41.63 -30.01
N TYR B 125 -11.34 40.36 -30.39
CA TYR B 125 -11.67 39.90 -31.73
C TYR B 125 -13.13 39.50 -31.87
N HIS B 126 -13.89 39.44 -30.76
CA HIS B 126 -15.25 38.96 -30.84
C HIS B 126 -16.14 39.87 -31.69
N GLN B 127 -15.82 41.16 -31.75
CA GLN B 127 -16.61 42.08 -32.56
C GLN B 127 -16.53 41.73 -34.04
N ARG B 128 -15.30 41.71 -34.58
CA ARG B 128 -15.12 41.50 -36.01
C ARG B 128 -15.45 40.06 -36.42
N ILE B 129 -15.30 39.11 -35.50
CA ILE B 129 -15.63 37.72 -35.81
C ILE B 129 -17.11 37.59 -36.12
N ALA B 130 -17.97 38.04 -35.20
CA ALA B 130 -19.41 37.98 -35.42
C ALA B 130 -19.82 38.83 -36.62
N ALA B 131 -19.09 39.91 -36.89
CA ALA B 131 -19.40 40.75 -38.04
C ALA B 131 -19.10 40.03 -39.34
N THR B 132 -17.95 39.35 -39.41
CA THR B 132 -17.59 38.65 -40.65
C THR B 132 -18.51 37.46 -40.89
N VAL B 133 -18.91 36.76 -39.82
CA VAL B 133 -19.86 35.66 -39.97
C VAL B 133 -21.21 36.19 -40.46
N ARG B 134 -21.61 37.36 -39.97
CA ARG B 134 -22.84 37.97 -40.45
C ARG B 134 -22.79 38.23 -41.95
N GLU B 135 -21.64 38.65 -42.46
CA GLU B 135 -21.50 38.89 -43.90
C GLU B 135 -21.70 37.62 -44.70
N LEU B 136 -21.23 36.48 -44.18
CA LEU B 136 -21.45 35.21 -44.86
C LEU B 136 -22.91 34.79 -44.79
N ILE B 137 -23.56 35.03 -43.66
CA ILE B 137 -24.96 34.64 -43.50
C ILE B 137 -25.83 35.36 -44.52
N ASP B 138 -25.60 36.66 -44.73
CA ASP B 138 -26.37 37.39 -45.72
C ASP B 138 -26.00 36.96 -47.13
N ALA B 139 -24.75 36.56 -47.36
CA ALA B 139 -24.36 36.05 -48.67
C ALA B 139 -25.04 34.72 -48.95
N TRP B 140 -25.08 33.82 -47.96
CA TRP B 140 -25.78 32.57 -48.12
C TRP B 140 -27.30 32.75 -48.17
N ASN B 141 -27.80 33.89 -47.70
CA ASN B 141 -29.24 34.15 -47.78
C ASN B 141 -29.69 34.27 -49.23
N THR B 142 -28.83 34.84 -50.09
CA THR B 142 -29.12 34.86 -51.52
C THR B 142 -29.17 33.44 -52.09
N ARG B 143 -28.21 32.60 -51.70
CA ARG B 143 -28.19 31.23 -52.17
C ARG B 143 -29.32 30.39 -51.57
N ALA B 144 -29.83 30.77 -50.41
CA ALA B 144 -30.97 30.05 -49.83
C ALA B 144 -32.25 30.33 -50.61
N GLN B 145 -32.35 31.49 -51.25
CA GLN B 145 -33.51 31.80 -52.08
C GLN B 145 -33.36 31.31 -53.51
N ASN B 146 -32.13 31.07 -53.97
CA ASN B 146 -31.90 30.45 -55.26
C ASN B 146 -31.79 28.93 -55.17
N ASN B 147 -31.67 28.39 -53.95
CA ASN B 147 -31.55 26.94 -53.72
C ASN B 147 -30.35 26.36 -54.47
N SER B 148 -29.24 27.10 -54.46
CA SER B 148 -28.02 26.66 -55.11
C SER B 148 -27.20 25.79 -54.16
N TRP B 149 -26.64 24.71 -54.70
CA TRP B 149 -25.78 23.84 -53.91
C TRP B 149 -24.46 24.56 -53.62
N ILE B 150 -24.16 24.74 -52.34
CA ILE B 150 -23.01 25.51 -51.91
C ILE B 150 -21.82 24.57 -51.74
N ASP B 151 -20.67 24.97 -52.29
CA ASP B 151 -19.42 24.28 -52.02
C ASP B 151 -18.98 24.64 -50.62
N ILE B 152 -19.30 23.78 -49.64
CA ILE B 152 -19.08 24.12 -48.23
C ILE B 152 -17.60 24.35 -47.93
N PRO B 153 -16.67 23.42 -48.23
CA PRO B 153 -15.26 23.69 -47.89
C PRO B 153 -14.71 24.93 -48.56
N ALA B 154 -15.11 25.19 -49.81
CA ALA B 154 -14.63 26.38 -50.52
C ALA B 154 -15.13 27.65 -49.86
N GLU B 155 -16.37 27.65 -49.35
CA GLU B 155 -16.91 28.85 -48.74
C GLU B 155 -16.33 29.09 -47.35
N THR B 156 -16.09 28.02 -46.58
CA THR B 156 -15.57 28.20 -45.23
C THR B 156 -14.12 28.67 -45.23
N ASN B 157 -13.35 28.30 -46.26
CA ASN B 157 -11.97 28.78 -46.33
C ASN B 157 -11.91 30.27 -46.65
N ARG B 158 -12.84 30.76 -47.48
CA ARG B 158 -12.94 32.19 -47.67
C ARG B 158 -13.39 32.89 -46.40
N LEU B 159 -14.24 32.23 -45.60
CA LEU B 159 -14.72 32.84 -44.37
C LEU B 159 -13.60 32.94 -43.33
N THR B 160 -12.90 31.85 -43.07
CA THR B 160 -11.88 31.85 -42.03
C THR B 160 -10.68 32.71 -42.42
N ILE B 161 -10.44 32.90 -43.72
CA ILE B 161 -9.41 33.83 -44.15
C ILE B 161 -9.75 35.25 -43.72
N GLU B 162 -11.00 35.65 -43.90
CA GLU B 162 -11.41 36.99 -43.49
C GLU B 162 -11.43 37.13 -41.98
N ILE B 163 -11.86 36.09 -41.27
CA ILE B 163 -11.94 36.16 -39.81
C ILE B 163 -10.56 36.41 -39.20
N ILE B 164 -9.55 35.66 -39.65
CA ILE B 164 -8.22 35.82 -39.08
C ILE B 164 -7.61 37.16 -39.48
N SER B 165 -7.88 37.63 -40.69
CA SER B 165 -7.26 38.86 -41.17
C SER B 165 -8.01 40.12 -40.73
N ARG B 166 -9.35 40.11 -40.78
CA ARG B 166 -10.09 41.28 -40.34
C ARG B 166 -10.00 41.46 -38.84
N ALA B 167 -10.23 40.40 -38.07
CA ALA B 167 -10.15 40.50 -36.62
C ALA B 167 -8.71 40.61 -36.14
N GLY B 168 -7.77 40.04 -36.89
CA GLY B 168 -6.39 40.01 -36.45
C GLY B 168 -5.57 41.20 -36.90
N PHE B 169 -5.73 41.62 -38.15
CA PHE B 169 -4.92 42.71 -38.70
C PHE B 169 -5.75 43.85 -39.28
N ASP B 170 -7.08 43.77 -39.21
CA ASP B 170 -7.97 44.79 -39.79
C ASP B 170 -7.65 45.00 -41.27
N TYR B 171 -7.65 43.90 -42.02
CA TYR B 171 -7.43 43.93 -43.45
C TYR B 171 -8.36 42.94 -44.12
N GLN B 172 -9.10 43.38 -45.12
CA GLN B 172 -10.06 42.55 -45.84
C GLN B 172 -9.49 42.18 -47.19
N PHE B 173 -9.38 40.87 -47.44
CA PHE B 173 -8.89 40.39 -48.73
C PHE B 173 -10.01 40.21 -49.73
N ASN B 174 -11.12 39.61 -49.32
CA ASN B 174 -12.21 39.27 -50.24
C ASN B 174 -13.54 39.67 -49.61
N ASN B 175 -14.53 39.80 -50.49
CA ASN B 175 -15.92 39.96 -50.08
C ASN B 175 -16.60 38.58 -50.13
N LEU B 176 -17.26 38.22 -49.04
CA LEU B 176 -17.95 36.93 -49.00
C LEU B 176 -19.24 36.93 -49.82
N ALA B 177 -19.62 38.06 -50.41
CA ALA B 177 -20.83 38.14 -51.21
C ALA B 177 -20.56 37.91 -52.70
N ASP B 178 -19.39 38.28 -53.19
CA ASP B 178 -19.04 38.06 -54.59
C ASP B 178 -18.26 36.77 -54.74
N HIS B 179 -17.64 36.57 -55.90
CA HIS B 179 -16.83 35.40 -56.17
C HIS B 179 -15.60 35.79 -56.99
N SER B 180 -14.83 36.74 -56.45
CA SER B 180 -13.56 37.15 -57.04
C SER B 180 -12.47 37.00 -55.99
N GLU B 181 -11.45 36.21 -56.30
CA GLU B 181 -10.42 35.88 -55.34
C GLU B 181 -9.30 36.92 -55.36
N ASN B 182 -8.87 37.33 -54.17
CA ASN B 182 -7.76 38.27 -54.06
C ASN B 182 -6.49 37.64 -54.64
N PRO B 183 -5.73 38.37 -55.46
CA PRO B 183 -4.50 37.78 -56.01
C PRO B 183 -3.50 37.37 -54.96
N PHE B 184 -3.50 38.02 -53.79
CA PHE B 184 -2.59 37.63 -52.72
C PHE B 184 -2.96 36.25 -52.19
N ILE B 185 -4.26 35.93 -52.12
CA ILE B 185 -4.68 34.62 -51.63
C ILE B 185 -4.19 33.52 -52.55
N THR B 186 -4.38 33.69 -53.86
CA THR B 186 -3.93 32.68 -54.81
C THR B 186 -2.44 32.46 -54.74
N ALA B 187 -1.67 33.54 -54.55
CA ALA B 187 -0.23 33.41 -54.43
C ALA B 187 0.14 32.59 -53.19
N VAL B 188 -0.63 32.75 -52.11
CA VAL B 188 -0.38 31.96 -50.91
C VAL B 188 -0.75 30.49 -51.15
N LEU B 189 -1.94 30.26 -51.69
CA LEU B 189 -2.38 28.89 -51.95
C LEU B 189 -1.48 28.19 -52.94
N ARG B 190 -0.95 28.93 -53.93
CA ARG B 190 -0.01 28.34 -54.87
C ARG B 190 1.32 28.02 -54.20
N GLU B 191 1.71 28.80 -53.18
CA GLU B 191 2.93 28.51 -52.45
C GLU B 191 2.75 27.31 -51.52
N LEU B 192 1.56 27.16 -50.94
CA LEU B 192 1.30 26.00 -50.10
C LEU B 192 1.31 24.72 -50.91
N GLN B 193 0.74 24.76 -52.13
CA GLN B 193 0.79 23.60 -53.01
C GLN B 193 2.21 23.30 -53.47
N TYR B 194 3.02 24.34 -53.67
CA TYR B 194 4.41 24.16 -54.07
C TYR B 194 5.26 23.61 -52.93
N ALA B 195 4.86 23.84 -51.68
CA ALA B 195 5.58 23.29 -50.54
C ALA B 195 5.14 21.87 -50.19
N ASN B 196 3.95 21.47 -50.61
CA ASN B 196 3.45 20.13 -50.28
C ASN B 196 4.02 19.05 -51.19
N ARG B 197 4.64 19.41 -52.30
CA ARG B 197 5.19 18.42 -53.21
C ARG B 197 6.61 18.03 -52.81
N GLY B 211 14.57 24.70 -63.20
CA GLY B 211 13.18 24.67 -63.66
C GLY B 211 12.50 26.01 -63.60
N ARG B 212 11.57 26.24 -64.53
CA ARG B 212 10.82 27.49 -64.54
C ARG B 212 9.85 27.61 -63.37
N ARG B 213 9.44 26.49 -62.77
CA ARG B 213 8.54 26.55 -61.64
C ARG B 213 9.21 27.21 -60.43
N ARG B 214 10.53 27.06 -60.29
CA ARG B 214 11.22 27.68 -59.17
C ARG B 214 11.29 29.20 -59.33
N ARG B 215 11.32 29.69 -60.57
CA ARG B 215 11.29 31.13 -60.80
C ARG B 215 9.89 31.71 -60.59
N LEU B 216 8.84 30.92 -60.81
CA LEU B 216 7.50 31.36 -60.45
C LEU B 216 7.34 31.41 -58.94
N HIS B 217 7.91 30.43 -58.24
CA HIS B 217 7.91 30.45 -56.78
C HIS B 217 8.64 31.69 -56.25
N ALA B 218 9.81 31.99 -56.81
CA ALA B 218 10.59 33.14 -56.37
C ALA B 218 9.80 34.44 -56.57
N ALA B 219 9.11 34.58 -57.71
CA ALA B 219 8.32 35.77 -57.94
C ALA B 219 7.10 35.82 -57.03
N ASP B 220 6.49 34.65 -56.77
CA ASP B 220 5.31 34.62 -55.91
C ASP B 220 5.67 35.00 -54.48
N LYS B 221 6.86 34.63 -54.01
CA LYS B 221 7.24 34.96 -52.64
C LYS B 221 7.51 36.45 -52.48
N LYS B 222 8.21 37.06 -53.44
CA LYS B 222 8.52 38.48 -53.34
C LYS B 222 7.25 39.33 -53.43
N PHE B 223 6.24 38.85 -54.17
CA PHE B 223 4.95 39.52 -54.16
C PHE B 223 4.25 39.34 -52.81
N ILE B 224 4.31 38.13 -52.25
CA ILE B 224 3.74 37.90 -50.93
C ILE B 224 4.45 38.74 -49.89
N ARG B 225 5.78 38.83 -49.97
CA ARG B 225 6.52 39.69 -49.04
C ARG B 225 6.13 41.15 -49.21
N ALA B 226 5.92 41.58 -50.45
CA ALA B 226 5.58 42.98 -50.70
C ALA B 226 4.23 43.34 -50.08
N GLU B 227 3.26 42.42 -50.16
CA GLU B 227 1.93 42.71 -49.64
C GLU B 227 1.93 42.82 -48.12
N VAL B 228 2.60 41.88 -47.44
CA VAL B 228 2.64 41.94 -45.98
C VAL B 228 3.50 43.11 -45.51
N ASP B 229 4.54 43.45 -46.25
CA ASP B 229 5.33 44.63 -45.91
C ASP B 229 4.48 45.90 -45.93
N LYS B 230 3.56 45.99 -46.89
CA LYS B 230 2.70 47.16 -46.97
C LYS B 230 1.69 47.19 -45.83
N ILE B 231 1.12 46.04 -45.49
CA ILE B 231 0.16 45.98 -44.40
C ILE B 231 0.80 46.42 -43.08
N ILE B 232 2.04 46.00 -42.84
CA ILE B 232 2.73 46.40 -41.63
C ILE B 232 3.08 47.89 -41.67
N ASP B 233 3.50 48.38 -42.84
CA ASP B 233 3.91 49.78 -42.94
C ASP B 233 2.73 50.72 -42.74
N VAL B 234 1.55 50.36 -43.26
CA VAL B 234 0.37 51.20 -43.06
C VAL B 234 0.07 51.37 -41.58
N ARG B 235 0.20 50.29 -40.81
CA ARG B 235 -0.08 50.36 -39.39
C ARG B 235 1.07 51.01 -38.62
N ARG B 236 2.31 50.74 -39.03
CA ARG B 236 3.45 51.40 -38.40
C ARG B 236 3.40 52.91 -38.59
N ILE B 237 3.03 53.35 -39.79
CA ILE B 237 2.92 54.78 -40.06
C ILE B 237 1.71 55.37 -39.36
N ASN B 238 0.61 54.60 -39.28
CA ASN B 238 -0.65 55.07 -38.68
C ASN B 238 -0.99 54.16 -37.51
N PRO B 239 -0.40 54.39 -36.33
CA PRO B 239 -0.75 53.57 -35.17
C PRO B 239 -2.18 53.81 -34.73
N ARG B 240 -2.85 52.74 -34.33
CA ARG B 240 -4.24 52.81 -33.88
C ARG B 240 -4.34 52.97 -32.37
N VAL B 241 -3.65 53.98 -31.82
CA VAL B 241 -3.71 54.24 -30.40
C VAL B 241 -5.13 54.67 -30.02
N GLY B 242 -5.51 54.38 -28.78
CA GLY B 242 -6.86 54.62 -28.32
C GLY B 242 -7.83 53.48 -28.54
N GLN B 243 -7.42 52.45 -29.27
CA GLN B 243 -8.24 51.27 -29.53
C GLN B 243 -7.56 50.04 -28.96
N SER B 244 -8.36 48.99 -28.77
CA SER B 244 -7.81 47.72 -28.33
C SER B 244 -6.91 47.14 -29.41
N PRO B 245 -5.70 46.67 -29.06
CA PRO B 245 -4.77 46.20 -30.09
C PRO B 245 -5.30 44.94 -30.76
N ASP B 246 -5.36 44.96 -32.08
CA ASP B 246 -5.59 43.73 -32.81
C ASP B 246 -4.29 42.92 -32.86
N MET B 247 -4.38 41.72 -33.42
CA MET B 247 -3.24 40.79 -33.40
C MET B 247 -1.99 41.41 -34.01
N LEU B 248 -2.16 42.33 -34.95
CA LEU B 248 -1.01 42.97 -35.61
C LEU B 248 -0.38 44.05 -34.76
N ASP B 249 -1.18 44.80 -33.98
CA ASP B 249 -0.64 45.95 -33.27
C ASP B 249 0.35 45.55 -32.19
N ILE B 250 0.09 44.44 -31.49
CA ILE B 250 0.94 44.05 -30.36
C ILE B 250 2.37 43.82 -30.82
N MET B 251 2.54 43.24 -32.01
CA MET B 251 3.88 42.93 -32.49
C MET B 251 4.69 44.18 -32.80
N LEU B 252 4.03 45.28 -33.13
CA LEU B 252 4.71 46.52 -33.47
C LEU B 252 5.06 47.37 -32.26
N THR B 253 4.41 47.14 -31.12
CA THR B 253 4.63 47.93 -29.91
C THR B 253 5.32 47.15 -28.80
N ALA B 254 4.84 45.94 -28.52
CA ALA B 254 5.35 45.19 -27.38
C ALA B 254 6.76 44.67 -27.63
N ALA B 255 7.56 44.64 -26.58
CA ALA B 255 8.91 44.10 -26.62
C ALA B 255 9.00 42.91 -25.67
N ASP B 256 9.83 41.95 -26.05
CA ASP B 256 9.97 40.73 -25.25
C ASP B 256 10.70 41.04 -23.95
N PRO B 257 10.13 40.67 -22.80
CA PRO B 257 10.78 41.03 -21.51
C PRO B 257 12.16 40.42 -21.34
N VAL B 258 12.40 39.22 -21.89
CA VAL B 258 13.69 38.56 -21.71
C VAL B 258 14.79 39.32 -22.46
N THR B 259 14.57 39.56 -23.76
CA THR B 259 15.59 40.20 -24.57
C THR B 259 15.51 41.72 -24.51
N GLY B 260 14.36 42.29 -24.16
CA GLY B 260 14.15 43.72 -24.22
C GLY B 260 13.90 44.25 -25.61
N ASP B 261 14.27 43.51 -26.66
CA ASP B 261 14.04 43.92 -28.03
C ASP B 261 12.61 43.61 -28.46
N LYS B 262 12.26 44.07 -29.64
CA LYS B 262 10.95 43.82 -30.24
C LYS B 262 11.13 43.11 -31.58
N LEU B 263 10.03 42.57 -32.09
CA LEU B 263 10.06 41.82 -33.34
C LEU B 263 10.36 42.75 -34.51
N ASP B 264 11.34 42.36 -35.32
CA ASP B 264 11.68 43.16 -36.50
C ASP B 264 10.62 42.99 -37.58
N ASN B 265 10.75 43.81 -38.63
CA ASN B 265 9.74 43.80 -39.69
C ASN B 265 9.66 42.44 -40.37
N ASN B 266 10.81 41.80 -40.62
CA ASN B 266 10.81 40.54 -41.35
C ASN B 266 10.03 39.46 -40.63
N ASN B 267 10.18 39.37 -39.30
CA ASN B 267 9.50 38.32 -38.56
C ASN B 267 8.01 38.62 -38.42
N ILE B 268 7.64 39.89 -38.26
CA ILE B 268 6.23 40.24 -38.17
C ILE B 268 5.50 39.81 -39.43
N GLY B 269 6.09 40.06 -40.60
CA GLY B 269 5.49 39.61 -41.84
C GLY B 269 5.37 38.09 -41.91
N ASN B 270 6.35 37.38 -41.36
CA ASN B 270 6.29 35.93 -41.31
C ASN B 270 5.18 35.44 -40.38
N GLN B 271 4.88 36.20 -39.33
CA GLN B 271 3.77 35.81 -38.46
C GLN B 271 2.42 36.10 -39.12
N ILE B 272 2.35 37.13 -39.96
CA ILE B 272 1.12 37.39 -40.71
C ILE B 272 0.77 36.19 -41.58
N LEU B 273 1.76 35.67 -42.31
CA LEU B 273 1.54 34.48 -43.12
C LEU B 273 1.26 33.26 -42.26
N THR B 274 1.97 33.15 -41.13
CA THR B 274 1.75 32.02 -40.22
C THR B 274 0.29 31.94 -39.79
N PHE B 275 -0.28 33.07 -39.36
CA PHE B 275 -1.67 33.08 -38.93
C PHE B 275 -2.62 32.74 -40.07
N LEU B 276 -2.24 33.06 -41.32
CA LEU B 276 -3.10 32.77 -42.45
C LEU B 276 -3.07 31.29 -42.82
N VAL B 277 -1.88 30.68 -42.85
CA VAL B 277 -1.80 29.29 -43.30
C VAL B 277 -2.17 28.31 -42.19
N ALA B 278 -1.99 28.70 -40.92
CA ALA B 278 -2.27 27.79 -39.81
C ALA B 278 -3.64 28.01 -39.18
N GLY B 279 -4.27 29.15 -39.44
CA GLY B 279 -5.55 29.44 -38.83
C GLY B 279 -6.72 29.30 -39.78
N SER B 280 -6.53 29.72 -41.04
CA SER B 280 -7.62 29.66 -42.01
C SER B 280 -7.90 28.22 -42.44
N GLU B 281 -6.87 27.52 -42.90
CA GLU B 281 -7.08 26.20 -43.49
C GLU B 281 -7.64 25.21 -42.47
N THR B 282 -7.09 25.22 -41.26
CA THR B 282 -7.54 24.26 -40.24
C THR B 282 -8.98 24.56 -39.81
N SER B 283 -9.24 25.82 -39.41
CA SER B 283 -10.56 26.16 -38.88
C SER B 283 -11.66 25.93 -39.91
N ALA B 284 -11.38 26.15 -41.19
CA ALA B 284 -12.41 26.05 -42.22
C ALA B 284 -12.86 24.61 -42.42
N ASN B 285 -11.93 23.66 -42.42
CA ASN B 285 -12.28 22.26 -42.64
C ASN B 285 -12.95 21.65 -41.42
N ALA B 286 -12.60 22.10 -40.22
CA ALA B 286 -13.32 21.65 -39.03
C ALA B 286 -14.77 22.10 -39.07
N ILE B 287 -15.01 23.35 -39.46
CA ILE B 287 -16.39 23.81 -39.66
C ILE B 287 -17.06 23.01 -40.76
N ALA B 288 -16.31 22.69 -41.82
CA ALA B 288 -16.88 21.93 -42.93
C ALA B 288 -17.29 20.53 -42.49
N PHE B 289 -16.40 19.85 -41.74
CA PHE B 289 -16.75 18.53 -41.22
C PHE B 289 -17.98 18.60 -40.32
N ALA B 290 -18.01 19.55 -39.39
CA ALA B 290 -19.14 19.69 -38.48
C ALA B 290 -20.43 19.91 -39.25
N LEU B 291 -20.38 20.74 -40.30
CA LEU B 291 -21.58 20.97 -41.10
C LEU B 291 -22.06 19.70 -41.79
N HIS B 292 -21.13 18.81 -42.16
CA HIS B 292 -21.53 17.57 -42.81
C HIS B 292 -22.30 16.67 -41.85
N PHE B 293 -21.83 16.54 -40.61
CA PHE B 293 -22.48 15.65 -39.66
C PHE B 293 -23.83 16.21 -39.21
N LEU B 294 -23.91 17.52 -38.97
CA LEU B 294 -25.18 18.13 -38.59
C LEU B 294 -26.21 17.99 -39.70
N ALA B 295 -25.76 18.04 -40.96
CA ALA B 295 -26.68 17.87 -42.07
C ALA B 295 -27.05 16.41 -42.29
N THR B 296 -26.31 15.48 -41.69
CA THR B 296 -26.51 14.05 -41.90
C THR B 296 -27.21 13.35 -40.75
N THR B 297 -26.93 13.74 -39.51
CA THR B 297 -27.54 13.11 -38.34
C THR B 297 -28.56 14.06 -37.73
N PRO B 298 -29.86 13.86 -37.98
CA PRO B 298 -30.85 14.81 -37.46
C PRO B 298 -30.94 14.87 -35.96
N ASP B 299 -30.68 13.76 -35.26
CA ASP B 299 -30.72 13.76 -33.80
C ASP B 299 -29.72 14.73 -33.21
N VAL B 300 -28.58 14.93 -33.88
CA VAL B 300 -27.58 15.88 -33.40
C VAL B 300 -27.96 17.30 -33.79
N ALA B 301 -28.50 17.48 -34.99
CA ALA B 301 -28.87 18.81 -35.44
C ALA B 301 -30.08 19.34 -34.68
N ALA B 302 -31.05 18.47 -34.39
CA ALA B 302 -32.25 18.91 -33.66
C ALA B 302 -31.89 19.39 -32.26
N GLN B 303 -31.00 18.68 -31.57
CA GLN B 303 -30.58 19.11 -30.25
C GLN B 303 -29.66 20.32 -30.33
N ALA B 304 -28.84 20.41 -31.38
CA ALA B 304 -27.91 21.52 -31.50
C ALA B 304 -28.66 22.83 -31.77
N ARG B 305 -29.63 22.80 -32.68
CA ARG B 305 -30.37 24.02 -32.99
C ARG B 305 -31.34 24.38 -31.87
N ALA B 306 -31.82 23.39 -31.12
CA ALA B 306 -32.64 23.67 -29.95
C ALA B 306 -31.86 24.37 -28.85
N GLU B 307 -30.53 24.30 -28.91
CA GLU B 307 -29.69 25.03 -27.96
C GLU B 307 -29.41 26.45 -28.40
N VAL B 308 -29.30 26.69 -29.71
CA VAL B 308 -29.04 28.04 -30.20
C VAL B 308 -30.33 28.82 -30.44
N ASP B 309 -31.44 28.13 -30.75
CA ASP B 309 -32.72 28.82 -30.86
C ASP B 309 -33.21 29.29 -29.50
N ALA B 310 -32.94 28.52 -28.45
CA ALA B 310 -33.30 28.96 -27.10
C ALA B 310 -32.34 30.02 -26.61
N MET B 311 -31.08 29.99 -27.03
CA MET B 311 -30.12 31.00 -26.62
C MET B 311 -30.43 32.35 -27.25
N TRP B 312 -30.98 32.36 -28.46
CA TRP B 312 -31.41 33.58 -29.13
C TRP B 312 -32.77 33.33 -29.74
N PRO B 313 -33.84 33.57 -28.99
CA PRO B 313 -35.19 33.25 -29.51
C PRO B 313 -35.58 34.06 -30.73
N GLY B 314 -35.05 35.27 -30.88
CA GLY B 314 -35.37 36.10 -32.03
C GLY B 314 -34.81 35.48 -33.30
N ARG B 315 -35.69 35.16 -34.26
CA ARG B 315 -35.28 34.50 -35.48
C ARG B 315 -34.40 35.39 -36.36
N THR B 316 -34.35 36.69 -36.09
CA THR B 316 -33.38 37.54 -36.76
C THR B 316 -31.97 37.13 -36.36
N PHE B 317 -30.98 37.69 -37.05
CA PHE B 317 -29.60 37.30 -36.83
C PHE B 317 -29.22 37.54 -35.37
N PRO B 318 -28.65 36.54 -34.68
CA PRO B 318 -28.35 36.71 -33.25
C PRO B 318 -27.26 37.75 -33.03
N ASP B 319 -27.32 38.40 -31.88
CA ASP B 319 -26.32 39.39 -31.46
C ASP B 319 -25.41 38.71 -30.45
N PHE B 320 -24.34 38.09 -30.95
CA PHE B 320 -23.38 37.44 -30.08
C PHE B 320 -22.57 38.47 -29.32
N GLN B 321 -22.64 38.44 -28.00
CA GLN B 321 -21.63 39.08 -27.16
C GLN B 321 -20.70 38.00 -26.63
N PHE B 322 -19.56 38.44 -26.06
CA PHE B 322 -18.44 37.53 -25.85
C PHE B 322 -18.82 36.36 -24.95
N ASP B 323 -19.21 36.64 -23.71
CA ASP B 323 -19.31 35.61 -22.69
C ASP B 323 -20.58 34.77 -22.79
N GLN B 324 -21.29 34.78 -23.92
CA GLN B 324 -22.37 33.84 -24.16
C GLN B 324 -22.02 32.82 -25.23
N ILE B 325 -20.80 32.87 -25.77
CA ILE B 325 -20.34 31.87 -26.71
C ILE B 325 -19.71 30.67 -26.00
N ALA B 326 -19.05 30.90 -24.85
CA ALA B 326 -18.47 29.83 -24.07
C ALA B 326 -19.50 29.02 -23.29
N LYS B 327 -20.79 29.34 -23.41
CA LYS B 327 -21.82 28.72 -22.60
C LYS B 327 -22.74 27.82 -23.42
N LEU B 328 -22.26 27.31 -24.55
CA LEU B 328 -23.00 26.33 -25.34
C LEU B 328 -22.26 25.00 -25.20
N ARG B 329 -22.66 24.22 -24.18
CA ARG B 329 -21.98 22.97 -23.88
C ARG B 329 -22.06 21.99 -25.05
N TYR B 330 -23.26 21.80 -25.61
CA TYR B 330 -23.43 20.78 -26.64
C TYR B 330 -22.81 21.21 -27.97
N LEU B 331 -22.81 22.51 -28.27
CA LEU B 331 -22.24 22.96 -29.54
C LEU B 331 -20.74 22.78 -29.57
N ARG B 332 -20.06 22.98 -28.43
CA ARG B 332 -18.63 22.68 -28.37
C ARG B 332 -18.36 21.19 -28.40
N LEU B 333 -19.33 20.36 -28.00
CA LEU B 333 -19.14 18.92 -28.06
C LEU B 333 -19.20 18.41 -29.49
N VAL B 334 -20.04 19.01 -30.34
CA VAL B 334 -20.05 18.66 -31.75
C VAL B 334 -18.72 19.00 -32.39
N ILE B 335 -18.17 20.17 -32.05
CA ILE B 335 -16.87 20.58 -32.57
C ILE B 335 -15.78 19.65 -32.06
N ASP B 336 -15.81 19.32 -30.77
CA ASP B 336 -14.80 18.42 -30.21
C ASP B 336 -14.91 17.02 -30.79
N GLU B 337 -16.13 16.57 -31.12
CA GLU B 337 -16.29 15.25 -31.69
C GLU B 337 -15.88 15.21 -33.15
N ALA B 338 -16.17 16.28 -33.90
CA ALA B 338 -15.74 16.35 -35.29
C ALA B 338 -14.22 16.37 -35.38
N LEU B 339 -13.56 17.02 -34.43
CA LEU B 339 -12.09 17.02 -34.39
C LEU B 339 -11.51 15.69 -33.93
N ARG B 340 -12.34 14.78 -33.42
CA ARG B 340 -11.86 13.44 -33.09
C ARG B 340 -11.90 12.54 -34.33
N LEU B 341 -13.06 12.45 -34.98
CA LEU B 341 -13.18 11.59 -36.15
C LEU B 341 -12.25 12.03 -37.28
N TRP B 342 -12.06 13.33 -37.42
CA TRP B 342 -11.24 13.89 -38.51
C TRP B 342 -10.42 15.05 -37.98
N PRO B 343 -9.26 14.77 -37.38
CA PRO B 343 -8.37 15.85 -36.95
C PRO B 343 -7.86 16.64 -38.15
N VAL B 344 -8.31 17.89 -38.29
CA VAL B 344 -7.93 18.68 -39.46
C VAL B 344 -6.41 18.82 -39.53
N ALA B 345 -5.76 18.99 -38.39
CA ALA B 345 -4.33 18.78 -38.31
C ALA B 345 -4.10 17.31 -37.97
N PRO B 346 -3.80 16.46 -38.95
CA PRO B 346 -3.83 15.02 -38.71
C PRO B 346 -2.69 14.50 -37.85
N GLY B 347 -1.76 15.34 -37.40
CA GLY B 347 -0.71 14.88 -36.53
C GLY B 347 0.33 15.96 -36.31
N TYR B 348 1.40 15.57 -35.64
CA TYR B 348 2.52 16.46 -35.37
C TYR B 348 3.78 15.63 -35.21
N PHE B 349 4.93 16.30 -35.22
CA PHE B 349 6.24 15.67 -35.17
C PHE B 349 6.91 15.95 -33.84
N ARG B 350 7.47 14.91 -33.22
CA ARG B 350 8.12 15.00 -31.93
C ARG B 350 9.53 14.41 -32.02
N GLN B 351 10.49 15.12 -31.45
CA GLN B 351 11.89 14.69 -31.46
C GLN B 351 12.39 14.50 -30.03
N ALA B 352 13.42 13.69 -29.90
CA ALA B 352 13.94 13.31 -28.59
C ALA B 352 15.03 14.30 -28.17
N LYS B 353 14.86 14.89 -26.97
CA LYS B 353 15.86 15.81 -26.45
C LYS B 353 17.16 15.09 -26.12
N GLN B 354 17.08 13.81 -25.77
CA GLN B 354 18.26 13.02 -25.47
C GLN B 354 17.98 11.58 -25.87
N ASP B 355 19.03 10.76 -25.88
CA ASP B 355 18.86 9.34 -26.11
C ASP B 355 17.91 8.77 -25.06
N THR B 356 16.80 8.19 -25.53
CA THR B 356 15.75 7.74 -24.63
C THR B 356 15.09 6.51 -25.25
N THR B 357 14.12 5.96 -24.53
CA THR B 357 13.36 4.80 -24.99
C THR B 357 11.90 5.00 -24.64
N ILE B 358 11.03 4.25 -25.34
CA ILE B 358 9.61 4.19 -25.03
C ILE B 358 9.18 2.74 -25.09
N GLY B 359 7.96 2.48 -24.62
CA GLY B 359 7.45 1.12 -24.60
C GLY B 359 8.21 0.21 -23.67
N GLU B 360 8.59 0.73 -22.50
CA GLU B 360 9.30 -0.04 -21.47
C GLU B 360 10.62 -0.60 -21.98
N GLY B 361 11.30 0.14 -22.86
CA GLY B 361 12.61 -0.25 -23.35
C GLY B 361 12.61 -1.01 -24.66
N ARG B 362 11.45 -1.21 -25.29
CA ARG B 362 11.41 -1.97 -26.53
C ARG B 362 11.97 -1.16 -27.69
N TYR B 363 11.62 0.13 -27.78
CA TYR B 363 11.97 0.96 -28.92
C TYR B 363 12.83 2.13 -28.44
N ALA B 364 14.09 2.15 -28.87
CA ALA B 364 15.04 3.18 -28.49
C ALA B 364 15.13 4.25 -29.56
N PHE B 365 15.51 5.46 -29.15
CA PHE B 365 15.60 6.60 -30.06
C PHE B 365 16.84 7.42 -29.73
N LYS B 366 17.69 7.60 -30.73
CA LYS B 366 18.82 8.52 -30.64
C LYS B 366 18.31 9.96 -30.43
N LYS B 367 19.17 10.80 -29.86
CA LYS B 367 18.84 12.21 -29.76
C LYS B 367 18.55 12.79 -31.14
N ASN B 368 17.59 13.70 -31.21
CA ASN B 368 17.11 14.38 -32.41
C ASN B 368 16.32 13.47 -33.35
N ASP B 369 16.20 12.18 -33.05
CA ASP B 369 15.32 11.32 -33.82
C ASP B 369 13.89 11.80 -33.69
N TRP B 370 13.17 11.83 -34.81
CA TRP B 370 11.81 12.35 -34.85
C TRP B 370 10.83 11.22 -35.14
N VAL B 371 9.62 11.36 -34.59
CA VAL B 371 8.52 10.46 -34.85
C VAL B 371 7.33 11.29 -35.30
N PHE B 372 6.37 10.63 -35.93
CA PHE B 372 5.12 11.25 -36.33
C PHE B 372 3.97 10.65 -35.53
N VAL B 373 3.21 11.52 -34.86
CA VAL B 373 2.07 11.08 -34.07
C VAL B 373 0.83 11.13 -34.96
N ASN B 374 0.24 9.97 -35.22
CA ASN B 374 -0.94 9.86 -36.08
C ASN B 374 -2.18 10.13 -35.24
N LEU B 375 -2.59 11.39 -35.18
CA LEU B 375 -3.77 11.75 -34.40
C LEU B 375 -5.03 11.14 -35.01
N HIS B 376 -5.10 11.02 -36.33
CA HIS B 376 -6.26 10.40 -36.95
C HIS B 376 -6.40 8.94 -36.53
N ALA B 377 -5.27 8.25 -36.31
CA ALA B 377 -5.34 6.88 -35.85
C ALA B 377 -5.55 6.80 -34.34
N ALA B 378 -4.93 7.72 -33.59
CA ALA B 378 -5.09 7.72 -32.14
C ALA B 378 -6.52 8.06 -31.74
N HIS B 379 -7.14 9.02 -32.43
CA HIS B 379 -8.50 9.41 -32.12
C HIS B 379 -9.52 8.36 -32.53
N THR B 380 -9.16 7.44 -33.44
CA THR B 380 -10.03 6.35 -33.84
C THR B 380 -9.62 5.02 -33.24
N HIS B 381 -8.73 5.03 -32.25
CA HIS B 381 -8.19 3.82 -31.66
C HIS B 381 -9.26 3.09 -30.86
N ARG B 382 -8.99 1.80 -30.59
CA ARG B 382 -9.90 1.00 -29.78
C ARG B 382 -10.08 1.55 -28.37
N SER B 383 -9.14 2.37 -27.90
CA SER B 383 -9.23 2.94 -26.56
C SER B 383 -10.39 3.91 -26.40
N TRP B 384 -11.10 4.26 -27.48
CA TRP B 384 -12.28 5.10 -27.42
C TRP B 384 -13.57 4.30 -27.33
N GLY B 385 -13.48 2.97 -27.29
CA GLY B 385 -14.66 2.14 -27.21
C GLY B 385 -14.93 1.39 -28.49
N PRO B 386 -15.90 0.46 -28.47
CA PRO B 386 -16.24 -0.30 -29.68
C PRO B 386 -16.99 0.52 -30.72
N ASP B 387 -17.36 1.77 -30.44
CA ASP B 387 -18.07 2.61 -31.39
C ASP B 387 -17.26 3.84 -31.74
N ALA B 388 -15.94 3.67 -31.88
CA ALA B 388 -15.06 4.80 -32.15
C ALA B 388 -15.26 5.39 -33.53
N ALA B 389 -15.85 4.64 -34.46
CA ALA B 389 -16.08 5.11 -35.82
C ALA B 389 -17.40 5.84 -35.98
N GLU B 390 -18.10 6.13 -34.87
CA GLU B 390 -19.41 6.75 -34.90
C GLU B 390 -19.34 8.17 -34.37
N PHE B 391 -20.28 9.00 -34.82
CA PHE B 391 -20.34 10.41 -34.47
C PHE B 391 -21.30 10.58 -33.30
N LYS B 392 -20.75 10.61 -32.09
CA LYS B 392 -21.54 10.75 -30.86
C LYS B 392 -20.95 11.91 -30.04
N PRO B 393 -21.49 13.11 -30.21
CA PRO B 393 -20.94 14.26 -29.47
C PRO B 393 -21.01 14.12 -27.96
N GLU B 394 -21.95 13.34 -27.44
CA GLU B 394 -22.07 13.16 -26.00
C GLU B 394 -20.88 12.45 -25.39
N ARG B 395 -20.12 11.70 -26.20
CA ARG B 395 -18.96 10.97 -25.67
C ARG B 395 -17.83 11.90 -25.27
N MET B 396 -17.82 13.14 -25.77
CA MET B 396 -16.76 14.09 -25.50
C MET B 396 -16.96 14.88 -24.22
N SER B 397 -17.97 14.52 -23.42
CA SER B 397 -18.19 15.20 -22.15
C SER B 397 -17.08 14.84 -21.16
N THR B 398 -16.91 15.68 -20.14
CA THR B 398 -15.86 15.45 -19.16
C THR B 398 -16.10 14.15 -18.38
N GLU B 399 -17.36 13.77 -18.17
CA GLU B 399 -17.65 12.55 -17.44
C GLU B 399 -17.41 11.31 -18.29
N ASN B 400 -17.89 11.33 -19.54
CA ASN B 400 -17.81 10.15 -20.39
C ASN B 400 -16.39 9.93 -20.92
N ARG B 401 -15.67 11.02 -21.24
CA ARG B 401 -14.34 10.89 -21.80
C ARG B 401 -13.38 10.20 -20.83
N ARG B 402 -13.31 10.70 -19.60
CA ARG B 402 -12.36 10.15 -18.64
C ARG B 402 -12.88 8.91 -17.92
N LYS B 403 -14.03 8.38 -18.36
CA LYS B 403 -14.41 7.02 -18.00
C LYS B 403 -13.56 5.99 -18.74
N LEU B 404 -13.01 6.35 -19.90
CA LEU B 404 -12.21 5.45 -20.71
C LEU B 404 -10.89 5.13 -20.01
N GLY B 405 -10.12 4.25 -20.63
CA GLY B 405 -8.78 3.97 -20.19
C GLY B 405 -7.81 4.97 -20.80
N PRO B 406 -6.55 4.57 -20.94
CA PRO B 406 -5.57 5.46 -21.60
C PRO B 406 -5.93 5.67 -23.06
N HIS B 407 -6.24 6.92 -23.41
CA HIS B 407 -6.61 7.28 -24.77
C HIS B 407 -6.00 8.64 -25.10
N ILE B 408 -6.14 9.03 -26.36
CA ILE B 408 -5.47 10.22 -26.90
C ILE B 408 -6.52 11.13 -27.52
N TYR B 409 -6.44 12.42 -27.20
CA TYR B 409 -7.26 13.45 -27.85
C TYR B 409 -6.48 14.76 -27.77
N LYS B 410 -5.67 15.03 -28.80
CA LYS B 410 -4.82 16.21 -28.86
C LYS B 410 -4.98 16.89 -30.21
N PRO B 411 -6.18 17.41 -30.53
CA PRO B 411 -6.37 18.06 -31.83
C PRO B 411 -5.64 19.38 -31.97
N PHE B 412 -5.04 19.90 -30.91
CA PHE B 412 -4.34 21.18 -30.94
C PHE B 412 -2.89 21.06 -30.51
N GLY B 413 -2.30 19.87 -30.62
CA GLY B 413 -0.91 19.69 -30.25
C GLY B 413 -0.74 19.46 -28.75
N VAL B 414 0.52 19.47 -28.34
CA VAL B 414 0.90 19.20 -26.95
C VAL B 414 2.05 20.10 -26.54
N GLY B 415 2.13 20.38 -25.24
CA GLY B 415 3.28 21.03 -24.67
C GLY B 415 3.39 22.52 -25.00
N GLU B 416 4.64 23.00 -24.90
CA GLU B 416 4.91 24.42 -25.04
C GLU B 416 4.54 24.93 -26.44
N ARG B 417 4.69 24.11 -27.46
CA ARG B 417 4.38 24.49 -28.83
C ARG B 417 3.09 23.85 -29.32
N ALA B 418 2.07 23.84 -28.46
CA ALA B 418 0.73 23.46 -28.89
C ALA B 418 0.10 24.63 -29.64
N CYS B 419 -1.14 24.44 -30.10
CA CYS B 419 -1.80 25.48 -30.88
C CYS B 419 -2.03 26.74 -30.04
N ILE B 420 -1.34 27.83 -30.39
CA ILE B 420 -1.53 29.09 -29.69
C ILE B 420 -2.87 29.72 -30.03
N GLY B 421 -3.43 29.39 -31.19
CA GLY B 421 -4.71 29.95 -31.59
C GLY B 421 -5.89 29.05 -31.26
N ARG B 422 -5.69 28.17 -30.26
CA ARG B 422 -6.76 27.25 -29.86
C ARG B 422 -8.00 28.01 -29.42
N GLN B 423 -7.82 29.04 -28.58
CA GLN B 423 -8.97 29.82 -28.12
C GLN B 423 -9.60 30.58 -29.28
N PHE B 424 -8.79 31.10 -30.20
CA PHE B 424 -9.33 31.82 -31.35
C PHE B 424 -10.11 30.88 -32.26
N ALA B 425 -9.55 29.70 -32.53
CA ALA B 425 -10.21 28.76 -33.44
C ALA B 425 -11.54 28.28 -32.88
N GLN B 426 -11.55 27.87 -31.61
CA GLN B 426 -12.78 27.36 -31.02
C GLN B 426 -13.83 28.47 -30.89
N HIS B 427 -13.40 29.72 -30.70
CA HIS B 427 -14.35 30.81 -30.59
C HIS B 427 -15.02 31.11 -31.93
N GLU B 428 -14.23 31.16 -33.00
CA GLU B 428 -14.79 31.44 -34.32
C GLU B 428 -15.58 30.25 -34.86
N MET B 429 -15.24 29.03 -34.42
CA MET B 429 -15.97 27.85 -34.89
C MET B 429 -17.36 27.77 -34.27
N VAL B 430 -17.52 28.24 -33.04
CA VAL B 430 -18.83 28.20 -32.38
C VAL B 430 -19.75 29.25 -32.98
N ILE B 431 -19.25 30.48 -33.15
CA ILE B 431 -20.08 31.55 -33.69
C ILE B 431 -20.51 31.24 -35.11
N ALA B 432 -19.60 30.71 -35.93
CA ALA B 432 -19.93 30.38 -37.30
C ALA B 432 -20.97 29.26 -37.37
N LEU B 433 -20.82 28.24 -36.53
CA LEU B 433 -21.78 27.15 -36.53
C LEU B 433 -23.11 27.57 -35.90
N ALA B 434 -23.07 28.43 -34.87
CA ALA B 434 -24.30 28.92 -34.28
C ALA B 434 -25.13 29.69 -35.29
N ALA B 435 -24.50 30.62 -36.00
CA ALA B 435 -25.22 31.44 -36.96
C ALA B 435 -25.85 30.60 -38.06
N ILE B 436 -25.16 29.55 -38.51
CA ILE B 436 -25.70 28.70 -39.56
C ILE B 436 -26.85 27.87 -39.02
N LEU B 437 -26.71 27.34 -37.80
CA LEU B 437 -27.81 26.58 -37.19
C LEU B 437 -29.00 27.48 -36.90
N HIS B 438 -28.76 28.77 -36.67
CA HIS B 438 -29.81 29.69 -36.27
C HIS B 438 -30.51 30.36 -37.45
N GLN B 439 -29.85 30.44 -38.61
CA GLN B 439 -30.41 31.14 -39.76
C GLN B 439 -30.80 30.23 -40.91
N PHE B 440 -30.21 29.04 -41.02
CA PHE B 440 -30.47 28.16 -42.14
C PHE B 440 -30.72 26.74 -41.66
N GLU B 441 -31.27 25.92 -42.55
CA GLU B 441 -31.36 24.49 -42.36
C GLU B 441 -30.51 23.80 -43.43
N LEU B 442 -29.89 22.69 -43.06
CA LEU B 442 -28.88 22.04 -43.89
C LEU B 442 -29.49 20.82 -44.57
N GLU B 443 -29.43 20.80 -45.90
CA GLU B 443 -29.87 19.65 -46.68
C GLU B 443 -28.68 18.97 -47.32
N PRO B 444 -28.42 17.70 -47.03
CA PRO B 444 -27.30 17.00 -47.68
C PRO B 444 -27.71 16.53 -49.07
N ARG B 445 -26.70 16.12 -49.83
CA ARG B 445 -26.98 15.57 -51.15
C ARG B 445 -27.27 14.08 -51.02
N PRO B 446 -28.38 13.59 -51.60
CA PRO B 446 -28.78 12.20 -51.35
C PRO B 446 -27.79 11.20 -51.91
N GLY B 447 -27.34 10.29 -51.04
CA GLY B 447 -26.39 9.26 -51.42
C GLY B 447 -24.94 9.64 -51.26
N TYR B 448 -24.64 10.88 -50.91
CA TYR B 448 -23.25 11.32 -50.79
C TYR B 448 -22.59 10.64 -49.59
N GLU B 449 -21.59 9.81 -49.86
CA GLU B 449 -20.77 9.23 -48.81
C GLU B 449 -19.53 10.12 -48.60
N LEU B 450 -19.11 10.23 -47.35
CA LEU B 450 -18.04 11.16 -47.00
C LEU B 450 -16.69 10.63 -47.49
N LYS B 451 -16.01 11.43 -48.30
CA LYS B 451 -14.65 11.17 -48.73
C LYS B 451 -13.77 12.33 -48.28
N VAL B 452 -12.58 12.02 -47.79
CA VAL B 452 -11.69 13.02 -47.20
C VAL B 452 -10.41 13.06 -48.01
N SER B 453 -10.17 14.18 -48.68
CA SER B 453 -8.88 14.44 -49.30
C SER B 453 -7.97 15.12 -48.28
N GLU B 454 -6.67 15.12 -48.57
CA GLU B 454 -5.72 15.73 -47.65
C GLU B 454 -4.52 16.29 -48.40
N THR B 455 -4.16 17.53 -48.08
CA THR B 455 -2.90 18.11 -48.49
C THR B 455 -2.08 18.27 -47.23
N LEU B 456 -2.00 19.46 -46.63
CA LEU B 456 -1.44 19.63 -45.30
C LEU B 456 -2.49 19.50 -44.20
N THR B 457 -3.77 19.51 -44.56
CA THR B 457 -4.87 19.31 -43.63
C THR B 457 -5.87 18.33 -44.23
N LEU B 458 -6.68 17.74 -43.37
CA LEU B 458 -7.79 16.92 -43.84
C LEU B 458 -8.95 17.81 -44.25
N LYS B 459 -9.58 17.46 -45.37
CA LYS B 459 -10.62 18.30 -45.94
C LYS B 459 -11.72 17.45 -46.57
N PRO B 460 -12.99 17.73 -46.27
CA PRO B 460 -14.07 17.03 -46.97
C PRO B 460 -14.04 17.36 -48.45
N SER B 461 -14.08 16.33 -49.29
CA SER B 461 -14.00 16.49 -50.73
C SER B 461 -15.40 16.39 -51.33
N ASP B 462 -15.72 17.32 -52.24
CA ASP B 462 -16.99 17.34 -52.95
C ASP B 462 -18.17 17.42 -51.97
N LEU B 463 -18.05 18.31 -50.99
CA LEU B 463 -19.07 18.51 -49.96
C LEU B 463 -19.99 19.65 -50.39
N GLN B 464 -21.21 19.31 -50.77
CA GLN B 464 -22.21 20.29 -51.19
C GLN B 464 -23.41 20.25 -50.26
N LEU B 465 -23.94 21.42 -49.94
CA LEU B 465 -25.15 21.54 -49.13
C LEU B 465 -26.07 22.58 -49.75
N ARG B 466 -27.37 22.35 -49.62
CA ARG B 466 -28.39 23.28 -50.05
C ARG B 466 -29.11 23.86 -48.84
N LEU B 467 -29.36 25.16 -48.86
CA LEU B 467 -29.92 25.88 -47.73
C LEU B 467 -31.32 26.36 -48.04
N ARG B 468 -32.21 26.24 -47.05
CA ARG B 468 -33.52 26.87 -47.08
C ARG B 468 -33.67 27.75 -45.85
N ASN B 469 -34.15 28.97 -46.05
CA ASN B 469 -34.33 29.89 -44.93
C ASN B 469 -35.42 29.37 -43.99
N ARG B 470 -35.14 29.47 -42.70
CA ARG B 470 -36.05 28.94 -41.68
C ARG B 470 -37.37 29.71 -41.65
N ASP C 26 -42.60 -54.51 1.11
CA ASP C 26 -42.65 -53.05 1.03
C ASP C 26 -42.77 -52.59 -0.42
N LEU C 27 -43.91 -51.98 -0.76
CA LEU C 27 -44.22 -51.57 -2.11
C LEU C 27 -44.19 -50.06 -2.23
N LEU C 28 -43.61 -49.56 -3.32
CA LEU C 28 -43.48 -48.14 -3.55
C LEU C 28 -43.49 -47.86 -5.05
N SER C 29 -44.20 -46.80 -5.45
CA SER C 29 -44.26 -46.36 -6.84
C SER C 29 -43.24 -45.26 -7.06
N VAL C 30 -42.46 -45.38 -8.14
CA VAL C 30 -41.43 -44.41 -8.49
C VAL C 30 -41.66 -43.94 -9.91
N ASP C 31 -41.32 -42.68 -10.18
CA ASP C 31 -41.62 -42.08 -11.47
C ASP C 31 -40.57 -42.44 -12.52
N PHE C 32 -39.29 -42.33 -12.18
CA PHE C 32 -38.18 -42.66 -13.09
C PHE C 32 -38.17 -41.83 -14.37
N ALA C 33 -39.17 -40.95 -14.55
CA ALA C 33 -39.15 -40.05 -15.71
C ALA C 33 -37.89 -39.20 -15.70
N THR C 34 -37.47 -38.75 -14.52
CA THR C 34 -36.14 -38.23 -14.28
C THR C 34 -35.35 -39.35 -13.62
N PRO C 35 -34.45 -40.04 -14.34
CA PRO C 35 -33.90 -41.31 -13.83
C PRO C 35 -33.18 -41.24 -12.49
N VAL C 36 -32.14 -40.41 -12.37
CA VAL C 36 -31.32 -40.46 -11.16
C VAL C 36 -32.08 -40.03 -9.92
N GLN C 37 -33.16 -39.25 -10.07
CA GLN C 37 -34.00 -38.93 -8.92
C GLN C 37 -34.87 -40.12 -8.54
N GLY C 38 -35.43 -40.81 -9.54
CA GLY C 38 -36.18 -42.02 -9.25
C GLY C 38 -35.33 -43.08 -8.56
N LEU C 39 -34.06 -43.16 -8.92
CA LEU C 39 -33.15 -44.09 -8.25
C LEU C 39 -32.93 -43.69 -6.80
N THR C 40 -32.80 -42.39 -6.53
CA THR C 40 -32.61 -41.93 -5.16
C THR C 40 -33.80 -42.30 -4.29
N ARG C 41 -35.02 -42.00 -4.76
CA ARG C 41 -36.22 -42.37 -4.01
C ARG C 41 -36.34 -43.88 -3.88
N GLU C 42 -35.94 -44.62 -4.91
CA GLU C 42 -36.02 -46.08 -4.85
C GLU C 42 -34.99 -46.65 -3.89
N GLY C 43 -33.85 -45.98 -3.71
CA GLY C 43 -32.81 -46.47 -2.82
C GLY C 43 -33.19 -46.46 -1.35
N ARG C 44 -34.12 -45.60 -0.96
CA ARG C 44 -34.55 -45.54 0.44
C ARG C 44 -35.21 -46.83 0.89
N ARG C 45 -35.75 -47.63 -0.05
CA ARG C 45 -36.34 -48.91 0.30
C ARG C 45 -35.29 -49.99 0.56
N HIS C 46 -34.07 -49.80 0.07
CA HIS C 46 -32.97 -50.72 0.28
C HIS C 46 -31.94 -50.09 1.22
N ASP C 47 -30.79 -50.76 1.36
CA ASP C 47 -29.77 -50.33 2.32
C ASP C 47 -28.40 -50.37 1.63
N GLY C 48 -28.21 -49.48 0.65
CA GLY C 48 -26.91 -49.25 0.05
C GLY C 48 -26.76 -49.75 -1.38
N ILE C 49 -27.55 -50.72 -1.80
CA ILE C 49 -27.34 -51.35 -3.10
C ILE C 49 -28.63 -52.03 -3.52
N PHE C 50 -28.94 -51.95 -4.81
CA PHE C 50 -30.12 -52.56 -5.39
C PHE C 50 -29.97 -52.55 -6.91
N GLU C 51 -30.74 -53.39 -7.58
CA GLU C 51 -30.78 -53.42 -9.04
C GLU C 51 -32.12 -52.92 -9.53
N GLN C 52 -32.11 -52.15 -10.61
CA GLN C 52 -33.31 -51.50 -11.11
C GLN C 52 -33.26 -51.42 -12.63
N CYS C 53 -34.37 -51.75 -13.28
CA CYS C 53 -34.48 -51.66 -14.73
C CYS C 53 -34.96 -50.26 -15.10
N ILE C 54 -34.10 -49.49 -15.77
CA ILE C 54 -34.47 -48.18 -16.29
C ILE C 54 -34.08 -48.13 -17.77
N GLY C 55 -35.04 -47.75 -18.61
CA GLY C 55 -34.79 -47.63 -20.03
C GLY C 55 -34.36 -48.92 -20.71
N ASP C 56 -33.12 -48.93 -21.22
CA ASP C 56 -32.62 -50.03 -22.01
C ASP C 56 -31.81 -51.05 -21.21
N PHE C 57 -31.51 -50.79 -19.94
CA PHE C 57 -30.62 -51.65 -19.20
C PHE C 57 -31.06 -51.74 -17.74
N ARG C 58 -30.80 -52.90 -17.15
CA ARG C 58 -30.87 -53.07 -15.71
C ARG C 58 -29.49 -52.76 -15.13
N VAL C 59 -29.46 -51.89 -14.13
CA VAL C 59 -28.21 -51.41 -13.56
C VAL C 59 -28.29 -51.53 -12.04
N VAL C 60 -27.25 -52.05 -11.43
CA VAL C 60 -27.16 -52.08 -9.97
C VAL C 60 -26.65 -50.73 -9.48
N VAL C 61 -27.30 -50.19 -8.45
CA VAL C 61 -27.05 -48.84 -7.99
C VAL C 61 -26.47 -48.90 -6.58
N VAL C 62 -25.31 -48.29 -6.38
CA VAL C 62 -24.69 -48.18 -5.07
C VAL C 62 -24.90 -46.76 -4.59
N ASP C 63 -25.59 -46.61 -3.45
CA ASP C 63 -25.86 -45.30 -2.88
C ASP C 63 -25.53 -45.20 -1.40
N GLY C 64 -25.08 -46.29 -0.78
CA GLY C 64 -24.70 -46.27 0.62
C GLY C 64 -23.24 -45.93 0.81
N PRO C 65 -22.96 -45.02 1.76
CA PRO C 65 -21.58 -44.56 1.93
C PRO C 65 -20.61 -45.67 2.28
N GLU C 66 -21.05 -46.66 3.05
CA GLU C 66 -20.17 -47.78 3.39
C GLU C 66 -19.77 -48.58 2.15
N LEU C 67 -20.65 -48.63 1.15
CA LEU C 67 -20.40 -49.41 -0.05
C LEU C 67 -19.72 -48.59 -1.15
N ILE C 68 -20.08 -47.31 -1.27
CA ILE C 68 -19.43 -46.44 -2.25
C ILE C 68 -17.94 -46.32 -1.95
N GLU C 69 -17.58 -46.17 -0.67
CA GLU C 69 -16.18 -46.16 -0.26
C GLU C 69 -15.44 -47.36 -0.80
N GLU C 70 -16.04 -48.55 -0.68
CA GLU C 70 -15.42 -49.76 -1.19
C GLU C 70 -15.55 -49.89 -2.69
N ILE C 71 -16.49 -49.18 -3.31
CA ILE C 71 -16.55 -49.11 -4.77
C ILE C 71 -15.48 -48.18 -5.30
N ASN C 72 -15.19 -47.10 -4.57
CA ASN C 72 -14.14 -46.15 -4.95
C ASN C 72 -12.74 -46.65 -4.61
N ASN C 73 -12.49 -47.95 -4.73
CA ASN C 73 -11.20 -48.52 -4.41
C ASN C 73 -10.40 -48.72 -5.68
N PRO C 74 -9.28 -48.00 -5.88
CA PRO C 74 -8.53 -48.14 -7.14
C PRO C 74 -7.90 -49.50 -7.34
N GLN C 75 -7.73 -50.28 -6.28
CA GLN C 75 -7.06 -51.58 -6.40
C GLN C 75 -7.95 -52.59 -7.11
N LEU C 76 -9.25 -52.55 -6.85
CA LEU C 76 -10.18 -53.54 -7.40
C LEU C 76 -11.25 -52.96 -8.32
N TRP C 77 -11.44 -51.64 -8.33
CA TRP C 77 -12.47 -51.01 -9.14
C TRP C 77 -11.87 -49.86 -9.93
N GLU C 78 -12.32 -49.71 -11.17
CA GLU C 78 -11.90 -48.64 -12.06
C GLU C 78 -13.12 -48.05 -12.74
N LYS C 79 -12.89 -46.96 -13.47
CA LYS C 79 -13.98 -46.32 -14.20
C LYS C 79 -14.55 -47.27 -15.25
N ASN C 80 -15.88 -47.31 -15.32
CA ASN C 80 -16.59 -48.00 -16.38
C ASN C 80 -17.17 -46.98 -17.34
N VAL C 81 -17.07 -47.26 -18.64
CA VAL C 81 -17.69 -46.43 -19.66
C VAL C 81 -19.16 -46.84 -19.72
N GLY C 82 -20.03 -46.08 -19.06
CA GLY C 82 -21.43 -46.41 -18.97
C GLY C 82 -22.13 -46.38 -20.32
N PRO C 83 -23.40 -46.79 -20.33
CA PRO C 83 -24.13 -46.82 -21.61
C PRO C 83 -24.23 -45.46 -22.27
N THR C 84 -24.53 -44.41 -21.50
CA THR C 84 -24.58 -43.06 -22.07
C THR C 84 -23.20 -42.63 -22.54
N LEU C 85 -22.15 -42.98 -21.80
CA LEU C 85 -20.80 -42.63 -22.20
C LEU C 85 -20.40 -43.32 -23.50
N HIS C 86 -20.77 -44.60 -23.65
CA HIS C 86 -20.42 -45.33 -24.86
C HIS C 86 -21.11 -44.73 -26.08
N LYS C 87 -22.31 -44.18 -25.92
CA LYS C 87 -22.96 -43.51 -27.04
C LYS C 87 -22.24 -42.21 -27.39
N LEU C 88 -21.71 -41.51 -26.40
CA LEU C 88 -20.96 -40.29 -26.65
C LEU C 88 -19.64 -40.54 -27.36
N ARG C 89 -19.25 -41.80 -27.53
CA ARG C 89 -18.07 -42.11 -28.34
C ARG C 89 -18.24 -41.65 -29.78
N SER C 90 -19.48 -41.68 -30.29
CA SER C 90 -19.75 -41.24 -31.66
C SER C 90 -19.42 -39.76 -31.86
N VAL C 91 -19.38 -38.98 -30.78
CA VAL C 91 -19.08 -37.56 -30.86
C VAL C 91 -17.67 -37.24 -30.37
N ALA C 92 -17.30 -37.80 -29.21
CA ALA C 92 -16.01 -37.48 -28.59
C ALA C 92 -14.94 -38.53 -28.85
N GLY C 93 -15.31 -39.71 -29.34
CA GLY C 93 -14.29 -40.70 -29.67
C GLY C 93 -13.51 -41.12 -28.45
N ASP C 94 -12.18 -41.18 -28.61
CA ASP C 94 -11.28 -41.60 -27.53
C ASP C 94 -10.79 -40.41 -26.69
N GLY C 95 -11.58 -39.35 -26.59
CA GLY C 95 -11.25 -38.28 -25.68
C GLY C 95 -11.22 -38.75 -24.24
N MET C 96 -10.62 -37.94 -23.37
CA MET C 96 -10.39 -38.34 -21.99
C MET C 96 -11.68 -38.78 -21.31
N PHE C 97 -12.80 -38.12 -21.62
CA PHE C 97 -14.04 -38.40 -20.91
C PHE C 97 -14.66 -39.72 -21.37
N THR C 98 -14.53 -40.04 -22.66
CA THR C 98 -15.19 -41.19 -23.23
C THR C 98 -14.25 -42.34 -23.60
N ALA C 99 -12.93 -42.14 -23.49
CA ALA C 99 -12.00 -43.19 -23.84
C ALA C 99 -12.13 -44.38 -22.88
N TYR C 100 -11.75 -45.55 -23.37
CA TYR C 100 -11.61 -46.70 -22.50
C TYR C 100 -10.32 -46.60 -21.70
N ASN C 101 -10.26 -47.33 -20.59
CA ASN C 101 -9.08 -47.27 -19.72
C ASN C 101 -7.84 -47.75 -20.45
N SER C 102 -7.97 -48.75 -21.33
CA SER C 102 -6.81 -49.36 -21.96
C SER C 102 -6.40 -48.68 -23.24
N GLU C 103 -7.24 -47.83 -23.82
CA GLU C 103 -6.86 -47.11 -25.03
C GLU C 103 -5.68 -46.20 -24.74
N GLU C 104 -4.68 -46.23 -25.61
CA GLU C 104 -3.46 -45.46 -25.39
C GLU C 104 -3.70 -43.96 -25.41
N ASN C 105 -4.76 -43.49 -26.08
CA ASN C 105 -4.99 -42.06 -26.18
C ASN C 105 -5.47 -41.45 -24.86
N TRP C 106 -5.98 -42.26 -23.93
CA TRP C 106 -6.37 -41.68 -22.64
C TRP C 106 -5.15 -41.23 -21.84
N ARG C 107 -4.26 -42.17 -21.51
CA ARG C 107 -3.13 -41.81 -20.66
C ARG C 107 -2.14 -40.90 -21.36
N LYS C 108 -2.05 -40.98 -22.69
CA LYS C 108 -1.31 -39.98 -23.44
C LYS C 108 -1.88 -38.59 -23.18
N ALA C 109 -3.19 -38.42 -23.41
CA ALA C 109 -3.82 -37.12 -23.18
C ALA C 109 -3.82 -36.76 -21.71
N HIS C 110 -4.03 -37.75 -20.83
CA HIS C 110 -4.04 -37.49 -19.39
C HIS C 110 -2.69 -36.95 -18.94
N GLU C 111 -1.61 -37.60 -19.37
CA GLU C 111 -0.27 -37.15 -18.98
C GLU C 111 0.04 -35.78 -19.56
N ILE C 112 -0.26 -35.58 -20.84
CA ILE C 112 0.09 -34.32 -21.50
C ILE C 112 -0.73 -33.16 -20.94
N LEU C 113 -2.02 -33.38 -20.69
CA LEU C 113 -2.91 -32.30 -20.29
C LEU C 113 -2.92 -32.03 -18.80
N THR C 114 -2.37 -32.92 -17.97
CA THR C 114 -2.32 -32.67 -16.53
C THR C 114 -1.61 -31.36 -16.18
N PRO C 115 -0.44 -31.02 -16.75
CA PRO C 115 0.16 -29.72 -16.42
C PRO C 115 -0.69 -28.52 -16.83
N ALA C 116 -1.66 -28.71 -17.73
CA ALA C 116 -2.50 -27.61 -18.20
C ALA C 116 -3.71 -27.35 -17.31
N PHE C 117 -3.88 -28.13 -16.23
CA PHE C 117 -5.04 -27.98 -15.36
C PHE C 117 -4.62 -27.82 -13.89
N THR C 118 -3.36 -27.52 -13.63
CA THR C 118 -2.92 -27.22 -12.28
C THR C 118 -3.35 -25.79 -11.90
N LYS C 119 -3.11 -25.44 -10.63
CA LYS C 119 -3.44 -24.10 -10.18
C LYS C 119 -2.48 -23.05 -10.75
N GLU C 120 -1.23 -23.44 -10.99
CA GLU C 120 -0.30 -22.53 -11.66
C GLU C 120 -0.77 -22.20 -13.06
N ALA C 121 -1.37 -23.18 -13.75
CA ALA C 121 -1.94 -22.94 -15.06
C ALA C 121 -3.22 -22.13 -14.99
N MET C 122 -3.85 -22.05 -13.80
CA MET C 122 -5.07 -21.26 -13.67
C MET C 122 -4.76 -19.76 -13.70
N SER C 123 -3.57 -19.36 -13.25
CA SER C 123 -3.16 -17.97 -13.40
C SER C 123 -2.94 -17.60 -14.87
N THR C 124 -2.70 -18.59 -15.73
CA THR C 124 -2.64 -18.33 -17.16
C THR C 124 -4.02 -17.98 -17.71
N TYR C 125 -5.05 -18.72 -17.28
CA TYR C 125 -6.40 -18.55 -17.79
C TYR C 125 -7.18 -17.45 -17.07
N HIS C 126 -6.67 -16.94 -15.95
CA HIS C 126 -7.48 -16.05 -15.10
C HIS C 126 -7.89 -14.79 -15.84
N GLN C 127 -6.96 -14.17 -16.57
CA GLN C 127 -7.28 -12.91 -17.23
C GLN C 127 -8.40 -13.08 -18.25
N ARG C 128 -8.39 -14.19 -18.98
CA ARG C 128 -9.39 -14.41 -20.02
C ARG C 128 -10.74 -14.83 -19.45
N ILE C 129 -10.75 -15.49 -18.30
CA ILE C 129 -12.01 -15.86 -17.65
C ILE C 129 -12.75 -14.61 -17.18
N ALA C 130 -12.02 -13.71 -16.51
CA ALA C 130 -12.65 -12.48 -16.02
C ALA C 130 -13.17 -11.63 -17.17
N ALA C 131 -12.41 -11.55 -18.26
CA ALA C 131 -12.85 -10.78 -19.41
C ALA C 131 -14.09 -11.38 -20.06
N THR C 132 -14.22 -12.71 -20.05
CA THR C 132 -15.40 -13.35 -20.60
C THR C 132 -16.61 -13.12 -19.70
N VAL C 133 -16.44 -13.28 -18.38
CA VAL C 133 -17.51 -12.94 -17.45
C VAL C 133 -17.84 -11.46 -17.55
N ARG C 134 -16.84 -10.62 -17.82
CA ARG C 134 -17.11 -9.19 -18.04
C ARG C 134 -18.03 -8.98 -19.23
N GLU C 135 -17.93 -9.83 -20.26
CA GLU C 135 -18.81 -9.69 -21.41
C GLU C 135 -20.25 -10.06 -21.07
N LEU C 136 -20.44 -11.01 -20.15
CA LEU C 136 -21.80 -11.38 -19.75
C LEU C 136 -22.45 -10.28 -18.94
N ILE C 137 -21.70 -9.67 -18.02
CA ILE C 137 -22.25 -8.59 -17.20
C ILE C 137 -22.68 -7.42 -18.08
N ASP C 138 -21.88 -7.11 -19.10
CA ASP C 138 -22.27 -6.08 -20.06
C ASP C 138 -23.55 -6.47 -20.79
N ALA C 139 -23.67 -7.75 -21.15
CA ALA C 139 -24.87 -8.21 -21.85
C ALA C 139 -26.06 -8.27 -20.90
N TRP C 140 -25.83 -8.67 -19.65
CA TRP C 140 -26.92 -8.75 -18.68
C TRP C 140 -27.36 -7.39 -18.16
N ASN C 141 -26.51 -6.36 -18.28
CA ASN C 141 -26.94 -5.02 -17.90
C ASN C 141 -27.93 -4.45 -18.90
N THR C 142 -27.82 -4.87 -20.17
CA THR C 142 -28.86 -4.53 -21.14
C THR C 142 -30.19 -5.15 -20.75
N ARG C 143 -30.16 -6.37 -20.19
CA ARG C 143 -31.38 -6.99 -19.71
C ARG C 143 -31.94 -6.31 -18.48
N ALA C 144 -31.07 -5.64 -17.71
CA ALA C 144 -31.54 -4.91 -16.53
C ALA C 144 -32.26 -3.62 -16.92
N GLN C 145 -31.86 -3.02 -18.04
CA GLN C 145 -32.55 -1.82 -18.51
C GLN C 145 -33.87 -2.14 -19.20
N ASN C 146 -33.96 -3.30 -19.84
CA ASN C 146 -35.21 -3.76 -20.44
C ASN C 146 -36.08 -4.55 -19.45
N ASN C 147 -35.52 -4.96 -18.31
CA ASN C 147 -36.25 -5.62 -17.24
C ASN C 147 -37.01 -6.85 -17.75
N SER C 148 -36.27 -7.74 -18.41
CA SER C 148 -36.81 -9.01 -18.87
C SER C 148 -36.27 -10.15 -18.02
N TRP C 149 -37.02 -11.26 -17.99
CA TRP C 149 -36.63 -12.43 -17.23
C TRP C 149 -35.71 -13.31 -18.07
N ILE C 150 -34.54 -13.62 -17.51
CA ILE C 150 -33.48 -14.29 -18.25
C ILE C 150 -33.54 -15.79 -17.97
N ASP C 151 -33.29 -16.59 -19.00
CA ASP C 151 -33.14 -18.03 -18.85
C ASP C 151 -31.72 -18.30 -18.34
N ILE C 152 -31.59 -18.42 -17.02
CA ILE C 152 -30.25 -18.57 -16.44
C ILE C 152 -29.55 -19.84 -16.91
N PRO C 153 -30.18 -21.03 -16.92
CA PRO C 153 -29.47 -22.21 -17.46
C PRO C 153 -29.03 -22.04 -18.90
N ALA C 154 -29.79 -21.33 -19.72
CA ALA C 154 -29.40 -21.13 -21.11
C ALA C 154 -28.30 -20.09 -21.25
N GLU C 155 -28.26 -19.10 -20.37
CA GLU C 155 -27.27 -18.04 -20.48
C GLU C 155 -25.93 -18.44 -19.86
N THR C 156 -25.97 -19.16 -18.74
CA THR C 156 -24.72 -19.66 -18.17
C THR C 156 -24.09 -20.72 -19.06
N ASN C 157 -24.91 -21.46 -19.82
CA ASN C 157 -24.36 -22.38 -20.81
C ASN C 157 -23.66 -21.62 -21.93
N ARG C 158 -24.18 -20.45 -22.30
CA ARG C 158 -23.51 -19.60 -23.27
C ARG C 158 -22.24 -19.00 -22.69
N LEU C 159 -22.21 -18.77 -21.38
CA LEU C 159 -21.03 -18.20 -20.74
C LEU C 159 -19.91 -19.24 -20.63
N THR C 160 -20.24 -20.43 -20.11
CA THR C 160 -19.21 -21.44 -19.86
C THR C 160 -18.65 -22.00 -21.16
N ILE C 161 -19.43 -22.02 -22.24
CA ILE C 161 -18.89 -22.40 -23.54
C ILE C 161 -17.82 -21.40 -23.97
N GLU C 162 -18.07 -20.10 -23.78
CA GLU C 162 -17.09 -19.10 -24.18
C GLU C 162 -15.91 -19.05 -23.20
N ILE C 163 -16.14 -19.35 -21.92
CA ILE C 163 -15.04 -19.36 -20.96
C ILE C 163 -14.02 -20.42 -21.33
N ILE C 164 -14.47 -21.64 -21.60
CA ILE C 164 -13.56 -22.73 -21.88
C ILE C 164 -12.94 -22.58 -23.27
N SER C 165 -13.70 -22.07 -24.24
CA SER C 165 -13.17 -21.95 -25.59
C SER C 165 -12.17 -20.82 -25.71
N ARG C 166 -12.33 -19.76 -24.92
CA ARG C 166 -11.42 -18.61 -25.01
C ARG C 166 -10.26 -18.70 -24.03
N ALA C 167 -10.46 -19.31 -22.86
CA ALA C 167 -9.35 -19.49 -21.94
C ALA C 167 -8.53 -20.73 -22.28
N GLY C 168 -9.16 -21.74 -22.86
CA GLY C 168 -8.47 -22.98 -23.18
C GLY C 168 -7.91 -23.03 -24.59
N PHE C 169 -8.59 -22.39 -25.54
CA PHE C 169 -8.16 -22.43 -26.93
C PHE C 169 -8.00 -21.04 -27.56
N ASP C 170 -8.33 -19.98 -26.84
CA ASP C 170 -8.28 -18.62 -27.38
C ASP C 170 -9.07 -18.51 -28.67
N TYR C 171 -10.32 -19.00 -28.62
CA TYR C 171 -11.22 -18.97 -29.77
C TYR C 171 -12.62 -18.64 -29.28
N GLN C 172 -13.29 -17.74 -29.98
CA GLN C 172 -14.63 -17.30 -29.62
C GLN C 172 -15.66 -17.91 -30.56
N PHE C 173 -16.68 -18.55 -30.00
CA PHE C 173 -17.75 -19.13 -30.79
C PHE C 173 -18.92 -18.17 -30.96
N ASN C 174 -19.26 -17.41 -29.93
CA ASN C 174 -20.37 -16.47 -29.99
C ASN C 174 -20.05 -15.25 -29.15
N ASN C 175 -20.64 -14.13 -29.54
CA ASN C 175 -20.59 -12.91 -28.73
C ASN C 175 -21.77 -12.93 -27.77
N LEU C 176 -21.47 -12.78 -26.47
CA LEU C 176 -22.51 -12.95 -25.45
C LEU C 176 -23.62 -11.92 -25.56
N ALA C 177 -23.41 -10.82 -26.30
CA ALA C 177 -24.48 -9.85 -26.52
C ALA C 177 -25.25 -10.13 -27.80
N ASP C 178 -24.61 -10.70 -28.82
CA ASP C 178 -25.25 -11.03 -30.08
C ASP C 178 -25.85 -12.42 -29.95
N HIS C 179 -27.13 -12.48 -29.58
CA HIS C 179 -27.84 -13.75 -29.41
C HIS C 179 -28.14 -14.34 -30.79
N SER C 180 -27.13 -15.03 -31.34
CA SER C 180 -27.25 -15.73 -32.61
C SER C 180 -26.56 -17.08 -32.48
N GLU C 181 -27.16 -18.10 -33.07
CA GLU C 181 -26.64 -19.46 -32.96
C GLU C 181 -25.41 -19.63 -33.82
N ASN C 182 -24.32 -20.09 -33.21
CA ASN C 182 -23.14 -20.50 -33.98
C ASN C 182 -23.41 -21.88 -34.57
N PRO C 183 -23.34 -22.04 -35.90
CA PRO C 183 -23.73 -23.33 -36.50
C PRO C 183 -22.91 -24.51 -36.00
N PHE C 184 -21.67 -24.27 -35.55
CA PHE C 184 -20.87 -25.37 -35.03
C PHE C 184 -21.37 -25.83 -33.66
N ILE C 185 -21.84 -24.89 -32.84
CA ILE C 185 -22.36 -25.25 -31.53
C ILE C 185 -23.65 -26.06 -31.68
N THR C 186 -24.57 -25.60 -32.51
CA THR C 186 -25.82 -26.32 -32.72
C THR C 186 -25.61 -27.64 -33.44
N ALA C 187 -24.54 -27.77 -34.21
CA ALA C 187 -24.24 -29.05 -34.86
C ALA C 187 -23.76 -30.07 -33.84
N VAL C 188 -23.02 -29.62 -32.83
CA VAL C 188 -22.59 -30.54 -31.76
C VAL C 188 -23.80 -31.02 -30.97
N LEU C 189 -24.74 -30.13 -30.68
CA LEU C 189 -25.93 -30.51 -29.92
C LEU C 189 -26.75 -31.55 -30.66
N ARG C 190 -26.95 -31.36 -31.97
CA ARG C 190 -27.69 -32.34 -32.76
C ARG C 190 -26.96 -33.66 -32.80
N GLU C 191 -25.63 -33.63 -32.91
CA GLU C 191 -24.85 -34.86 -32.86
C GLU C 191 -24.95 -35.53 -31.48
N LEU C 192 -25.08 -34.72 -30.42
CA LEU C 192 -25.30 -35.28 -29.09
C LEU C 192 -26.67 -35.95 -29.01
N GLN C 193 -27.72 -35.26 -29.48
CA GLN C 193 -29.05 -35.85 -29.49
C GLN C 193 -29.10 -37.11 -30.34
N TYR C 194 -28.45 -37.07 -31.50
CA TYR C 194 -28.49 -38.23 -32.41
C TYR C 194 -27.75 -39.42 -31.81
N ALA C 195 -26.59 -39.19 -31.21
CA ALA C 195 -25.84 -40.29 -30.60
C ALA C 195 -26.54 -40.83 -29.37
N ASN C 196 -27.30 -39.99 -28.66
CA ASN C 196 -27.93 -40.38 -27.42
C ASN C 196 -29.30 -41.04 -27.61
N ARG C 197 -29.73 -41.24 -28.86
CA ARG C 197 -30.99 -41.94 -29.10
C ARG C 197 -30.89 -43.38 -28.58
N ARG C 198 -32.01 -43.88 -28.07
CA ARG C 198 -32.05 -45.27 -27.64
C ARG C 198 -31.80 -46.20 -28.82
N THR C 199 -31.37 -47.42 -28.51
CA THR C 199 -31.34 -48.45 -29.53
C THR C 199 -32.74 -48.96 -29.86
N ASP C 200 -33.78 -48.37 -29.28
CA ASP C 200 -35.16 -48.71 -29.56
C ASP C 200 -35.73 -47.88 -30.71
N SER C 201 -35.59 -46.56 -30.63
CA SER C 201 -36.19 -45.64 -31.60
C SER C 201 -35.34 -45.43 -32.84
N ILE C 202 -34.36 -46.28 -33.09
CA ILE C 202 -33.56 -46.23 -34.30
C ILE C 202 -34.25 -47.09 -35.35
N PRO C 203 -34.65 -46.53 -36.49
CA PRO C 203 -35.32 -47.33 -37.52
C PRO C 203 -34.47 -48.53 -37.95
N PHE C 204 -35.15 -49.64 -38.25
CA PHE C 204 -34.44 -50.87 -38.55
C PHE C 204 -33.58 -50.76 -39.80
N TYR C 205 -33.99 -49.93 -40.76
CA TYR C 205 -33.29 -49.83 -42.05
C TYR C 205 -33.05 -48.36 -42.37
N GLU C 206 -32.01 -47.78 -41.77
CA GLU C 206 -31.63 -46.40 -42.09
C GLU C 206 -30.78 -46.43 -43.35
N GLN C 207 -31.15 -47.31 -44.29
CA GLN C 207 -30.43 -47.40 -45.56
C GLN C 207 -30.70 -46.18 -46.42
N PHE C 208 -31.91 -45.62 -46.33
CA PHE C 208 -32.28 -44.47 -47.14
C PHE C 208 -31.47 -43.25 -46.75
N ARG C 212 -33.53 -38.38 -44.29
CA ARG C 212 -33.13 -36.99 -44.09
C ARG C 212 -32.30 -36.82 -42.83
N ARG C 213 -32.78 -37.39 -41.72
CA ARG C 213 -32.05 -37.27 -40.46
C ARG C 213 -30.70 -37.96 -40.53
N ARG C 214 -30.62 -39.08 -41.25
CA ARG C 214 -29.34 -39.77 -41.42
C ARG C 214 -28.36 -38.93 -42.23
N ARG C 215 -28.86 -38.23 -43.25
CA ARG C 215 -27.99 -37.38 -44.06
C ARG C 215 -27.49 -36.18 -43.26
N LEU C 216 -28.34 -35.60 -42.42
CA LEU C 216 -27.93 -34.46 -41.61
C LEU C 216 -26.86 -34.85 -40.61
N HIS C 217 -26.95 -36.07 -40.05
CA HIS C 217 -25.93 -36.53 -39.13
C HIS C 217 -24.57 -36.64 -39.82
N ALA C 218 -24.54 -37.27 -40.99
CA ALA C 218 -23.29 -37.42 -41.73
C ALA C 218 -22.71 -36.06 -42.10
N ALA C 219 -23.58 -35.09 -42.41
CA ALA C 219 -23.10 -33.75 -42.71
C ALA C 219 -22.62 -33.03 -41.45
N ASP C 220 -23.32 -33.22 -40.33
CA ASP C 220 -22.93 -32.56 -39.09
C ASP C 220 -21.62 -33.13 -38.56
N LYS C 221 -21.40 -34.44 -38.69
CA LYS C 221 -20.17 -35.04 -38.18
C LYS C 221 -18.96 -34.50 -38.94
N LYS C 222 -19.06 -34.37 -40.26
CA LYS C 222 -17.95 -33.82 -41.03
C LYS C 222 -17.78 -32.33 -40.77
N PHE C 223 -18.89 -31.61 -40.65
CA PHE C 223 -18.80 -30.17 -40.35
C PHE C 223 -18.11 -29.93 -39.02
N ILE C 224 -18.43 -30.72 -38.00
CA ILE C 224 -17.74 -30.61 -36.72
C ILE C 224 -16.27 -30.96 -36.88
N ARG C 225 -15.97 -32.03 -37.61
CA ARG C 225 -14.58 -32.42 -37.81
C ARG C 225 -13.81 -31.37 -38.60
N ALA C 226 -14.44 -30.76 -39.61
CA ALA C 226 -13.78 -29.74 -40.40
C ALA C 226 -13.56 -28.47 -39.60
N GLU C 227 -14.50 -28.13 -38.72
CA GLU C 227 -14.38 -26.91 -37.93
C GLU C 227 -13.25 -27.03 -36.91
N VAL C 228 -13.19 -28.15 -36.19
CA VAL C 228 -12.17 -28.30 -35.16
C VAL C 228 -10.79 -28.51 -35.78
N ASP C 229 -10.72 -29.13 -36.95
CA ASP C 229 -9.42 -29.29 -37.62
C ASP C 229 -8.88 -27.95 -38.10
N LYS C 230 -9.76 -27.01 -38.44
CA LYS C 230 -9.31 -25.68 -38.85
C LYS C 230 -8.75 -24.90 -37.66
N ILE C 231 -9.38 -25.05 -36.48
CA ILE C 231 -8.89 -24.36 -35.29
C ILE C 231 -7.50 -24.87 -34.92
N ILE C 232 -7.27 -26.17 -35.09
CA ILE C 232 -5.96 -26.75 -34.76
C ILE C 232 -4.93 -26.35 -35.81
N ASP C 233 -5.31 -26.40 -37.09
CA ASP C 233 -4.35 -26.14 -38.16
C ASP C 233 -3.88 -24.69 -38.16
N VAL C 234 -4.76 -23.76 -37.79
CA VAL C 234 -4.36 -22.35 -37.73
C VAL C 234 -3.32 -22.14 -36.63
N ARG C 235 -3.53 -22.74 -35.46
CA ARG C 235 -2.59 -22.57 -34.36
C ARG C 235 -1.26 -23.23 -34.65
N ARG C 236 -1.28 -24.36 -35.37
CA ARG C 236 -0.02 -25.05 -35.69
C ARG C 236 0.81 -24.24 -36.70
N ILE C 237 0.14 -23.63 -37.67
CA ILE C 237 0.86 -22.79 -38.63
C ILE C 237 1.28 -21.48 -38.00
N ASN C 238 0.48 -20.94 -37.07
CA ASN C 238 0.75 -19.67 -36.40
C ASN C 238 0.81 -19.91 -34.90
N PRO C 239 1.93 -20.42 -34.39
CA PRO C 239 2.04 -20.64 -32.94
C PRO C 239 2.03 -19.32 -32.17
N ARG C 240 1.66 -19.42 -30.89
CA ARG C 240 1.63 -18.26 -30.00
C ARG C 240 2.95 -18.17 -29.25
N VAL C 241 3.95 -17.62 -29.93
CA VAL C 241 5.28 -17.45 -29.37
C VAL C 241 5.28 -16.28 -28.40
N GLY C 242 5.94 -16.44 -27.26
CA GLY C 242 6.04 -15.39 -26.27
C GLY C 242 4.87 -15.30 -25.32
N GLN C 243 3.80 -16.03 -25.56
CA GLN C 243 2.63 -16.03 -24.69
C GLN C 243 2.56 -17.33 -23.91
N SER C 244 1.92 -17.28 -22.75
CA SER C 244 1.76 -18.48 -21.93
C SER C 244 0.85 -19.48 -22.64
N PRO C 245 1.25 -20.74 -22.72
CA PRO C 245 0.48 -21.69 -23.54
C PRO C 245 -0.84 -22.07 -22.91
N ASP C 246 -1.88 -22.17 -23.74
CA ASP C 246 -3.18 -22.64 -23.31
C ASP C 246 -3.27 -24.15 -23.53
N MET C 247 -4.50 -24.69 -23.45
CA MET C 247 -4.68 -26.12 -23.62
C MET C 247 -4.32 -26.57 -25.03
N LEU C 248 -4.70 -25.78 -26.04
CA LEU C 248 -4.41 -26.14 -27.42
C LEU C 248 -2.92 -26.08 -27.72
N ASP C 249 -2.23 -25.09 -27.15
CA ASP C 249 -0.78 -25.02 -27.30
C ASP C 249 -0.10 -26.24 -26.70
N ILE C 250 -0.57 -26.68 -25.52
CA ILE C 250 0.06 -27.81 -24.84
C ILE C 250 -0.11 -29.09 -25.66
N MET C 251 -1.31 -29.33 -26.17
CA MET C 251 -1.54 -30.52 -26.98
C MET C 251 -0.78 -30.50 -28.29
N LEU C 252 -0.36 -29.32 -28.77
CA LEU C 252 0.38 -29.23 -30.01
C LEU C 252 1.89 -29.28 -29.83
N THR C 253 2.40 -28.95 -28.65
CA THR C 253 3.84 -28.91 -28.40
C THR C 253 4.34 -30.00 -27.47
N ALA C 254 3.57 -30.35 -26.44
CA ALA C 254 4.04 -31.31 -25.45
C ALA C 254 4.02 -32.73 -26.01
N ALA C 255 4.97 -33.54 -25.55
CA ALA C 255 5.10 -34.93 -25.97
C ALA C 255 4.90 -35.85 -24.78
N ASP C 256 4.31 -37.00 -25.05
CA ASP C 256 4.09 -38.01 -24.01
C ASP C 256 5.42 -38.55 -23.51
N PRO C 257 5.71 -38.50 -22.21
CA PRO C 257 7.01 -38.99 -21.73
C PRO C 257 7.23 -40.48 -21.95
N VAL C 258 6.16 -41.27 -22.01
CA VAL C 258 6.31 -42.72 -22.13
C VAL C 258 6.71 -43.11 -23.55
N THR C 259 5.92 -42.70 -24.54
CA THR C 259 6.13 -43.12 -25.92
C THR C 259 6.91 -42.11 -26.74
N GLY C 260 6.97 -40.85 -26.32
CA GLY C 260 7.56 -39.81 -27.13
C GLY C 260 6.64 -39.23 -28.18
N ASP C 261 5.46 -39.80 -28.38
CA ASP C 261 4.53 -39.32 -29.37
C ASP C 261 3.79 -38.09 -28.88
N LYS C 262 3.32 -37.29 -29.83
CA LYS C 262 2.39 -36.21 -29.56
C LYS C 262 0.99 -36.67 -29.94
N LEU C 263 -0.01 -36.04 -29.32
CA LEU C 263 -1.39 -36.32 -29.68
C LEU C 263 -1.60 -35.99 -31.16
N ASP C 264 -2.23 -36.90 -31.89
CA ASP C 264 -2.43 -36.66 -33.32
C ASP C 264 -3.56 -35.65 -33.53
N ASN C 265 -3.77 -35.27 -34.79
CA ASN C 265 -4.78 -34.27 -35.09
C ASN C 265 -6.19 -34.76 -34.75
N ASN C 266 -6.43 -36.06 -34.89
CA ASN C 266 -7.76 -36.61 -34.60
C ASN C 266 -8.08 -36.52 -33.11
N ASN C 267 -7.11 -36.83 -32.24
CA ASN C 267 -7.40 -36.87 -30.82
C ASN C 267 -7.49 -35.48 -30.21
N ILE C 268 -6.67 -34.54 -30.71
CA ILE C 268 -6.78 -33.15 -30.24
C ILE C 268 -8.18 -32.62 -30.53
N GLY C 269 -8.75 -32.98 -31.68
CA GLY C 269 -10.12 -32.58 -31.97
C GLY C 269 -11.13 -33.21 -31.02
N ASN C 270 -10.84 -34.43 -30.55
CA ASN C 270 -11.70 -35.05 -29.56
C ASN C 270 -11.62 -34.33 -28.22
N GLN C 271 -10.42 -33.91 -27.83
CA GLN C 271 -10.27 -33.20 -26.56
C GLN C 271 -10.94 -31.83 -26.62
N ILE C 272 -10.90 -31.17 -27.77
CA ILE C 272 -11.61 -29.90 -27.92
C ILE C 272 -13.12 -30.11 -27.80
N LEU C 273 -13.62 -31.20 -28.39
CA LEU C 273 -15.03 -31.53 -28.24
C LEU C 273 -15.36 -31.97 -26.82
N THR C 274 -14.43 -32.68 -26.17
CA THR C 274 -14.67 -33.13 -24.80
C THR C 274 -14.80 -31.95 -23.86
N PHE C 275 -13.89 -30.97 -23.98
CA PHE C 275 -13.91 -29.82 -23.07
C PHE C 275 -15.16 -28.97 -23.27
N LEU C 276 -15.71 -28.94 -24.49
CA LEU C 276 -16.86 -28.08 -24.75
C LEU C 276 -18.14 -28.64 -24.13
N VAL C 277 -18.26 -29.95 -24.03
CA VAL C 277 -19.48 -30.57 -23.51
C VAL C 277 -19.31 -31.02 -22.06
N ALA C 278 -18.18 -31.63 -21.71
CA ALA C 278 -17.97 -32.12 -20.36
C ALA C 278 -17.59 -31.04 -19.37
N GLY C 279 -17.27 -29.83 -19.85
CA GLY C 279 -16.90 -28.76 -18.97
C GLY C 279 -17.91 -27.63 -18.90
N SER C 280 -18.43 -27.23 -20.06
CA SER C 280 -19.32 -26.08 -20.10
C SER C 280 -20.67 -26.40 -19.46
N GLU C 281 -21.26 -27.54 -19.82
CA GLU C 281 -22.60 -27.85 -19.35
C GLU C 281 -22.64 -28.08 -17.85
N THR C 282 -21.68 -28.81 -17.31
CA THR C 282 -21.67 -29.11 -15.87
C THR C 282 -21.45 -27.83 -15.06
N SER C 283 -20.46 -27.03 -15.45
CA SER C 283 -20.16 -25.82 -14.69
C SER C 283 -21.18 -24.71 -14.91
N ALA C 284 -22.00 -24.81 -15.95
CA ALA C 284 -23.06 -23.82 -16.16
C ALA C 284 -24.28 -24.12 -15.30
N ASN C 285 -24.67 -25.40 -15.23
CA ASN C 285 -25.82 -25.76 -14.41
C ASN C 285 -25.50 -25.65 -12.92
N ALA C 286 -24.26 -25.94 -12.53
CA ALA C 286 -23.86 -25.74 -11.14
C ALA C 286 -23.94 -24.26 -10.76
N ILE C 287 -23.61 -23.37 -11.69
CA ILE C 287 -23.83 -21.94 -11.47
C ILE C 287 -25.31 -21.64 -11.44
N ALA C 288 -26.08 -22.26 -12.34
CA ALA C 288 -27.52 -22.04 -12.37
C ALA C 288 -28.19 -22.51 -11.08
N PHE C 289 -27.73 -23.64 -10.53
CA PHE C 289 -28.26 -24.09 -9.25
C PHE C 289 -27.88 -23.13 -8.12
N ALA C 290 -26.65 -22.64 -8.12
CA ALA C 290 -26.24 -21.70 -7.09
C ALA C 290 -27.00 -20.38 -7.21
N LEU C 291 -27.24 -19.91 -8.44
CA LEU C 291 -27.97 -18.68 -8.63
C LEU C 291 -29.41 -18.78 -8.13
N HIS C 292 -30.01 -19.98 -8.26
CA HIS C 292 -31.37 -20.15 -7.74
C HIS C 292 -31.37 -20.21 -6.22
N PHE C 293 -30.41 -20.89 -5.62
CA PHE C 293 -30.32 -20.97 -4.17
C PHE C 293 -29.90 -19.64 -3.55
N LEU C 294 -29.31 -18.74 -4.34
CA LEU C 294 -29.05 -17.38 -3.88
C LEU C 294 -30.23 -16.45 -4.13
N ALA C 295 -31.07 -16.78 -5.12
CA ALA C 295 -32.24 -15.95 -5.40
C ALA C 295 -33.32 -16.15 -4.34
N THR C 296 -33.46 -17.37 -3.84
CA THR C 296 -34.50 -17.69 -2.87
C THR C 296 -34.03 -17.48 -1.44
N THR C 297 -32.99 -18.20 -1.04
CA THR C 297 -32.46 -18.11 0.32
C THR C 297 -31.86 -16.73 0.56
N PRO C 298 -32.43 -15.90 1.44
CA PRO C 298 -31.96 -14.51 1.56
C PRO C 298 -30.76 -14.36 2.49
N ASP C 299 -30.72 -15.15 3.57
CA ASP C 299 -29.63 -15.01 4.53
C ASP C 299 -28.30 -15.38 3.92
N VAL C 300 -28.26 -16.44 3.11
CA VAL C 300 -27.01 -16.83 2.46
C VAL C 300 -26.63 -15.81 1.39
N ALA C 301 -27.62 -15.27 0.68
CA ALA C 301 -27.34 -14.27 -0.34
C ALA C 301 -26.70 -13.02 0.27
N ALA C 302 -27.22 -12.57 1.41
CA ALA C 302 -26.66 -11.40 2.07
C ALA C 302 -25.25 -11.70 2.60
N GLN C 303 -25.04 -12.90 3.14
CA GLN C 303 -23.73 -13.29 3.63
C GLN C 303 -22.72 -13.53 2.51
N ALA C 304 -23.13 -13.38 1.25
CA ALA C 304 -22.23 -13.48 0.11
C ALA C 304 -22.08 -12.19 -0.66
N ARG C 305 -23.09 -11.31 -0.65
CA ARG C 305 -22.96 -10.03 -1.32
C ARG C 305 -21.93 -9.14 -0.64
N ALA C 306 -21.92 -9.13 0.69
CA ALA C 306 -20.95 -8.31 1.41
C ALA C 306 -19.53 -8.85 1.29
N GLU C 307 -19.36 -10.15 1.04
CA GLU C 307 -18.04 -10.72 0.88
C GLU C 307 -17.40 -10.28 -0.43
N VAL C 308 -18.16 -10.28 -1.52
CA VAL C 308 -17.63 -9.78 -2.78
C VAL C 308 -17.57 -8.25 -2.80
N ASP C 309 -18.33 -7.59 -1.92
CA ASP C 309 -18.21 -6.15 -1.77
C ASP C 309 -17.11 -5.75 -0.79
N ALA C 310 -16.71 -6.63 0.12
CA ALA C 310 -15.56 -6.36 0.98
C ALA C 310 -14.25 -6.66 0.25
N MET C 311 -14.23 -7.72 -0.56
CA MET C 311 -13.05 -8.02 -1.35
C MET C 311 -12.85 -7.00 -2.47
N TRP C 312 -13.94 -6.49 -3.04
CA TRP C 312 -13.89 -5.48 -4.09
C TRP C 312 -14.85 -4.35 -3.72
N PRO C 313 -14.42 -3.41 -2.89
CA PRO C 313 -15.28 -2.26 -2.57
C PRO C 313 -15.60 -1.45 -3.82
N GLY C 314 -16.73 -0.76 -3.76
CA GLY C 314 -17.23 0.01 -4.89
C GLY C 314 -18.36 -0.70 -5.60
N ARG C 315 -18.87 -0.04 -6.64
CA ARG C 315 -19.98 -0.57 -7.42
C ARG C 315 -19.61 -0.93 -8.86
N THR C 316 -18.47 -0.47 -9.35
CA THR C 316 -18.05 -0.79 -10.71
C THR C 316 -17.62 -2.26 -10.78
N PHE C 317 -17.29 -2.70 -12.00
CA PHE C 317 -16.91 -4.09 -12.20
C PHE C 317 -15.61 -4.38 -11.45
N PRO C 318 -15.54 -5.45 -10.66
CA PRO C 318 -14.37 -5.69 -9.82
C PRO C 318 -13.11 -5.95 -10.64
N ASP C 319 -11.97 -5.69 -10.02
CA ASP C 319 -10.66 -5.97 -10.59
C ASP C 319 -10.21 -7.31 -10.01
N PHE C 320 -10.52 -8.39 -10.73
CA PHE C 320 -10.25 -9.74 -10.26
C PHE C 320 -8.77 -10.05 -10.38
N GLN C 321 -8.14 -10.34 -9.24
CA GLN C 321 -6.79 -10.86 -9.19
C GLN C 321 -6.84 -12.35 -8.86
N PHE C 322 -5.94 -13.12 -9.47
CA PHE C 322 -5.99 -14.58 -9.31
C PHE C 322 -5.84 -15.00 -7.86
N ASP C 323 -5.09 -14.23 -7.06
CA ASP C 323 -4.89 -14.59 -5.67
C ASP C 323 -6.13 -14.36 -4.83
N GLN C 324 -6.99 -13.42 -5.25
CA GLN C 324 -8.18 -13.10 -4.46
C GLN C 324 -9.27 -14.16 -4.59
N ILE C 325 -9.30 -14.89 -5.71
CA ILE C 325 -10.39 -15.82 -5.96
C ILE C 325 -10.34 -16.99 -4.99
N ALA C 326 -9.14 -17.43 -4.61
CA ALA C 326 -9.01 -18.55 -3.68
C ALA C 326 -9.29 -18.15 -2.23
N LYS C 327 -9.51 -16.86 -1.95
CA LYS C 327 -9.75 -16.37 -0.60
C LYS C 327 -11.17 -15.84 -0.44
N LEU C 328 -12.16 -16.58 -0.96
CA LEU C 328 -13.57 -16.29 -0.75
C LEU C 328 -14.23 -17.58 -0.25
N ARG C 329 -13.90 -17.97 0.98
CA ARG C 329 -14.28 -19.28 1.49
C ARG C 329 -15.79 -19.48 1.51
N TYR C 330 -16.56 -18.42 1.78
CA TYR C 330 -18.00 -18.58 1.88
C TYR C 330 -18.62 -18.84 0.51
N LEU C 331 -18.25 -18.06 -0.49
CA LEU C 331 -18.76 -18.29 -1.84
C LEU C 331 -18.31 -19.64 -2.37
N ARG C 332 -17.17 -20.14 -1.91
CA ARG C 332 -16.75 -21.50 -2.26
C ARG C 332 -17.64 -22.53 -1.59
N LEU C 333 -18.02 -22.30 -0.32
CA LEU C 333 -18.91 -23.22 0.37
C LEU C 333 -20.31 -23.20 -0.22
N VAL C 334 -20.74 -22.05 -0.76
CA VAL C 334 -22.02 -21.99 -1.45
C VAL C 334 -22.03 -22.94 -2.64
N ILE C 335 -20.90 -23.04 -3.34
CA ILE C 335 -20.80 -23.95 -4.48
C ILE C 335 -20.75 -25.40 -4.00
N ASP C 336 -20.04 -25.65 -2.89
CA ASP C 336 -19.95 -27.01 -2.36
C ASP C 336 -21.32 -27.53 -1.94
N GLU C 337 -22.16 -26.66 -1.37
CA GLU C 337 -23.51 -27.07 -1.01
C GLU C 337 -24.41 -27.19 -2.23
N ALA C 338 -24.20 -26.35 -3.24
CA ALA C 338 -24.95 -26.48 -4.49
C ALA C 338 -24.62 -27.79 -5.19
N LEU C 339 -23.32 -28.11 -5.29
CA LEU C 339 -22.91 -29.38 -5.88
C LEU C 339 -23.27 -30.56 -4.99
N ARG C 340 -23.44 -30.35 -3.70
CA ARG C 340 -23.87 -31.44 -2.83
C ARG C 340 -25.35 -31.75 -3.02
N LEU C 341 -26.21 -30.74 -2.84
CA LEU C 341 -27.64 -30.96 -2.95
C LEU C 341 -28.04 -31.34 -4.37
N TRP C 342 -27.32 -30.85 -5.38
CA TRP C 342 -27.64 -31.13 -6.77
C TRP C 342 -26.34 -31.34 -7.55
N PRO C 343 -25.73 -32.53 -7.44
CA PRO C 343 -24.53 -32.81 -8.24
C PRO C 343 -24.85 -32.87 -9.72
N VAL C 344 -24.46 -31.82 -10.46
CA VAL C 344 -24.80 -31.74 -11.87
C VAL C 344 -24.28 -32.95 -12.64
N ALA C 345 -23.19 -33.55 -12.16
CA ALA C 345 -22.81 -34.89 -12.60
C ALA C 345 -23.39 -35.88 -11.59
N PRO C 346 -24.58 -36.43 -11.86
CA PRO C 346 -25.30 -37.17 -10.81
C PRO C 346 -24.65 -38.46 -10.37
N GLY C 347 -23.58 -38.89 -11.03
CA GLY C 347 -22.92 -40.11 -10.63
C GLY C 347 -21.91 -40.56 -11.67
N TYR C 348 -21.39 -41.76 -11.47
CA TYR C 348 -20.41 -42.34 -12.38
C TYR C 348 -20.52 -43.85 -12.33
N PHE C 349 -20.00 -44.49 -13.36
CA PHE C 349 -20.01 -45.95 -13.48
C PHE C 349 -18.64 -46.50 -13.13
N ARG C 350 -18.63 -47.63 -12.42
CA ARG C 350 -17.41 -48.29 -12.01
C ARG C 350 -17.50 -49.77 -12.38
N GLN C 351 -16.39 -50.32 -12.86
CA GLN C 351 -16.28 -51.73 -13.21
C GLN C 351 -15.21 -52.38 -12.36
N ALA C 352 -15.39 -53.68 -12.11
CA ALA C 352 -14.46 -54.41 -11.25
C ALA C 352 -13.19 -54.77 -12.01
N LYS C 353 -12.03 -54.47 -11.41
CA LYS C 353 -10.77 -54.86 -12.02
C LYS C 353 -10.58 -56.37 -12.00
N GLN C 354 -11.10 -57.04 -10.98
CA GLN C 354 -10.94 -58.48 -10.82
C GLN C 354 -12.21 -59.05 -10.23
N ASP C 355 -12.28 -60.39 -10.18
CA ASP C 355 -13.40 -61.05 -9.53
C ASP C 355 -13.39 -60.73 -8.03
N THR C 356 -14.08 -59.68 -7.64
CA THR C 356 -14.17 -59.26 -6.25
C THR C 356 -15.62 -59.37 -5.78
N THR C 357 -15.78 -59.41 -4.47
CA THR C 357 -17.09 -59.32 -3.83
C THR C 357 -17.12 -58.08 -2.96
N ILE C 358 -18.25 -57.84 -2.30
CA ILE C 358 -18.43 -56.63 -1.51
C ILE C 358 -19.49 -56.88 -0.45
N GLY C 359 -19.32 -56.24 0.71
CA GLY C 359 -20.25 -56.38 1.80
C GLY C 359 -20.06 -57.67 2.58
N GLU C 360 -18.83 -57.92 3.02
CA GLU C 360 -18.46 -59.14 3.73
C GLU C 360 -18.78 -60.38 2.87
N GLY C 361 -18.40 -60.31 1.61
CA GLY C 361 -18.62 -61.41 0.69
C GLY C 361 -20.06 -61.65 0.31
N ARG C 362 -20.93 -60.66 0.49
CA ARG C 362 -22.34 -60.86 0.18
C ARG C 362 -22.62 -60.61 -1.30
N TYR C 363 -22.31 -59.43 -1.82
CA TYR C 363 -22.58 -59.11 -3.21
C TYR C 363 -21.36 -59.46 -4.06
N ALA C 364 -21.53 -60.42 -4.96
CA ALA C 364 -20.45 -60.86 -5.82
C ALA C 364 -20.42 -60.06 -7.12
N PHE C 365 -19.23 -59.97 -7.72
CA PHE C 365 -19.05 -59.31 -8.99
C PHE C 365 -17.96 -60.03 -9.76
N LYS C 366 -18.23 -60.32 -11.04
CA LYS C 366 -17.32 -61.12 -11.84
C LYS C 366 -16.28 -60.27 -12.55
N LYS C 367 -16.14 -60.50 -13.86
CA LYS C 367 -15.07 -59.94 -14.67
C LYS C 367 -15.13 -58.41 -14.70
N ASN C 368 -15.74 -57.86 -15.74
CA ASN C 368 -15.91 -56.41 -15.88
C ASN C 368 -17.33 -55.97 -15.56
N ASP C 369 -17.97 -56.62 -14.59
CA ASP C 369 -19.32 -56.23 -14.20
C ASP C 369 -19.31 -54.83 -13.60
N TRP C 370 -20.26 -54.01 -14.03
CA TRP C 370 -20.26 -52.60 -13.73
C TRP C 370 -21.43 -52.22 -12.83
N VAL C 371 -21.22 -51.16 -12.05
CA VAL C 371 -22.23 -50.62 -11.14
C VAL C 371 -22.30 -49.12 -11.35
N PHE C 372 -23.34 -48.50 -10.81
CA PHE C 372 -23.55 -47.06 -10.90
C PHE C 372 -23.62 -46.47 -9.51
N VAL C 373 -22.75 -45.49 -9.24
CA VAL C 373 -22.73 -44.78 -7.97
C VAL C 373 -23.64 -43.56 -8.11
N ASN C 374 -24.75 -43.55 -7.37
CA ASN C 374 -25.68 -42.42 -7.40
C ASN C 374 -25.18 -41.34 -6.43
N LEU C 375 -24.63 -40.26 -6.98
CA LEU C 375 -24.17 -39.16 -6.14
C LEU C 375 -25.31 -38.29 -5.62
N HIS C 376 -26.45 -38.27 -6.32
CA HIS C 376 -27.59 -37.51 -5.83
C HIS C 376 -28.13 -38.12 -4.53
N ALA C 377 -28.16 -39.45 -4.45
CA ALA C 377 -28.63 -40.11 -3.24
C ALA C 377 -27.57 -40.08 -2.14
N ALA C 378 -26.30 -40.24 -2.52
CA ALA C 378 -25.23 -40.29 -1.53
C ALA C 378 -25.03 -38.93 -0.86
N HIS C 379 -25.11 -37.85 -1.64
CA HIS C 379 -24.92 -36.52 -1.10
C HIS C 379 -26.09 -36.08 -0.22
N THR C 380 -27.25 -36.73 -0.34
CA THR C 380 -28.42 -36.41 0.47
C THR C 380 -28.81 -37.57 1.39
N HIS C 381 -27.89 -38.47 1.68
CA HIS C 381 -28.18 -39.61 2.53
C HIS C 381 -28.40 -39.14 3.98
N ARG C 382 -28.82 -40.08 4.84
CA ARG C 382 -29.03 -39.77 6.23
C ARG C 382 -27.74 -39.42 6.96
N SER C 383 -26.59 -39.72 6.37
CA SER C 383 -25.32 -39.42 7.00
C SER C 383 -25.06 -37.92 7.11
N TRP C 384 -25.65 -37.11 6.23
CA TRP C 384 -25.43 -35.67 6.23
C TRP C 384 -26.22 -34.93 7.28
N GLY C 385 -27.10 -35.60 8.02
CA GLY C 385 -27.88 -34.98 9.06
C GLY C 385 -29.35 -34.92 8.74
N PRO C 386 -30.16 -34.47 9.70
CA PRO C 386 -31.61 -34.42 9.46
C PRO C 386 -32.01 -33.36 8.45
N ASP C 387 -31.23 -32.28 8.32
CA ASP C 387 -31.51 -31.21 7.36
C ASP C 387 -30.71 -31.38 6.07
N ALA C 388 -30.44 -32.62 5.67
CA ALA C 388 -29.63 -32.88 4.49
C ALA C 388 -30.29 -32.46 3.19
N ALA C 389 -31.60 -32.17 3.20
CA ALA C 389 -32.32 -31.79 2.01
C ALA C 389 -32.47 -30.28 1.87
N GLU C 390 -31.71 -29.51 2.63
CA GLU C 390 -31.84 -28.06 2.66
C GLU C 390 -30.50 -27.41 2.33
N PHE C 391 -30.57 -26.25 1.66
CA PHE C 391 -29.38 -25.55 1.19
C PHE C 391 -28.78 -24.75 2.33
N LYS C 392 -27.88 -25.39 3.08
CA LYS C 392 -27.19 -24.75 4.20
C LYS C 392 -25.69 -24.80 3.94
N PRO C 393 -25.08 -23.71 3.45
CA PRO C 393 -23.69 -23.77 3.00
C PRO C 393 -22.69 -24.00 4.12
N GLU C 394 -22.95 -23.49 5.33
CA GLU C 394 -21.97 -23.57 6.41
C GLU C 394 -21.67 -25.00 6.83
N ARG C 395 -22.49 -25.98 6.42
CA ARG C 395 -22.22 -27.37 6.75
C ARG C 395 -21.07 -27.94 5.92
N MET C 396 -20.68 -27.28 4.84
CA MET C 396 -19.61 -27.77 3.97
C MET C 396 -18.23 -27.38 4.47
N SER C 397 -18.12 -26.79 5.65
CA SER C 397 -16.82 -26.46 6.21
C SER C 397 -16.04 -27.73 6.55
N THR C 398 -14.76 -27.54 6.88
CA THR C 398 -13.90 -28.69 7.14
C THR C 398 -14.24 -29.38 8.46
N GLU C 399 -14.72 -28.61 9.45
CA GLU C 399 -15.02 -29.21 10.75
C GLU C 399 -16.37 -29.93 10.75
N ASN C 400 -17.38 -29.36 10.10
CA ASN C 400 -18.68 -30.03 10.04
C ASN C 400 -18.60 -31.35 9.29
N ARG C 401 -17.72 -31.44 8.30
CA ARG C 401 -17.51 -32.72 7.61
C ARG C 401 -16.88 -33.74 8.54
N ARG C 402 -15.95 -33.30 9.39
CA ARG C 402 -15.30 -34.22 10.32
C ARG C 402 -16.22 -34.64 11.45
N LYS C 403 -17.23 -33.84 11.78
CA LYS C 403 -18.17 -34.22 12.83
C LYS C 403 -19.07 -35.36 12.37
N LEU C 404 -19.51 -35.32 11.12
CA LEU C 404 -20.39 -36.35 10.59
C LEU C 404 -19.65 -37.68 10.47
N GLY C 405 -20.43 -38.77 10.41
CA GLY C 405 -19.88 -40.10 10.28
C GLY C 405 -19.47 -40.40 8.85
N PRO C 406 -19.43 -41.68 8.50
CA PRO C 406 -19.06 -42.07 7.13
C PRO C 406 -20.07 -41.52 6.12
N HIS C 407 -19.59 -40.65 5.25
CA HIS C 407 -20.42 -40.04 4.21
C HIS C 407 -19.59 -39.93 2.93
N ILE C 408 -20.28 -39.64 1.83
CA ILE C 408 -19.68 -39.58 0.50
C ILE C 408 -19.93 -38.21 -0.08
N TYR C 409 -18.86 -37.51 -0.46
CA TYR C 409 -18.94 -36.24 -1.19
C TYR C 409 -17.87 -36.27 -2.27
N LYS C 410 -18.24 -36.71 -3.46
CA LYS C 410 -17.32 -36.83 -4.60
C LYS C 410 -17.99 -36.30 -5.86
N PRO C 411 -18.27 -34.99 -5.91
CA PRO C 411 -18.92 -34.43 -7.10
C PRO C 411 -18.01 -34.32 -8.32
N PHE C 412 -16.75 -34.74 -8.21
CA PHE C 412 -15.81 -34.71 -9.33
C PHE C 412 -15.21 -36.09 -9.62
N GLY C 413 -15.85 -37.15 -9.15
CA GLY C 413 -15.37 -38.49 -9.43
C GLY C 413 -14.29 -38.93 -8.45
N VAL C 414 -13.70 -40.09 -8.75
CA VAL C 414 -12.67 -40.70 -7.92
C VAL C 414 -11.59 -41.30 -8.81
N GLY C 415 -10.42 -41.54 -8.21
CA GLY C 415 -9.34 -42.21 -8.89
C GLY C 415 -8.63 -41.32 -9.90
N GLU C 416 -7.93 -41.99 -10.82
CA GLU C 416 -7.22 -41.27 -11.87
C GLU C 416 -8.19 -40.67 -12.89
N ARG C 417 -9.30 -41.35 -13.16
CA ARG C 417 -10.32 -40.86 -14.09
C ARG C 417 -11.20 -39.76 -13.49
N ALA C 418 -10.79 -39.17 -12.37
CA ALA C 418 -11.56 -38.08 -11.80
C ALA C 418 -11.45 -36.84 -12.67
N CYS C 419 -12.22 -35.82 -12.31
CA CYS C 419 -12.30 -34.60 -13.11
C CYS C 419 -10.96 -33.88 -13.20
N ILE C 420 -10.34 -33.91 -14.39
CA ILE C 420 -9.08 -33.21 -14.57
C ILE C 420 -9.27 -31.71 -14.54
N GLY C 421 -10.47 -31.21 -14.81
CA GLY C 421 -10.74 -29.79 -14.79
C GLY C 421 -11.43 -29.33 -13.52
N ARG C 422 -11.07 -29.95 -12.39
CA ARG C 422 -11.69 -29.60 -11.12
C ARG C 422 -11.33 -28.18 -10.70
N GLN C 423 -10.03 -27.84 -10.72
CA GLN C 423 -9.62 -26.48 -10.40
C GLN C 423 -10.21 -25.48 -11.39
N PHE C 424 -10.29 -25.85 -12.67
CA PHE C 424 -10.82 -24.94 -13.66
C PHE C 424 -12.29 -24.65 -13.40
N ALA C 425 -13.06 -25.65 -12.99
CA ALA C 425 -14.48 -25.45 -12.73
C ALA C 425 -14.69 -24.53 -11.52
N GLN C 426 -13.99 -24.79 -10.42
CA GLN C 426 -14.18 -24.01 -9.21
C GLN C 426 -13.75 -22.56 -9.41
N HIS C 427 -12.57 -22.35 -9.99
CA HIS C 427 -12.12 -21.00 -10.27
C HIS C 427 -13.06 -20.27 -11.22
N GLU C 428 -13.67 -21.00 -12.15
CA GLU C 428 -14.59 -20.39 -13.11
C GLU C 428 -15.93 -20.05 -12.47
N MET C 429 -16.45 -20.93 -11.61
CA MET C 429 -17.75 -20.69 -11.00
C MET C 429 -17.68 -19.57 -9.96
N VAL C 430 -16.61 -19.52 -9.17
CA VAL C 430 -16.48 -18.49 -8.15
C VAL C 430 -16.42 -17.11 -8.80
N ILE C 431 -15.65 -16.96 -9.87
CA ILE C 431 -15.54 -15.68 -10.54
C ILE C 431 -16.90 -15.25 -11.11
N ALA C 432 -17.60 -16.18 -11.75
CA ALA C 432 -18.89 -15.85 -12.33
C ALA C 432 -19.92 -15.52 -11.25
N LEU C 433 -19.95 -16.30 -10.18
CA LEU C 433 -20.88 -16.03 -9.10
C LEU C 433 -20.54 -14.73 -8.37
N ALA C 434 -19.24 -14.43 -8.23
CA ALA C 434 -18.85 -13.19 -7.57
C ALA C 434 -19.24 -11.97 -8.40
N ALA C 435 -19.09 -12.05 -9.72
CA ALA C 435 -19.44 -10.94 -10.59
C ALA C 435 -20.95 -10.73 -10.69
N ILE C 436 -21.75 -11.72 -10.31
CA ILE C 436 -23.20 -11.59 -10.32
C ILE C 436 -23.71 -11.03 -9.00
N LEU C 437 -23.23 -11.56 -7.88
CA LEU C 437 -23.61 -11.03 -6.57
C LEU C 437 -23.18 -9.58 -6.42
N HIS C 438 -21.98 -9.25 -6.92
CA HIS C 438 -21.44 -7.90 -6.77
C HIS C 438 -22.16 -6.89 -7.65
N GLN C 439 -22.81 -7.33 -8.72
CA GLN C 439 -23.40 -6.42 -9.70
C GLN C 439 -24.93 -6.39 -9.63
N PHE C 440 -25.58 -7.53 -9.81
CA PHE C 440 -27.03 -7.59 -9.87
C PHE C 440 -27.61 -8.21 -8.62
N GLU C 441 -28.91 -8.00 -8.43
CA GLU C 441 -29.68 -8.66 -7.39
C GLU C 441 -30.62 -9.67 -8.03
N LEU C 442 -30.89 -10.76 -7.31
CA LEU C 442 -31.72 -11.83 -7.83
C LEU C 442 -33.17 -11.62 -7.44
N GLU C 443 -34.06 -11.72 -8.41
CA GLU C 443 -35.51 -11.72 -8.16
C GLU C 443 -36.11 -12.99 -8.73
N PRO C 444 -36.55 -13.94 -7.91
CA PRO C 444 -37.11 -15.18 -8.44
C PRO C 444 -38.46 -14.96 -9.09
N ARG C 445 -38.87 -15.96 -9.87
CA ARG C 445 -40.22 -15.98 -10.41
C ARG C 445 -41.23 -16.06 -9.26
N PRO C 446 -42.40 -15.41 -9.39
CA PRO C 446 -43.38 -15.37 -8.29
C PRO C 446 -43.65 -16.71 -7.62
N GLY C 447 -44.23 -17.66 -8.36
CA GLY C 447 -44.62 -18.92 -7.78
C GLY C 447 -43.87 -20.12 -8.31
N TYR C 448 -42.59 -19.95 -8.62
CA TYR C 448 -41.78 -21.04 -9.16
C TYR C 448 -41.08 -21.78 -8.03
N GLU C 449 -41.15 -23.10 -8.07
CA GLU C 449 -40.39 -23.97 -7.19
C GLU C 449 -39.40 -24.79 -8.01
N LEU C 450 -38.28 -25.15 -7.39
CA LEU C 450 -37.18 -25.79 -8.09
C LEU C 450 -37.57 -27.11 -8.74
N LYS C 451 -37.70 -27.10 -10.06
CA LYS C 451 -37.91 -28.30 -10.86
C LYS C 451 -36.62 -28.59 -11.61
N VAL C 452 -36.19 -29.85 -11.58
CA VAL C 452 -34.91 -30.25 -12.16
C VAL C 452 -35.15 -31.28 -13.25
N SER C 453 -34.41 -31.17 -14.34
CA SER C 453 -34.46 -32.09 -15.46
C SER C 453 -33.11 -32.78 -15.62
N GLU C 454 -33.13 -33.97 -16.21
CA GLU C 454 -31.93 -34.80 -16.34
C GLU C 454 -31.68 -35.09 -17.81
N THR C 455 -30.73 -34.35 -18.41
CA THR C 455 -30.21 -34.70 -19.72
C THR C 455 -28.92 -35.49 -19.54
N LEU C 456 -27.80 -34.96 -20.03
CA LEU C 456 -26.49 -35.46 -19.62
C LEU C 456 -26.09 -34.96 -18.25
N THR C 457 -26.84 -34.00 -17.69
CA THR C 457 -26.53 -33.38 -16.41
C THR C 457 -27.83 -33.09 -15.68
N LEU C 458 -27.71 -32.63 -14.44
CA LEU C 458 -28.84 -32.10 -13.70
C LEU C 458 -28.94 -30.60 -13.97
N LYS C 459 -30.14 -30.13 -14.30
CA LYS C 459 -30.34 -28.75 -14.72
C LYS C 459 -31.63 -28.19 -14.13
N PRO C 460 -31.63 -26.96 -13.65
CA PRO C 460 -32.89 -26.31 -13.27
C PRO C 460 -33.75 -26.06 -14.51
N SER C 461 -34.99 -26.53 -14.46
CA SER C 461 -35.90 -26.45 -15.60
C SER C 461 -36.76 -25.19 -15.47
N ASP C 462 -36.72 -24.36 -16.51
CA ASP C 462 -37.49 -23.12 -16.57
C ASP C 462 -37.20 -22.22 -15.36
N LEU C 463 -35.91 -21.98 -15.12
CA LEU C 463 -35.47 -21.06 -14.08
C LEU C 463 -35.27 -19.68 -14.69
N GLN C 464 -36.06 -18.71 -14.24
CA GLN C 464 -36.05 -17.37 -14.80
C GLN C 464 -35.87 -16.35 -13.69
N LEU C 465 -34.92 -15.43 -13.90
CA LEU C 465 -34.66 -14.35 -12.94
C LEU C 465 -34.60 -13.02 -13.67
N ARG C 466 -35.04 -11.98 -12.98
CA ARG C 466 -34.90 -10.60 -13.47
C ARG C 466 -33.95 -9.84 -12.56
N LEU C 467 -33.11 -9.01 -13.15
CA LEU C 467 -32.07 -8.28 -12.43
C LEU C 467 -32.29 -6.77 -12.58
N ARG C 468 -31.66 -6.00 -11.71
CA ARG C 468 -31.84 -4.55 -11.72
C ARG C 468 -30.54 -3.87 -11.31
N ASN C 469 -29.83 -3.35 -12.31
CA ASN C 469 -28.74 -2.39 -12.10
C ASN C 469 -27.67 -2.86 -11.12
N ARG C 470 -27.61 -2.21 -9.96
CA ARG C 470 -26.46 -2.31 -9.07
C ARG C 470 -26.86 -2.86 -7.70
N VAL C 471 -25.86 -3.42 -7.01
CA VAL C 471 -26.01 -3.90 -5.64
C VAL C 471 -24.81 -3.45 -4.80
N ASP D 26 0.24 6.19 3.28
CA ASP D 26 0.17 5.19 4.34
C ASP D 26 0.45 5.82 5.71
N LEU D 27 -0.25 5.34 6.72
CA LEU D 27 -0.10 5.82 8.09
C LEU D 27 0.53 4.72 8.93
N LEU D 28 1.65 5.04 9.59
CA LEU D 28 2.38 4.07 10.39
C LEU D 28 2.95 4.75 11.62
N SER D 29 2.76 4.12 12.78
CA SER D 29 3.38 4.58 14.01
C SER D 29 4.72 3.89 14.19
N VAL D 30 5.77 4.67 14.44
CA VAL D 30 7.12 4.16 14.60
C VAL D 30 7.74 4.81 15.84
N ASP D 31 8.32 3.99 16.71
CA ASP D 31 9.03 4.49 17.89
C ASP D 31 10.50 4.67 17.52
N PHE D 32 10.95 5.93 17.50
CA PHE D 32 12.34 6.24 17.24
C PHE D 32 13.15 6.39 18.53
N ALA D 33 12.65 5.85 19.64
CA ALA D 33 13.46 5.76 20.85
C ALA D 33 14.75 5.01 20.57
N THR D 34 14.67 3.90 19.83
CA THR D 34 15.82 3.29 19.19
C THR D 34 15.88 3.85 17.77
N PRO D 35 16.71 4.87 17.54
CA PRO D 35 16.61 5.62 16.27
C PRO D 35 16.80 4.77 15.02
N VAL D 36 17.83 3.92 14.99
CA VAL D 36 18.13 3.17 13.77
C VAL D 36 17.10 2.08 13.53
N GLN D 37 16.69 1.39 14.60
CA GLN D 37 15.64 0.37 14.43
C GLN D 37 14.33 0.98 13.98
N GLY D 38 14.08 2.24 14.36
CA GLY D 38 12.89 2.92 13.88
C GLY D 38 12.99 3.27 12.41
N LEU D 39 14.18 3.67 11.96
CA LEU D 39 14.37 3.96 10.54
C LEU D 39 14.17 2.71 9.68
N THR D 40 14.59 1.55 10.20
CA THR D 40 14.45 0.32 9.43
C THR D 40 12.98 -0.06 9.26
N ARG D 41 12.16 0.17 10.28
CA ARG D 41 10.73 -0.09 10.14
C ARG D 41 10.07 0.95 9.24
N GLU D 42 10.54 2.20 9.29
CA GLU D 42 10.00 3.24 8.43
C GLU D 42 10.36 3.00 6.98
N GLY D 43 11.58 2.51 6.72
CA GLY D 43 12.01 2.27 5.36
C GLY D 43 11.19 1.23 4.62
N ARG D 44 10.47 0.38 5.35
CA ARG D 44 9.67 -0.66 4.71
C ARG D 44 8.56 -0.09 3.83
N ARG D 45 8.12 1.13 4.09
CA ARG D 45 7.11 1.78 3.27
C ARG D 45 7.70 2.78 2.28
N HIS D 46 8.94 2.54 1.84
CA HIS D 46 9.60 3.38 0.85
C HIS D 46 10.36 2.48 -0.12
N ASP D 47 10.95 3.10 -1.15
CA ASP D 47 11.63 2.39 -2.22
C ASP D 47 13.13 2.50 -2.13
N GLY D 48 13.68 2.45 -0.92
CA GLY D 48 15.11 2.43 -0.71
C GLY D 48 15.72 3.73 -0.24
N ILE D 49 14.95 4.83 -0.22
CA ILE D 49 15.47 6.11 0.25
C ILE D 49 14.28 6.96 0.69
N PHE D 50 14.52 7.81 1.69
CA PHE D 50 13.49 8.67 2.28
C PHE D 50 14.19 9.62 3.24
N GLU D 51 13.41 10.55 3.79
CA GLU D 51 13.89 11.47 4.82
C GLU D 51 13.04 11.33 6.06
N GLN D 52 13.63 11.63 7.21
CA GLN D 52 12.96 11.39 8.48
C GLN D 52 13.57 12.27 9.56
N CYS D 53 12.72 12.86 10.38
CA CYS D 53 13.18 13.66 11.52
C CYS D 53 13.63 12.73 12.63
N ILE D 54 14.92 12.79 12.97
CA ILE D 54 15.52 11.96 14.01
C ILE D 54 16.15 12.91 15.02
N GLY D 55 15.62 12.92 16.24
CA GLY D 55 16.15 13.78 17.27
C GLY D 55 16.00 15.25 16.88
N ASP D 56 17.13 15.94 16.75
CA ASP D 56 17.15 17.37 16.47
C ASP D 56 17.52 17.69 15.04
N PHE D 57 17.51 16.71 14.14
CA PHE D 57 17.84 16.95 12.74
C PHE D 57 17.00 16.05 11.85
N ARG D 58 16.88 16.45 10.59
CA ARG D 58 16.29 15.62 9.54
C ARG D 58 17.41 15.06 8.67
N VAL D 59 17.30 13.78 8.34
CA VAL D 59 18.35 13.07 7.62
C VAL D 59 17.75 12.26 6.49
N VAL D 60 18.41 12.29 5.33
CA VAL D 60 18.07 11.40 4.23
C VAL D 60 18.67 10.04 4.54
N VAL D 61 17.82 9.01 4.55
CA VAL D 61 18.22 7.65 4.88
C VAL D 61 18.23 6.82 3.61
N VAL D 62 19.33 6.11 3.37
CA VAL D 62 19.47 5.22 2.22
C VAL D 62 19.61 3.81 2.75
N ASP D 63 18.73 2.90 2.30
CA ASP D 63 18.77 1.52 2.74
C ASP D 63 18.55 0.52 1.62
N GLY D 64 18.43 0.98 0.37
CA GLY D 64 18.31 0.08 -0.76
C GLY D 64 19.67 -0.32 -1.29
N PRO D 65 19.82 -1.58 -1.68
CA PRO D 65 21.14 -2.04 -2.16
C PRO D 65 21.67 -1.25 -3.34
N GLU D 66 20.82 -1.00 -4.35
CA GLU D 66 21.27 -0.28 -5.54
C GLU D 66 21.71 1.13 -5.20
N LEU D 67 20.97 1.81 -4.32
CA LEU D 67 21.28 3.19 -3.98
C LEU D 67 22.48 3.32 -3.06
N ILE D 68 22.74 2.30 -2.22
CA ILE D 68 23.88 2.36 -1.31
C ILE D 68 25.19 2.18 -2.08
N GLU D 69 25.20 1.26 -3.04
CA GLU D 69 26.39 1.07 -3.87
C GLU D 69 26.78 2.36 -4.57
N GLU D 70 25.79 3.14 -5.00
CA GLU D 70 26.09 4.43 -5.60
C GLU D 70 26.58 5.43 -4.56
N ILE D 71 26.04 5.36 -3.34
CA ILE D 71 26.53 6.21 -2.26
C ILE D 71 27.95 5.82 -1.88
N ASN D 72 28.29 4.52 -1.96
CA ASN D 72 29.63 4.07 -1.62
C ASN D 72 30.64 4.31 -2.72
N ASN D 73 30.25 4.96 -3.81
CA ASN D 73 31.17 5.23 -4.91
C ASN D 73 32.25 6.23 -4.46
N PRO D 74 33.53 5.87 -4.53
CA PRO D 74 34.56 6.78 -4.03
C PRO D 74 34.79 7.98 -4.93
N GLN D 75 34.39 7.91 -6.20
CA GLN D 75 34.64 9.02 -7.11
C GLN D 75 33.76 10.22 -6.81
N LEU D 76 32.52 9.98 -6.37
CA LEU D 76 31.54 11.05 -6.19
C LEU D 76 31.14 11.29 -4.74
N TRP D 77 31.36 10.35 -3.84
CA TRP D 77 30.97 10.50 -2.45
C TRP D 77 32.16 10.21 -1.54
N GLU D 78 32.15 10.85 -0.37
CA GLU D 78 33.18 10.66 0.64
C GLU D 78 32.51 10.59 2.00
N LYS D 79 33.31 10.24 3.01
CA LYS D 79 32.80 10.17 4.38
C LYS D 79 32.35 11.55 4.84
N ASN D 80 31.20 11.59 5.52
CA ASN D 80 30.69 12.81 6.14
C ASN D 80 30.78 12.68 7.65
N VAL D 81 31.22 13.75 8.30
CA VAL D 81 31.24 13.81 9.76
C VAL D 81 29.81 14.11 10.21
N GLY D 82 29.11 13.08 10.68
CA GLY D 82 27.72 13.22 11.06
C GLY D 82 27.54 14.09 12.29
N PRO D 83 26.30 14.50 12.56
CA PRO D 83 26.05 15.32 13.76
C PRO D 83 26.50 14.66 15.04
N THR D 84 26.46 13.33 15.12
CA THR D 84 26.97 12.64 16.30
C THR D 84 28.49 12.73 16.37
N LEU D 85 29.17 12.47 15.25
CA LEU D 85 30.63 12.57 15.23
C LEU D 85 31.10 14.01 15.38
N HIS D 86 30.29 14.97 14.94
CA HIS D 86 30.66 16.38 15.12
C HIS D 86 30.54 16.81 16.57
N LYS D 87 29.51 16.31 17.28
CA LYS D 87 29.39 16.62 18.70
C LYS D 87 30.56 16.06 19.49
N LEU D 88 30.99 14.84 19.15
CA LEU D 88 32.06 14.16 19.88
C LEU D 88 33.44 14.70 19.55
N ARG D 89 33.54 15.86 18.91
CA ARG D 89 34.83 16.49 18.67
C ARG D 89 35.42 17.13 19.92
N SER D 90 34.67 17.14 21.03
CA SER D 90 35.21 17.68 22.27
C SER D 90 36.12 16.68 22.97
N VAL D 91 35.78 15.39 22.91
CA VAL D 91 36.59 14.34 23.51
C VAL D 91 37.83 14.12 22.67
N ALA D 92 37.62 13.61 21.46
CA ALA D 92 38.69 13.45 20.49
C ALA D 92 38.59 14.56 19.44
N GLY D 93 39.75 15.09 19.05
CA GLY D 93 39.86 16.22 18.15
C GLY D 93 40.30 15.76 16.78
N ASP D 94 41.60 15.86 16.47
CA ASP D 94 42.16 15.42 15.19
C ASP D 94 42.25 13.91 15.06
N GLY D 95 41.49 13.15 15.84
CA GLY D 95 41.54 11.71 15.77
C GLY D 95 41.07 11.18 14.42
N MET D 96 41.51 9.97 14.10
CA MET D 96 41.21 9.38 12.81
C MET D 96 39.71 9.15 12.60
N PHE D 97 38.94 9.11 13.69
CA PHE D 97 37.51 8.84 13.59
C PHE D 97 36.69 10.11 13.40
N THR D 98 37.10 11.21 14.03
CA THR D 98 36.30 12.43 14.07
C THR D 98 36.89 13.57 13.26
N ALA D 99 38.06 13.39 12.66
CA ALA D 99 38.67 14.45 11.87
C ALA D 99 37.97 14.59 10.52
N TYR D 100 37.98 15.81 10.00
CA TYR D 100 37.45 16.04 8.67
C TYR D 100 38.37 15.44 7.61
N ASN D 101 37.81 15.22 6.42
CA ASN D 101 38.61 14.73 5.31
C ASN D 101 39.66 15.75 4.89
N SER D 102 39.36 17.04 5.03
CA SER D 102 40.27 18.11 4.66
C SER D 102 41.27 18.45 5.75
N GLU D 103 41.36 17.66 6.80
CA GLU D 103 42.30 17.89 7.89
C GLU D 103 43.53 17.03 7.68
N GLU D 104 44.70 17.68 7.68
CA GLU D 104 45.96 16.99 7.38
C GLU D 104 46.29 15.94 8.42
N ASN D 105 45.77 16.09 9.65
CA ASN D 105 46.06 15.12 10.70
C ASN D 105 45.47 13.75 10.40
N TRP D 106 44.42 13.67 9.56
CA TRP D 106 43.87 12.37 9.22
C TRP D 106 44.83 11.57 8.35
N ARG D 107 45.15 12.10 7.18
CA ARG D 107 45.98 11.34 6.23
C ARG D 107 47.35 11.06 6.80
N LYS D 108 47.91 11.99 7.57
CA LYS D 108 49.18 11.75 8.23
C LYS D 108 49.09 10.57 9.19
N ALA D 109 48.08 10.58 10.07
CA ALA D 109 47.89 9.47 10.99
C ALA D 109 47.40 8.22 10.27
N HIS D 110 46.63 8.38 9.20
CA HIS D 110 46.06 7.23 8.51
C HIS D 110 47.14 6.33 7.91
N GLU D 111 48.09 6.93 7.20
CA GLU D 111 49.14 6.13 6.56
C GLU D 111 50.21 5.71 7.56
N ILE D 112 50.47 6.51 8.59
CA ILE D 112 51.44 6.12 9.61
C ILE D 112 50.95 4.91 10.39
N LEU D 113 49.68 4.92 10.79
CA LEU D 113 49.11 3.81 11.56
C LEU D 113 48.65 2.65 10.69
N THR D 114 48.61 2.83 9.36
CA THR D 114 48.19 1.74 8.49
C THR D 114 49.07 0.50 8.62
N PRO D 115 50.41 0.58 8.58
CA PRO D 115 51.21 -0.64 8.74
C PRO D 115 51.09 -1.27 10.12
N ALA D 116 50.58 -0.53 11.11
CA ALA D 116 50.35 -1.08 12.44
C ALA D 116 49.10 -1.93 12.50
N PHE D 117 48.15 -1.74 11.58
CA PHE D 117 46.88 -2.44 11.61
C PHE D 117 46.75 -3.48 10.49
N THR D 118 47.84 -3.78 9.79
CA THR D 118 47.76 -4.75 8.70
C THR D 118 47.49 -6.14 9.26
N LYS D 119 47.00 -7.02 8.37
CA LYS D 119 46.77 -8.41 8.75
C LYS D 119 48.06 -9.12 9.13
N GLU D 120 49.20 -8.65 8.60
CA GLU D 120 50.49 -9.23 8.97
C GLU D 120 51.01 -8.70 10.29
N ALA D 121 50.74 -7.43 10.60
CA ALA D 121 51.21 -6.83 11.85
C ALA D 121 50.45 -7.31 13.07
N MET D 122 49.50 -8.23 12.92
CA MET D 122 48.80 -8.80 14.06
C MET D 122 49.68 -9.76 14.86
N SER D 123 50.82 -10.19 14.32
CA SER D 123 51.74 -11.01 15.09
C SER D 123 52.25 -10.27 16.32
N THR D 124 52.40 -8.94 16.20
CA THR D 124 52.84 -8.13 17.33
C THR D 124 51.90 -8.25 18.50
N TYR D 125 50.60 -8.06 18.26
CA TYR D 125 49.61 -7.96 19.32
C TYR D 125 49.04 -9.31 19.76
N HIS D 126 49.32 -10.39 19.02
CA HIS D 126 48.63 -11.66 19.24
C HIS D 126 48.78 -12.20 20.65
N GLN D 127 50.00 -12.64 21.02
CA GLN D 127 50.20 -13.33 22.29
C GLN D 127 49.77 -12.48 23.48
N ARG D 128 49.80 -11.15 23.33
CA ARG D 128 49.27 -10.29 24.38
C ARG D 128 47.74 -10.29 24.39
N ILE D 129 47.12 -10.29 23.21
CA ILE D 129 45.66 -10.38 23.13
C ILE D 129 45.18 -11.67 23.77
N ALA D 130 45.83 -12.79 23.44
CA ALA D 130 45.47 -14.07 24.04
C ALA D 130 45.66 -14.06 25.54
N ALA D 131 46.67 -13.32 26.03
CA ALA D 131 46.88 -13.22 27.47
C ALA D 131 45.74 -12.45 28.13
N THR D 132 45.36 -11.31 27.54
CA THR D 132 44.28 -10.51 28.10
C THR D 132 42.96 -11.27 28.09
N VAL D 133 42.73 -12.12 27.08
CA VAL D 133 41.53 -12.95 27.07
C VAL D 133 41.58 -13.97 28.19
N ARG D 134 42.76 -14.56 28.44
CA ARG D 134 42.88 -15.56 29.50
C ARG D 134 42.64 -14.94 30.87
N GLU D 135 43.06 -13.69 31.06
CA GLU D 135 42.81 -13.01 32.33
C GLU D 135 41.31 -12.88 32.61
N LEU D 136 40.50 -12.71 31.56
CA LEU D 136 39.06 -12.67 31.73
C LEU D 136 38.49 -14.07 31.90
N ILE D 137 39.04 -15.05 31.17
CA ILE D 137 38.60 -16.43 31.35
C ILE D 137 38.84 -16.90 32.78
N ASP D 138 39.94 -16.45 33.39
CA ASP D 138 40.20 -16.76 34.79
C ASP D 138 39.13 -16.17 35.70
N ALA D 139 38.82 -14.88 35.50
CA ALA D 139 37.77 -14.25 36.30
C ALA D 139 36.44 -14.94 36.11
N TRP D 140 36.15 -15.39 34.89
CA TRP D 140 34.91 -16.09 34.60
C TRP D 140 34.92 -17.53 35.08
N ASN D 141 36.08 -18.08 35.43
CA ASN D 141 36.12 -19.43 35.99
C ASN D 141 35.49 -19.48 37.38
N THR D 142 35.63 -18.41 38.16
CA THR D 142 35.01 -18.37 39.48
C THR D 142 33.55 -17.96 39.40
N ARG D 143 33.20 -17.09 38.45
CA ARG D 143 31.79 -16.75 38.23
C ARG D 143 30.99 -17.98 37.84
N ALA D 144 31.61 -18.92 37.15
CA ALA D 144 30.91 -20.15 36.77
C ALA D 144 30.69 -21.07 37.97
N GLN D 145 31.65 -21.09 38.89
CA GLN D 145 31.53 -21.96 40.06
C GLN D 145 30.44 -21.47 41.02
N ASN D 146 30.26 -20.15 41.11
CA ASN D 146 29.32 -19.57 42.06
C ASN D 146 27.92 -19.38 41.50
N ASN D 147 27.66 -19.88 40.29
CA ASN D 147 26.35 -19.80 39.64
C ASN D 147 25.83 -18.36 39.62
N SER D 148 26.58 -17.50 38.95
CA SER D 148 26.29 -16.08 38.89
C SER D 148 25.94 -15.68 37.47
N TRP D 149 24.78 -15.04 37.30
CA TRP D 149 24.42 -14.47 36.01
C TRP D 149 25.30 -13.26 35.73
N ILE D 150 25.89 -13.22 34.53
CA ILE D 150 26.92 -12.26 34.18
C ILE D 150 26.34 -11.22 33.24
N ASP D 151 26.60 -9.95 33.53
CA ASP D 151 26.27 -8.85 32.61
C ASP D 151 27.27 -8.90 31.46
N ILE D 152 26.84 -9.47 30.33
CA ILE D 152 27.74 -9.77 29.22
C ILE D 152 28.31 -8.51 28.59
N PRO D 153 27.50 -7.52 28.18
CA PRO D 153 28.09 -6.32 27.56
C PRO D 153 29.04 -5.56 28.47
N ALA D 154 28.79 -5.54 29.78
CA ALA D 154 29.66 -4.82 30.70
C ALA D 154 31.01 -5.53 30.84
N GLU D 155 31.01 -6.85 30.85
CA GLU D 155 32.27 -7.59 30.95
C GLU D 155 33.04 -7.54 29.64
N THR D 156 32.34 -7.67 28.50
CA THR D 156 33.03 -7.64 27.21
C THR D 156 33.62 -6.26 26.93
N ASN D 157 32.97 -5.19 27.42
CA ASN D 157 33.53 -3.86 27.21
C ASN D 157 34.69 -3.59 28.16
N ARG D 158 34.71 -4.22 29.32
CA ARG D 158 35.90 -4.18 30.16
C ARG D 158 37.03 -4.98 29.52
N LEU D 159 36.69 -6.10 28.87
CA LEU D 159 37.71 -6.91 28.20
C LEU D 159 38.30 -6.19 27.00
N THR D 160 37.45 -5.72 26.09
CA THR D 160 37.93 -5.09 24.86
C THR D 160 38.67 -3.79 25.13
N ILE D 161 38.36 -3.11 26.23
CA ILE D 161 39.15 -1.94 26.61
C ILE D 161 40.57 -2.36 26.94
N GLU D 162 40.73 -3.47 27.67
CA GLU D 162 42.06 -3.95 28.02
C GLU D 162 42.77 -4.60 26.83
N ILE D 163 42.02 -5.10 25.85
CA ILE D 163 42.66 -5.74 24.71
C ILE D 163 43.37 -4.71 23.83
N ILE D 164 42.75 -3.56 23.62
CA ILE D 164 43.36 -2.56 22.74
C ILE D 164 44.28 -1.61 23.52
N SER D 165 44.04 -1.40 24.81
CA SER D 165 44.92 -0.53 25.58
C SER D 165 46.24 -1.21 25.94
N ARG D 166 46.23 -2.53 26.09
CA ARG D 166 47.47 -3.26 26.37
C ARG D 166 48.21 -3.63 25.08
N ALA D 167 47.50 -4.15 24.08
CA ALA D 167 48.16 -4.47 22.82
C ALA D 167 48.59 -3.22 22.08
N GLY D 168 47.84 -2.13 22.23
CA GLY D 168 48.17 -0.90 21.54
C GLY D 168 49.24 -0.07 22.22
N PHE D 169 49.14 0.08 23.54
CA PHE D 169 50.02 0.97 24.26
C PHE D 169 50.74 0.33 25.45
N ASP D 170 50.56 -0.97 25.68
CA ASP D 170 51.16 -1.66 26.83
C ASP D 170 50.82 -0.96 28.13
N TYR D 171 49.58 -0.49 28.24
CA TYR D 171 49.09 0.18 29.44
C TYR D 171 47.83 -0.53 29.90
N GLN D 172 47.80 -0.91 31.18
CA GLN D 172 46.70 -1.65 31.76
C GLN D 172 45.87 -0.72 32.65
N PHE D 173 44.59 -0.56 32.29
CA PHE D 173 43.71 0.32 33.05
C PHE D 173 43.14 -0.39 34.28
N ASN D 174 42.54 -1.57 34.08
CA ASN D 174 41.94 -2.33 35.15
C ASN D 174 42.36 -3.79 35.05
N ASN D 175 42.18 -4.51 36.16
CA ASN D 175 42.37 -5.95 36.19
C ASN D 175 41.02 -6.63 36.00
N LEU D 176 40.95 -7.57 35.06
CA LEU D 176 39.67 -8.18 34.69
C LEU D 176 39.09 -9.03 35.82
N ALA D 177 39.87 -9.36 36.84
CA ALA D 177 39.32 -9.97 38.05
C ALA D 177 38.81 -8.94 39.04
N ASP D 178 39.38 -7.73 39.02
CA ASP D 178 38.90 -6.63 39.84
C ASP D 178 37.66 -6.01 39.21
N HIS D 179 36.77 -5.50 40.06
CA HIS D 179 35.57 -4.83 39.61
C HIS D 179 35.60 -3.32 39.86
N SER D 180 36.75 -2.78 40.24
CA SER D 180 36.95 -1.33 40.30
C SER D 180 37.44 -0.83 38.95
N GLU D 181 36.99 0.36 38.57
CA GLU D 181 37.31 0.95 37.28
C GLU D 181 38.27 2.12 37.46
N ASN D 182 39.14 2.30 36.46
CA ASN D 182 40.09 3.40 36.49
C ASN D 182 39.34 4.73 36.48
N PRO D 183 39.82 5.74 37.21
CA PRO D 183 39.14 7.05 37.18
C PRO D 183 39.26 7.76 35.84
N PHE D 184 40.17 7.34 34.98
CA PHE D 184 40.28 7.97 33.66
C PHE D 184 39.17 7.51 32.73
N ILE D 185 38.92 6.19 32.68
CA ILE D 185 37.84 5.67 31.86
C ILE D 185 36.50 6.27 32.28
N THR D 186 36.33 6.50 33.59
CA THR D 186 35.11 7.14 34.07
C THR D 186 35.00 8.58 33.58
N ALA D 187 36.13 9.27 33.43
CA ALA D 187 36.10 10.66 32.96
C ALA D 187 35.85 10.74 31.46
N VAL D 188 36.35 9.76 30.68
CA VAL D 188 36.12 9.78 29.24
C VAL D 188 34.65 9.56 28.93
N LEU D 189 34.03 8.58 29.59
CA LEU D 189 32.61 8.32 29.35
C LEU D 189 31.74 9.47 29.84
N ARG D 190 32.16 10.16 30.90
CA ARG D 190 31.43 11.35 31.32
C ARG D 190 31.63 12.49 30.33
N GLU D 191 32.74 12.48 29.59
CA GLU D 191 32.96 13.48 28.56
C GLU D 191 32.25 13.15 27.24
N LEU D 192 31.96 11.87 27.00
CA LEU D 192 31.16 11.51 25.82
C LEU D 192 29.71 11.94 25.98
N GLN D 193 29.18 11.86 27.20
CA GLN D 193 27.79 12.27 27.43
C GLN D 193 27.63 13.78 27.34
N TYR D 194 28.56 14.53 27.94
CA TYR D 194 28.49 15.98 27.87
C TYR D 194 28.79 16.51 26.48
N ALA D 195 29.37 15.68 25.61
CA ALA D 195 29.60 16.08 24.22
C ALA D 195 28.35 15.88 23.39
N ASN D 196 27.74 14.70 23.46
CA ASN D 196 26.50 14.43 22.73
C ASN D 196 25.31 15.17 23.33
N ARG D 197 25.51 15.92 24.40
CA ARG D 197 24.48 16.79 24.96
C ARG D 197 23.86 17.65 23.86
N ARG D 198 22.53 17.69 23.84
CA ARG D 198 21.83 18.31 22.72
C ARG D 198 22.12 19.80 22.63
N THR D 199 22.24 20.29 21.39
CA THR D 199 22.64 21.68 21.16
C THR D 199 21.58 22.65 21.67
N ASP D 200 20.30 22.31 21.56
CA ASP D 200 19.25 23.15 22.11
C ASP D 200 18.93 22.82 23.56
N SER D 201 19.52 21.76 24.11
CA SER D 201 19.41 21.46 25.53
C SER D 201 20.40 22.26 26.37
N ILE D 202 21.30 23.00 25.74
CA ILE D 202 22.31 23.74 26.51
C ILE D 202 21.64 24.88 27.27
N PRO D 203 22.07 25.17 28.50
CA PRO D 203 21.72 26.47 29.09
C PRO D 203 22.31 27.59 28.25
N PHE D 204 21.48 28.61 27.97
CA PHE D 204 21.88 29.67 27.06
C PHE D 204 23.13 30.42 27.54
N TYR D 205 23.43 30.37 28.83
CA TYR D 205 24.56 31.12 29.40
C TYR D 205 25.33 30.19 30.31
N GLU D 206 26.52 29.77 29.87
CA GLU D 206 27.36 28.89 30.68
C GLU D 206 27.80 29.58 31.97
N GLN D 207 27.85 30.91 31.97
CA GLN D 207 28.28 31.69 33.14
C GLN D 207 27.43 31.39 34.37
N ARG D 212 28.55 23.72 38.31
CA ARG D 212 28.03 22.48 38.86
C ARG D 212 28.08 21.38 37.81
N ARG D 213 27.67 21.73 36.59
CA ARG D 213 27.76 20.85 35.42
C ARG D 213 28.87 21.26 34.46
N ARG D 214 29.09 22.56 34.30
CA ARG D 214 30.06 23.04 33.32
C ARG D 214 31.50 22.82 33.80
N ARG D 215 31.74 22.95 35.10
CA ARG D 215 33.09 22.82 35.63
C ARG D 215 33.43 21.41 36.08
N LEU D 216 32.43 20.53 36.21
CA LEU D 216 32.72 19.11 36.19
C LEU D 216 33.26 18.68 34.83
N HIS D 217 32.76 19.31 33.77
CA HIS D 217 33.28 19.05 32.42
C HIS D 217 34.72 19.52 32.29
N ALA D 218 34.99 20.77 32.70
CA ALA D 218 36.34 21.31 32.59
C ALA D 218 37.33 20.52 33.44
N ALA D 219 36.90 20.02 34.61
CA ALA D 219 37.78 19.23 35.45
C ALA D 219 38.14 17.91 34.78
N ASP D 220 37.15 17.21 34.24
CA ASP D 220 37.42 15.96 33.54
C ASP D 220 38.16 16.19 32.23
N LYS D 221 37.89 17.32 31.57
CA LYS D 221 38.61 17.64 30.34
C LYS D 221 40.10 17.81 30.61
N LYS D 222 40.45 18.58 31.66
CA LYS D 222 41.85 18.75 32.02
C LYS D 222 42.46 17.44 32.50
N PHE D 223 41.68 16.63 33.23
CA PHE D 223 42.20 15.37 33.74
C PHE D 223 42.50 14.40 32.60
N ILE D 224 41.63 14.36 31.59
CA ILE D 224 41.82 13.43 30.47
C ILE D 224 43.08 13.78 29.68
N ARG D 225 43.23 15.07 29.34
CA ARG D 225 44.43 15.50 28.62
C ARG D 225 45.69 15.25 29.43
N ALA D 226 45.67 15.59 30.71
CA ALA D 226 46.83 15.36 31.56
C ALA D 226 47.14 13.87 31.72
N GLU D 227 46.10 13.03 31.74
CA GLU D 227 46.31 11.60 31.92
C GLU D 227 46.92 10.98 30.67
N VAL D 228 46.40 11.34 29.50
CA VAL D 228 46.87 10.69 28.27
C VAL D 228 48.26 11.19 27.87
N ASP D 229 48.61 12.41 28.27
CA ASP D 229 49.95 12.92 27.97
C ASP D 229 51.03 12.25 28.81
N LYS D 230 50.65 11.62 29.92
CA LYS D 230 51.63 10.93 30.75
C LYS D 230 52.08 9.62 30.13
N ILE D 231 51.12 8.81 29.67
CA ILE D 231 51.47 7.50 29.10
C ILE D 231 52.32 7.67 27.84
N ILE D 232 52.19 8.80 27.15
CA ILE D 232 53.03 9.04 25.98
C ILE D 232 54.45 9.37 26.41
N ASP D 233 54.62 10.33 27.33
CA ASP D 233 55.95 10.74 27.74
C ASP D 233 56.67 9.64 28.53
N VAL D 234 55.91 8.84 29.28
CA VAL D 234 56.51 7.66 29.93
C VAL D 234 57.02 6.69 28.87
N ARG D 235 56.30 6.58 27.75
CA ARG D 235 56.73 5.73 26.63
C ARG D 235 57.71 6.50 25.75
N ARG D 236 58.85 6.84 26.36
CA ARG D 236 60.03 7.27 25.62
C ARG D 236 61.15 6.26 25.69
N ILE D 237 61.11 5.35 26.66
CA ILE D 237 62.18 4.38 26.87
C ILE D 237 61.78 3.11 26.13
N ASN D 238 62.00 3.12 24.80
CA ASN D 238 61.56 1.94 24.04
C ASN D 238 62.30 1.77 22.72
N PRO D 239 63.28 0.88 22.66
CA PRO D 239 63.79 0.42 21.36
C PRO D 239 63.64 -1.08 21.19
N ARG D 240 62.42 -1.61 21.34
CA ARG D 240 62.22 -3.05 21.32
C ARG D 240 62.60 -3.65 19.97
N VAL D 241 62.91 -4.94 20.01
CA VAL D 241 63.03 -5.77 18.81
C VAL D 241 62.03 -6.93 18.84
N GLY D 242 61.93 -7.61 19.99
CA GLY D 242 61.01 -8.72 20.15
C GLY D 242 59.56 -8.30 20.02
N GLN D 243 58.82 -9.00 19.15
CA GLN D 243 57.41 -8.73 18.87
C GLN D 243 57.18 -7.31 18.36
N SER D 244 58.21 -6.67 17.79
CA SER D 244 58.09 -5.41 17.08
C SER D 244 57.62 -4.27 17.98
N PRO D 245 57.61 -3.04 17.50
CA PRO D 245 56.81 -2.00 18.17
C PRO D 245 55.33 -2.22 17.92
N ASP D 246 54.52 -1.63 18.80
CA ASP D 246 53.08 -1.73 18.70
C ASP D 246 52.50 -0.38 18.25
N MET D 247 51.25 -0.12 18.60
CA MET D 247 50.55 1.06 18.08
C MET D 247 51.11 2.35 18.67
N LEU D 248 51.31 2.38 20.00
CA LEU D 248 51.83 3.59 20.63
C LEU D 248 53.25 3.90 20.17
N ASP D 249 54.07 2.85 19.95
CA ASP D 249 55.45 3.07 19.52
C ASP D 249 55.51 3.58 18.09
N ILE D 250 54.79 2.91 17.18
CA ILE D 250 54.81 3.28 15.77
C ILE D 250 54.41 4.73 15.58
N MET D 251 53.52 5.24 16.43
CA MET D 251 53.19 6.66 16.42
C MET D 251 54.33 7.53 16.95
N LEU D 252 55.43 6.92 17.40
CA LEU D 252 56.61 7.65 17.83
C LEU D 252 57.89 7.23 17.11
N THR D 253 57.94 6.02 16.54
CA THR D 253 59.15 5.54 15.88
C THR D 253 59.02 5.46 14.36
N ALA D 254 57.81 5.47 13.81
CA ALA D 254 57.59 5.39 12.38
C ALA D 254 57.30 6.78 11.83
N ALA D 255 57.82 7.05 10.63
CA ALA D 255 57.67 8.34 9.99
C ALA D 255 56.66 8.25 8.84
N ASP D 256 56.04 9.38 8.53
CA ASP D 256 55.10 9.44 7.41
C ASP D 256 55.85 9.31 6.10
N PRO D 257 55.46 8.39 5.21
CA PRO D 257 56.29 8.12 4.02
C PRO D 257 56.23 9.20 2.95
N VAL D 258 55.24 10.08 2.98
CA VAL D 258 55.09 11.10 1.95
C VAL D 258 55.73 12.43 2.36
N THR D 259 55.58 12.83 3.62
CA THR D 259 56.15 14.10 4.09
C THR D 259 57.32 13.93 5.05
N GLY D 260 57.73 12.70 5.33
CA GLY D 260 58.79 12.48 6.29
C GLY D 260 58.48 12.99 7.68
N ASP D 261 57.20 13.14 8.01
CA ASP D 261 56.76 13.75 9.25
C ASP D 261 56.41 12.67 10.27
N LYS D 262 56.46 13.06 11.55
CA LYS D 262 56.01 12.22 12.65
C LYS D 262 54.94 12.96 13.42
N LEU D 263 54.00 12.20 13.99
CA LEU D 263 52.86 12.80 14.66
C LEU D 263 53.29 13.50 15.95
N ASP D 264 52.78 14.71 16.15
CA ASP D 264 53.07 15.47 17.35
C ASP D 264 52.45 14.79 18.57
N ASN D 265 52.89 15.21 19.76
CA ASN D 265 52.46 14.56 20.99
C ASN D 265 50.95 14.69 21.20
N ASN D 266 50.39 15.87 20.91
CA ASN D 266 48.95 16.07 21.10
C ASN D 266 48.15 15.14 20.20
N ASN D 267 48.62 14.90 18.98
CA ASN D 267 47.93 13.97 18.10
C ASN D 267 48.01 12.54 18.62
N ILE D 268 49.08 12.21 19.34
CA ILE D 268 49.20 10.86 19.90
C ILE D 268 48.09 10.62 20.90
N GLY D 269 47.79 11.62 21.73
CA GLY D 269 46.77 11.45 22.76
C GLY D 269 45.37 11.30 22.18
N ASN D 270 45.06 12.00 21.09
CA ASN D 270 43.72 11.94 20.53
C ASN D 270 43.44 10.60 19.87
N GLN D 271 44.46 9.97 19.27
CA GLN D 271 44.24 8.65 18.68
C GLN D 271 44.04 7.60 19.77
N ILE D 272 44.66 7.78 20.92
CA ILE D 272 44.44 6.85 22.04
C ILE D 272 42.99 6.92 22.50
N LEU D 273 42.47 8.14 22.67
CA LEU D 273 41.05 8.29 22.96
C LEU D 273 40.19 7.71 21.85
N THR D 274 40.65 7.81 20.60
CA THR D 274 39.90 7.24 19.49
C THR D 274 39.98 5.71 19.50
N PHE D 275 41.17 5.16 19.70
CA PHE D 275 41.34 3.72 19.66
C PHE D 275 40.66 3.02 20.83
N LEU D 276 40.49 3.72 21.95
CA LEU D 276 39.83 3.11 23.10
C LEU D 276 38.31 3.17 22.97
N VAL D 277 37.77 4.23 22.39
CA VAL D 277 36.33 4.34 22.19
C VAL D 277 35.89 3.50 20.99
N ALA D 278 36.41 3.83 19.80
CA ALA D 278 35.99 3.14 18.59
C ALA D 278 36.47 1.70 18.52
N GLY D 279 37.47 1.34 19.32
CA GLY D 279 38.00 -0.01 19.27
C GLY D 279 37.31 -0.98 20.20
N SER D 280 36.98 -0.52 21.41
CA SER D 280 36.46 -1.40 22.44
C SER D 280 34.95 -1.60 22.34
N GLU D 281 34.18 -0.51 22.30
CA GLU D 281 32.74 -0.63 22.41
C GLU D 281 32.14 -1.38 21.21
N THR D 282 32.66 -1.12 20.01
CA THR D 282 32.18 -1.84 18.83
C THR D 282 32.47 -3.33 18.94
N SER D 283 33.72 -3.68 19.27
CA SER D 283 34.09 -5.09 19.37
C SER D 283 33.37 -5.77 20.52
N ALA D 284 33.16 -5.05 21.62
CA ALA D 284 32.54 -5.64 22.81
C ALA D 284 31.10 -6.05 22.54
N ASN D 285 30.32 -5.14 21.92
CA ASN D 285 28.92 -5.46 21.65
C ASN D 285 28.80 -6.54 20.59
N ALA D 286 29.72 -6.59 19.62
CA ALA D 286 29.72 -7.67 18.64
C ALA D 286 29.93 -9.01 19.31
N ILE D 287 30.87 -9.08 20.26
CA ILE D 287 31.06 -10.30 21.05
C ILE D 287 29.79 -10.63 21.82
N ALA D 288 29.18 -9.62 22.45
CA ALA D 288 27.97 -9.85 23.23
C ALA D 288 26.85 -10.39 22.36
N PHE D 289 26.63 -9.78 21.19
CA PHE D 289 25.64 -10.31 20.25
C PHE D 289 25.97 -11.75 19.86
N ALA D 290 27.24 -12.01 19.55
CA ALA D 290 27.65 -13.36 19.17
C ALA D 290 27.42 -14.34 20.31
N LEU D 291 27.72 -13.93 21.55
CA LEU D 291 27.48 -14.79 22.69
C LEU D 291 26.00 -15.06 22.90
N HIS D 292 25.13 -14.09 22.59
CA HIS D 292 23.71 -14.30 22.76
C HIS D 292 23.17 -15.35 21.79
N PHE D 293 23.66 -15.33 20.55
CA PHE D 293 23.18 -16.30 19.56
C PHE D 293 23.81 -17.68 19.77
N LEU D 294 25.03 -17.72 20.30
CA LEU D 294 25.63 -19.02 20.62
C LEU D 294 24.90 -19.68 21.80
N ALA D 295 24.51 -18.90 22.80
CA ALA D 295 23.74 -19.45 23.92
C ALA D 295 22.32 -19.81 23.51
N THR D 296 21.80 -19.21 22.44
CA THR D 296 20.43 -19.41 22.01
C THR D 296 20.30 -20.43 20.89
N THR D 297 21.15 -20.34 19.86
CA THR D 297 21.13 -21.26 18.74
C THR D 297 22.07 -22.44 19.02
N PRO D 298 21.53 -23.60 19.39
CA PRO D 298 22.43 -24.71 19.79
C PRO D 298 23.20 -25.30 18.64
N ASP D 299 22.59 -25.39 17.45
CA ASP D 299 23.28 -26.00 16.31
C ASP D 299 24.49 -25.19 15.88
N VAL D 300 24.41 -23.85 15.98
CA VAL D 300 25.56 -23.02 15.67
C VAL D 300 26.59 -23.10 16.79
N ALA D 301 26.13 -23.20 18.04
CA ALA D 301 27.05 -23.29 19.17
C ALA D 301 27.88 -24.57 19.11
N ALA D 302 27.21 -25.72 18.93
CA ALA D 302 27.93 -26.99 18.89
C ALA D 302 28.88 -27.05 17.71
N GLN D 303 28.42 -26.61 16.53
CA GLN D 303 29.30 -26.58 15.37
C GLN D 303 30.52 -25.71 15.64
N ALA D 304 30.33 -24.58 16.31
CA ALA D 304 31.47 -23.74 16.68
C ALA D 304 32.28 -24.37 17.81
N ARG D 305 31.60 -25.00 18.77
CA ARG D 305 32.31 -25.64 19.88
C ARG D 305 33.01 -26.91 19.42
N ALA D 306 32.50 -27.59 18.40
CA ALA D 306 33.13 -28.81 17.94
C ALA D 306 34.36 -28.50 17.08
N GLU D 307 34.28 -27.48 16.22
CA GLU D 307 35.46 -27.10 15.45
C GLU D 307 36.52 -26.44 16.29
N VAL D 308 36.21 -26.06 17.53
CA VAL D 308 37.21 -25.51 18.44
C VAL D 308 37.75 -26.57 19.40
N ASP D 309 37.01 -27.67 19.62
CA ASP D 309 37.45 -28.75 20.50
C ASP D 309 38.34 -29.75 19.77
N ALA D 310 37.92 -30.21 18.59
CA ALA D 310 38.77 -31.10 17.80
C ALA D 310 40.05 -30.41 17.35
N MET D 311 40.07 -29.07 17.35
CA MET D 311 41.26 -28.33 16.97
C MET D 311 42.16 -28.07 18.17
N TRP D 312 41.57 -27.74 19.32
CA TRP D 312 42.30 -27.62 20.58
C TRP D 312 41.86 -28.75 21.50
N PRO D 313 42.47 -29.93 21.40
CA PRO D 313 42.04 -31.06 22.23
C PRO D 313 42.38 -30.84 23.69
N GLY D 314 41.64 -31.53 24.56
CA GLY D 314 41.82 -31.40 25.99
C GLY D 314 41.17 -30.15 26.55
N ARG D 315 40.34 -30.31 27.57
CA ARG D 315 39.59 -29.19 28.14
C ARG D 315 40.44 -28.26 29.00
N THR D 316 41.76 -28.29 28.86
CA THR D 316 42.62 -27.27 29.43
C THR D 316 42.55 -26.01 28.57
N PHE D 317 43.21 -24.96 29.04
CA PHE D 317 43.20 -23.70 28.30
C PHE D 317 43.97 -23.86 27.00
N PRO D 318 43.44 -23.39 25.87
CA PRO D 318 44.12 -23.61 24.59
C PRO D 318 45.39 -22.78 24.48
N ASP D 319 46.47 -23.42 24.03
CA ASP D 319 47.70 -22.71 23.72
C ASP D 319 47.48 -21.88 22.46
N PHE D 320 47.05 -20.63 22.62
CA PHE D 320 46.66 -19.80 21.50
C PHE D 320 47.83 -19.55 20.56
N GLN D 321 47.68 -19.99 19.31
CA GLN D 321 48.67 -19.76 18.27
C GLN D 321 48.18 -18.66 17.33
N PHE D 322 49.12 -18.09 16.59
CA PHE D 322 48.79 -16.92 15.77
C PHE D 322 48.26 -17.29 14.39
N ASP D 323 49.00 -18.12 13.65
CA ASP D 323 48.65 -18.43 12.27
C ASP D 323 47.37 -19.25 12.13
N GLN D 324 46.67 -19.56 13.22
CA GLN D 324 45.47 -20.39 13.17
C GLN D 324 44.17 -19.61 13.42
N ILE D 325 44.26 -18.34 13.83
CA ILE D 325 43.06 -17.54 14.03
C ILE D 325 42.22 -17.51 12.77
N ALA D 326 42.85 -17.57 11.61
CA ALA D 326 42.16 -17.56 10.33
C ALA D 326 41.86 -18.96 9.78
N LYS D 327 42.02 -19.99 10.61
CA LYS D 327 41.74 -21.36 10.16
C LYS D 327 40.44 -21.93 10.72
N LEU D 328 39.83 -21.28 11.72
CA LEU D 328 38.52 -21.69 12.20
C LEU D 328 37.47 -20.94 11.38
N ARG D 329 37.21 -21.49 10.18
CA ARG D 329 36.42 -20.76 9.20
C ARG D 329 34.98 -20.58 9.65
N TYR D 330 34.44 -21.51 10.45
CA TYR D 330 33.04 -21.39 10.85
C TYR D 330 32.85 -20.32 11.92
N LEU D 331 33.81 -20.17 12.83
CA LEU D 331 33.65 -19.19 13.90
C LEU D 331 33.65 -17.77 13.35
N ARG D 332 34.48 -17.51 12.33
CA ARG D 332 34.43 -16.20 11.68
C ARG D 332 33.13 -16.00 10.90
N LEU D 333 32.54 -17.10 10.41
CA LEU D 333 31.22 -17.00 9.79
C LEU D 333 30.15 -16.68 10.82
N VAL D 334 30.32 -17.14 12.06
CA VAL D 334 29.40 -16.76 13.13
C VAL D 334 29.52 -15.27 13.42
N ILE D 335 30.75 -14.75 13.44
CA ILE D 335 30.96 -13.33 13.66
C ILE D 335 30.41 -12.51 12.49
N ASP D 336 30.66 -12.96 11.26
CA ASP D 336 30.15 -12.26 10.10
C ASP D 336 28.62 -12.22 10.10
N GLU D 337 27.97 -13.31 10.53
CA GLU D 337 26.52 -13.30 10.61
C GLU D 337 26.02 -12.43 11.75
N ALA D 338 26.77 -12.37 12.86
CA ALA D 338 26.38 -11.49 13.95
C ALA D 338 26.50 -10.02 13.55
N LEU D 339 27.59 -9.66 12.86
CA LEU D 339 27.76 -8.29 12.40
C LEU D 339 26.81 -7.96 11.25
N ARG D 340 26.27 -8.97 10.57
CA ARG D 340 25.23 -8.71 9.58
C ARG D 340 23.90 -8.44 10.26
N LEU D 341 23.41 -9.41 11.04
CA LEU D 341 22.09 -9.28 11.64
C LEU D 341 22.00 -8.10 12.60
N TRP D 342 23.12 -7.73 13.22
CA TRP D 342 23.15 -6.64 14.20
C TRP D 342 24.47 -5.90 14.08
N PRO D 343 24.59 -5.02 13.08
CA PRO D 343 25.84 -4.25 12.92
C PRO D 343 26.05 -3.26 14.06
N VAL D 344 27.02 -3.55 14.93
CA VAL D 344 27.26 -2.71 16.11
C VAL D 344 27.53 -1.27 15.70
N ALA D 345 28.16 -1.06 14.54
CA ALA D 345 28.16 0.24 13.91
C ALA D 345 26.97 0.28 12.95
N PRO D 346 25.83 0.84 13.37
CA PRO D 346 24.59 0.66 12.60
C PRO D 346 24.60 1.35 11.25
N GLY D 347 25.54 2.25 11.00
CA GLY D 347 25.58 2.94 9.73
C GLY D 347 26.69 3.96 9.70
N TYR D 348 26.62 4.84 8.71
CA TYR D 348 27.63 5.88 8.53
C TYR D 348 27.06 6.96 7.62
N PHE D 349 27.65 8.14 7.69
CA PHE D 349 27.23 9.28 6.89
C PHE D 349 28.18 9.47 5.71
N ARG D 350 27.62 9.95 4.61
CA ARG D 350 28.36 10.19 3.38
C ARG D 350 27.91 11.51 2.78
N GLN D 351 28.85 12.23 2.19
CA GLN D 351 28.56 13.51 1.57
C GLN D 351 29.07 13.51 0.13
N ALA D 352 28.33 14.21 -0.73
CA ALA D 352 28.65 14.25 -2.16
C ALA D 352 29.86 15.14 -2.41
N LYS D 353 30.88 14.58 -3.06
CA LYS D 353 32.07 15.35 -3.41
C LYS D 353 31.80 16.38 -4.49
N GLN D 354 30.67 16.27 -5.19
CA GLN D 354 30.26 17.24 -6.20
C GLN D 354 28.76 17.07 -6.41
N ASP D 355 28.19 17.95 -7.23
CA ASP D 355 26.79 17.79 -7.62
C ASP D 355 26.62 16.50 -8.39
N THR D 356 25.70 15.66 -7.93
CA THR D 356 25.53 14.33 -8.51
C THR D 356 24.08 13.88 -8.30
N THR D 357 23.78 12.69 -8.80
CA THR D 357 22.49 12.06 -8.60
C THR D 357 22.70 10.59 -8.30
N ILE D 358 21.64 9.93 -7.82
CA ILE D 358 21.59 8.49 -7.67
C ILE D 358 20.22 8.00 -8.13
N GLY D 359 20.10 6.69 -8.30
CA GLY D 359 18.85 6.10 -8.73
C GLY D 359 18.44 6.48 -10.14
N GLU D 360 19.39 6.44 -11.08
CA GLU D 360 19.12 6.79 -12.48
C GLU D 360 18.60 8.21 -12.62
N GLY D 361 19.20 9.13 -11.86
CA GLY D 361 18.84 10.53 -11.92
C GLY D 361 17.60 10.92 -11.15
N ARG D 362 16.97 9.98 -10.44
CA ARG D 362 15.73 10.30 -9.74
C ARG D 362 15.97 11.20 -8.54
N TYR D 363 17.12 11.08 -7.89
CA TYR D 363 17.42 11.83 -6.67
C TYR D 363 18.70 12.63 -6.88
N ALA D 364 18.60 13.94 -6.72
CA ALA D 364 19.71 14.85 -6.94
C ALA D 364 20.28 15.35 -5.61
N PHE D 365 21.59 15.61 -5.62
CA PHE D 365 22.29 16.11 -4.43
C PHE D 365 23.33 17.14 -4.86
N LYS D 366 23.44 18.21 -4.08
CA LYS D 366 24.45 19.23 -4.31
C LYS D 366 25.71 18.91 -3.52
N LYS D 367 26.84 19.39 -4.02
CA LYS D 367 28.14 19.27 -3.36
C LYS D 367 28.03 19.53 -1.86
N ASN D 368 28.48 18.55 -1.07
CA ASN D 368 28.53 18.51 0.39
C ASN D 368 27.18 18.18 1.04
N ASP D 369 26.14 17.88 0.28
CA ASP D 369 24.92 17.36 0.88
C ASP D 369 25.17 15.95 1.39
N TRP D 370 24.72 15.68 2.62
CA TRP D 370 25.07 14.44 3.30
C TRP D 370 23.85 13.55 3.48
N VAL D 371 24.11 12.23 3.54
CA VAL D 371 23.09 11.22 3.72
C VAL D 371 23.56 10.24 4.78
N PHE D 372 22.68 9.31 5.14
CA PHE D 372 22.96 8.29 6.14
C PHE D 372 22.63 6.92 5.58
N VAL D 373 23.61 6.03 5.58
CA VAL D 373 23.43 4.66 5.11
C VAL D 373 23.01 3.81 6.31
N ASN D 374 21.82 3.23 6.25
CA ASN D 374 21.32 2.37 7.32
C ASN D 374 21.79 0.95 7.06
N LEU D 375 22.89 0.55 7.72
CA LEU D 375 23.38 -0.82 7.56
C LEU D 375 22.44 -1.83 8.19
N HIS D 376 21.74 -1.46 9.26
CA HIS D 376 20.83 -2.40 9.91
C HIS D 376 19.67 -2.77 8.98
N ALA D 377 19.20 -1.82 8.19
CA ALA D 377 18.18 -2.13 7.20
C ALA D 377 18.78 -2.84 5.99
N ALA D 378 19.98 -2.42 5.57
CA ALA D 378 20.61 -3.04 4.41
C ALA D 378 20.96 -4.50 4.68
N HIS D 379 21.54 -4.78 5.85
CA HIS D 379 21.95 -6.15 6.15
C HIS D 379 20.76 -7.08 6.37
N THR D 380 19.59 -6.55 6.72
CA THR D 380 18.38 -7.35 6.88
C THR D 380 17.41 -7.15 5.72
N HIS D 381 17.85 -6.57 4.63
CA HIS D 381 16.99 -6.28 3.49
C HIS D 381 16.49 -7.58 2.84
N ARG D 382 15.41 -7.45 2.07
CA ARG D 382 14.82 -8.60 1.40
C ARG D 382 15.76 -9.23 0.38
N SER D 383 16.80 -8.50 -0.04
CA SER D 383 17.76 -9.05 -0.99
C SER D 383 18.62 -10.16 -0.40
N TRP D 384 18.60 -10.32 0.93
CA TRP D 384 19.31 -11.43 1.55
C TRP D 384 18.50 -12.73 1.56
N GLY D 385 17.24 -12.68 1.13
CA GLY D 385 16.40 -13.84 1.13
C GLY D 385 15.26 -13.73 2.12
N PRO D 386 14.32 -14.69 2.07
CA PRO D 386 13.20 -14.66 3.02
C PRO D 386 13.61 -14.93 4.46
N ASP D 387 14.78 -15.50 4.69
CA ASP D 387 15.27 -15.78 6.04
C ASP D 387 16.32 -14.77 6.49
N ALA D 388 16.18 -13.51 6.08
CA ALA D 388 17.18 -12.50 6.41
C ALA D 388 17.22 -12.16 7.89
N ALA D 389 16.19 -12.54 8.65
CA ALA D 389 16.13 -12.25 10.08
C ALA D 389 16.62 -13.41 10.94
N GLU D 390 16.86 -14.57 10.36
CA GLU D 390 17.35 -15.72 11.11
C GLU D 390 18.88 -15.70 11.17
N PHE D 391 19.42 -16.22 12.27
CA PHE D 391 20.86 -16.27 12.48
C PHE D 391 21.39 -17.59 11.92
N LYS D 392 21.96 -17.54 10.72
CA LYS D 392 22.47 -18.73 10.05
C LYS D 392 23.81 -18.39 9.40
N PRO D 393 24.92 -18.68 10.08
CA PRO D 393 26.23 -18.25 9.56
C PRO D 393 26.63 -18.89 8.23
N GLU D 394 25.96 -19.97 7.82
CA GLU D 394 26.30 -20.58 6.55
C GLU D 394 25.99 -19.67 5.37
N ARG D 395 25.07 -18.71 5.55
CA ARG D 395 24.77 -17.76 4.49
C ARG D 395 25.95 -16.85 4.18
N MET D 396 26.91 -16.72 5.10
CA MET D 396 28.00 -15.76 4.96
C MET D 396 29.23 -16.35 4.28
N SER D 397 29.16 -17.59 3.80
CA SER D 397 30.27 -18.15 3.04
C SER D 397 30.36 -17.47 1.68
N THR D 398 31.59 -17.42 1.13
CA THR D 398 31.82 -16.74 -0.14
C THR D 398 30.94 -17.30 -1.25
N GLU D 399 30.75 -18.62 -1.26
CA GLU D 399 29.92 -19.23 -2.29
C GLU D 399 28.43 -18.96 -2.08
N ASN D 400 28.01 -18.67 -0.84
CA ASN D 400 26.59 -18.41 -0.59
C ASN D 400 26.24 -16.95 -0.86
N ARG D 401 27.09 -16.01 -0.44
CA ARG D 401 26.85 -14.60 -0.74
C ARG D 401 26.94 -14.32 -2.23
N ARG D 402 27.77 -15.06 -2.95
CA ARG D 402 27.93 -14.85 -4.38
C ARG D 402 26.68 -15.21 -5.17
N LYS D 403 25.83 -16.08 -4.62
CA LYS D 403 24.60 -16.47 -5.31
C LYS D 403 23.44 -15.51 -5.08
N LEU D 404 23.55 -14.62 -4.10
CA LEU D 404 22.50 -13.65 -3.86
C LEU D 404 22.50 -12.56 -4.93
N GLY D 405 21.40 -11.83 -5.01
CA GLY D 405 21.30 -10.69 -5.90
C GLY D 405 22.09 -9.51 -5.36
N PRO D 406 21.74 -8.31 -5.81
CA PRO D 406 22.43 -7.10 -5.30
C PRO D 406 22.12 -6.90 -3.83
N HIS D 407 23.17 -6.90 -3.01
CA HIS D 407 23.01 -6.78 -1.57
C HIS D 407 24.19 -6.02 -0.99
N ILE D 408 24.04 -5.56 0.25
CA ILE D 408 25.04 -4.78 0.95
C ILE D 408 25.46 -5.53 2.20
N TYR D 409 26.77 -5.61 2.43
CA TYR D 409 27.31 -6.10 3.70
C TYR D 409 28.61 -5.33 3.94
N LYS D 410 28.51 -4.25 4.71
CA LYS D 410 29.62 -3.33 4.93
C LYS D 410 29.70 -2.95 6.40
N PRO D 411 29.89 -3.93 7.29
CA PRO D 411 29.90 -3.62 8.73
C PRO D 411 31.10 -2.79 9.17
N PHE D 412 32.10 -2.58 8.31
CA PHE D 412 33.31 -1.85 8.67
C PHE D 412 33.49 -0.57 7.85
N GLY D 413 32.43 -0.11 7.17
CA GLY D 413 32.51 1.11 6.40
C GLY D 413 32.97 0.88 4.97
N VAL D 414 33.28 1.99 4.30
CA VAL D 414 33.71 1.97 2.90
C VAL D 414 34.81 3.00 2.70
N GLY D 415 35.67 2.75 1.72
CA GLY D 415 36.60 3.75 1.25
C GLY D 415 37.86 3.83 2.07
N GLU D 416 38.59 4.95 1.87
CA GLU D 416 39.82 5.18 2.62
C GLU D 416 39.53 5.34 4.11
N ARG D 417 38.34 5.82 4.46
CA ARG D 417 37.94 5.97 5.86
C ARG D 417 37.03 4.84 6.32
N ALA D 418 37.25 3.63 5.80
CA ALA D 418 36.67 2.44 6.40
C ALA D 418 37.40 2.12 7.71
N CYS D 419 36.97 1.06 8.36
CA CYS D 419 37.54 0.68 9.66
C CYS D 419 39.00 0.26 9.46
N ILE D 420 39.93 1.06 10.00
CA ILE D 420 41.34 0.70 9.94
C ILE D 420 41.63 -0.49 10.86
N GLY D 421 40.82 -0.67 11.91
CA GLY D 421 41.05 -1.74 12.85
C GLY D 421 40.26 -3.00 12.56
N ARG D 422 39.88 -3.18 11.29
CA ARG D 422 39.12 -4.37 10.92
C ARG D 422 39.91 -5.64 11.21
N GLN D 423 41.21 -5.63 10.92
CA GLN D 423 42.03 -6.81 11.17
C GLN D 423 42.14 -7.10 12.67
N PHE D 424 42.33 -6.05 13.48
CA PHE D 424 42.41 -6.24 14.93
C PHE D 424 41.08 -6.72 15.48
N ALA D 425 39.98 -6.11 15.05
CA ALA D 425 38.67 -6.45 15.57
C ALA D 425 38.35 -7.92 15.29
N GLN D 426 38.54 -8.36 14.04
CA GLN D 426 38.31 -9.75 13.70
C GLN D 426 39.29 -10.68 14.40
N HIS D 427 40.46 -10.18 14.81
CA HIS D 427 41.41 -10.99 15.55
C HIS D 427 40.96 -11.17 17.00
N GLU D 428 40.69 -10.06 17.69
CA GLU D 428 40.33 -10.11 19.11
C GLU D 428 38.97 -10.78 19.34
N MET D 429 38.11 -10.82 18.32
CA MET D 429 36.79 -11.42 18.52
C MET D 429 36.83 -12.93 18.39
N VAL D 430 37.57 -13.45 17.39
CA VAL D 430 37.67 -14.90 17.24
C VAL D 430 38.40 -15.51 18.44
N ILE D 431 39.43 -14.83 18.93
CA ILE D 431 40.17 -15.34 20.09
C ILE D 431 39.27 -15.40 21.31
N ALA D 432 38.52 -14.33 21.56
CA ALA D 432 37.67 -14.27 22.75
C ALA D 432 36.58 -15.33 22.71
N LEU D 433 35.85 -15.41 21.60
CA LEU D 433 34.76 -16.37 21.50
C LEU D 433 35.26 -17.80 21.49
N ALA D 434 36.43 -18.05 20.91
CA ALA D 434 36.99 -19.40 20.93
C ALA D 434 37.32 -19.82 22.36
N ALA D 435 37.94 -18.93 23.13
CA ALA D 435 38.27 -19.25 24.51
C ALA D 435 37.01 -19.51 25.33
N ILE D 436 36.01 -18.64 25.17
CA ILE D 436 34.77 -18.77 25.95
C ILE D 436 34.08 -20.09 25.63
N LEU D 437 33.95 -20.41 24.33
CA LEU D 437 33.27 -21.63 23.94
C LEU D 437 34.08 -22.88 24.28
N HIS D 438 35.42 -22.76 24.29
CA HIS D 438 36.24 -23.92 24.61
C HIS D 438 36.24 -24.25 26.09
N GLN D 439 36.02 -23.26 26.95
CA GLN D 439 36.07 -23.46 28.39
C GLN D 439 34.69 -23.63 29.00
N PHE D 440 33.81 -22.65 28.81
CA PHE D 440 32.51 -22.64 29.47
C PHE D 440 31.41 -23.12 28.52
N GLU D 441 30.23 -23.34 29.09
CA GLU D 441 29.02 -23.61 28.34
C GLU D 441 27.99 -22.55 28.73
N LEU D 442 27.37 -21.95 27.73
CA LEU D 442 26.53 -20.78 27.93
C LEU D 442 25.09 -21.19 28.19
N GLU D 443 24.50 -20.63 29.24
CA GLU D 443 23.09 -20.84 29.55
C GLU D 443 22.39 -19.49 29.62
N PRO D 444 21.37 -19.25 28.79
CA PRO D 444 20.67 -17.97 28.82
C PRO D 444 19.49 -17.98 29.80
N ARG D 445 19.00 -16.78 30.08
CA ARG D 445 17.79 -16.66 30.90
C ARG D 445 16.61 -17.24 30.14
N PRO D 446 15.68 -17.90 30.84
CA PRO D 446 14.53 -18.50 30.15
C PRO D 446 13.64 -17.48 29.47
N GLY D 447 13.09 -16.54 30.24
CA GLY D 447 12.16 -15.57 29.70
C GLY D 447 12.82 -14.32 29.16
N TYR D 448 13.69 -14.48 28.16
CA TYR D 448 14.38 -13.35 27.55
C TYR D 448 14.56 -13.60 26.06
N GLU D 449 14.21 -12.60 25.25
CA GLU D 449 14.61 -12.57 23.86
C GLU D 449 15.25 -11.22 23.56
N LEU D 450 16.12 -11.21 22.55
CA LEU D 450 17.04 -10.10 22.30
C LEU D 450 16.32 -8.75 22.28
N LYS D 451 16.86 -7.82 23.06
CA LYS D 451 16.44 -6.42 23.06
C LYS D 451 17.69 -5.58 22.86
N VAL D 452 17.62 -4.62 21.96
CA VAL D 452 18.79 -3.83 21.53
C VAL D 452 18.53 -2.37 21.85
N SER D 453 19.48 -1.75 22.53
CA SER D 453 19.49 -0.32 22.78
C SER D 453 20.55 0.35 21.90
N GLU D 454 20.41 1.66 21.74
CA GLU D 454 21.24 2.43 20.81
C GLU D 454 21.98 3.52 21.58
N THR D 455 23.29 3.37 21.69
CA THR D 455 24.17 4.39 22.25
C THR D 455 25.03 4.96 21.13
N LEU D 456 26.35 5.01 21.25
CA LEU D 456 27.19 5.17 20.08
C LEU D 456 27.11 3.94 19.18
N THR D 457 26.76 2.78 19.75
CA THR D 457 26.71 1.52 19.03
C THR D 457 25.36 0.85 19.24
N LEU D 458 25.21 -0.37 18.72
CA LEU D 458 24.08 -1.24 19.02
C LEU D 458 24.54 -2.28 20.02
N LYS D 459 23.77 -2.44 21.10
CA LYS D 459 24.18 -3.29 22.21
C LYS D 459 23.02 -4.12 22.72
N PRO D 460 23.24 -5.40 23.00
CA PRO D 460 22.19 -6.21 23.63
C PRO D 460 21.83 -5.65 24.99
N SER D 461 20.54 -5.42 25.21
CA SER D 461 20.03 -4.82 26.43
C SER D 461 19.60 -5.91 27.40
N ASP D 462 20.03 -5.78 28.66
CA ASP D 462 19.66 -6.72 29.73
C ASP D 462 20.09 -8.15 29.42
N LEU D 463 21.20 -8.31 28.71
CA LEU D 463 21.69 -9.63 28.34
C LEU D 463 22.53 -10.21 29.47
N GLN D 464 22.11 -11.36 29.99
CA GLN D 464 22.80 -12.03 31.08
C GLN D 464 22.96 -13.51 30.77
N LEU D 465 24.16 -14.03 31.03
CA LEU D 465 24.47 -15.43 30.84
C LEU D 465 25.17 -15.98 32.07
N ARG D 466 24.98 -17.28 32.32
CA ARG D 466 25.63 -17.99 33.41
C ARG D 466 26.48 -19.11 32.83
N LEU D 467 27.70 -19.26 33.35
CA LEU D 467 28.68 -20.18 32.80
C LEU D 467 28.75 -21.46 33.62
N ARG D 468 29.05 -22.57 32.92
CA ARG D 468 29.35 -23.85 33.54
C ARG D 468 30.41 -24.53 32.69
N ASN D 469 31.46 -25.04 33.33
CA ASN D 469 32.55 -25.68 32.60
C ASN D 469 32.73 -27.13 32.99
#